data_6CY2
# 
_entry.id   6CY2 
# 
_audit_conform.dict_name       mmcif_pdbx.dic 
_audit_conform.dict_version    5.387 
_audit_conform.dict_location   http://mmcif.pdb.org/dictionaries/ascii/mmcif_pdbx.dic 
# 
loop_
_database_2.database_id 
_database_2.database_code 
_database_2.pdbx_database_accession 
_database_2.pdbx_DOI 
PDB   6CY2         pdb_00006cy2 10.2210/pdb6cy2/pdb 
WWPDB D_1000233660 ?            ?                   
# 
loop_
_pdbx_audit_revision_history.ordinal 
_pdbx_audit_revision_history.data_content_type 
_pdbx_audit_revision_history.major_revision 
_pdbx_audit_revision_history.minor_revision 
_pdbx_audit_revision_history.revision_date 
1 'Structure model' 1 0 2018-08-29 
2 'Structure model' 2 0 2018-10-03 
3 'Structure model' 2 1 2024-03-13 
# 
_pdbx_audit_revision_details.ordinal             1 
_pdbx_audit_revision_details.revision_ordinal    1 
_pdbx_audit_revision_details.data_content_type   'Structure model' 
_pdbx_audit_revision_details.provider            repository 
_pdbx_audit_revision_details.type                'Initial release' 
_pdbx_audit_revision_details.description         ? 
_pdbx_audit_revision_details.details             ? 
# 
loop_
_pdbx_audit_revision_group.ordinal 
_pdbx_audit_revision_group.revision_ordinal 
_pdbx_audit_revision_group.data_content_type 
_pdbx_audit_revision_group.group 
1 2 'Structure model' 'Atomic model'        
2 2 'Structure model' 'Data collection'     
3 2 'Structure model' 'Database references' 
4 3 'Structure model' 'Data collection'     
5 3 'Structure model' 'Database references' 
# 
loop_
_pdbx_audit_revision_category.ordinal 
_pdbx_audit_revision_category.revision_ordinal 
_pdbx_audit_revision_category.data_content_type 
_pdbx_audit_revision_category.category 
1 2 'Structure model' atom_site           
2 2 'Structure model' atom_site_anisotrop 
3 2 'Structure model' citation            
4 3 'Structure model' chem_comp_atom      
5 3 'Structure model' chem_comp_bond      
6 3 'Structure model' database_2          
# 
loop_
_pdbx_audit_revision_item.ordinal 
_pdbx_audit_revision_item.revision_ordinal 
_pdbx_audit_revision_item.data_content_type 
_pdbx_audit_revision_item.item 
1 2 'Structure model' '_atom_site.auth_atom_id'                 
2 2 'Structure model' '_atom_site.label_atom_id'                
3 2 'Structure model' '_atom_site_anisotrop.pdbx_auth_atom_id'  
4 2 'Structure model' '_atom_site_anisotrop.pdbx_label_atom_id' 
5 2 'Structure model' '_citation.journal_volume'                
6 2 'Structure model' '_citation.page_first'                    
7 2 'Structure model' '_citation.page_last'                     
8 3 'Structure model' '_database_2.pdbx_DOI'                    
9 3 'Structure model' '_database_2.pdbx_database_accession'     
# 
_pdbx_database_status.status_code                     REL 
_pdbx_database_status.status_code_sf                  REL 
_pdbx_database_status.status_code_mr                  ? 
_pdbx_database_status.entry_id                        6CY2 
_pdbx_database_status.recvd_initial_deposition_date   2018-04-04 
_pdbx_database_status.SG_entry                        N 
_pdbx_database_status.deposit_site                    RCSB 
_pdbx_database_status.process_site                    RCSB 
_pdbx_database_status.status_code_cs                  ? 
_pdbx_database_status.methods_development_category    ? 
_pdbx_database_status.pdb_format_compatible           Y 
_pdbx_database_status.status_code_nmr_data            ? 
# 
_pdbx_database_related.db_name        PDB 
_pdbx_database_related.details        
;5VR4 contains the same RNA octamer with a different 4'-modified base
;
_pdbx_database_related.db_id          5VR4 
_pdbx_database_related.content_type   unspecified 
# 
loop_
_audit_author.name 
_audit_author.pdbx_ordinal 
_audit_author.identifier_ORCID 
'Harp, J.M.' 1 0000-0002-9116-5606 
'Egli, M.'   2 0000-0003-4145-356X 
# 
_citation.abstract                  ? 
_citation.abstract_id_CAS           ? 
_citation.book_id_ISBN              ? 
_citation.book_publisher            ? 
_citation.book_publisher_city       ? 
_citation.book_title                ? 
_citation.coordinate_linkage        ? 
_citation.country                   UK 
_citation.database_id_Medline       ? 
_citation.details                   ? 
_citation.id                        primary 
_citation.journal_abbrev            'Nucleic Acids Res.' 
_citation.journal_id_ASTM           NARHAD 
_citation.journal_id_CSD            0389 
_citation.journal_id_ISSN           1362-4962 
_citation.journal_full              ? 
_citation.journal_issue             ? 
_citation.journal_volume            46 
_citation.language                  ? 
_citation.page_first                8090 
_citation.page_last                 8104 
_citation.title                     
;Structural basis for the synergy of 4'- and 2'-modifications on siRNA nuclease resistance, thermal stability and RNAi activity.
;
_citation.year                      2018 
_citation.database_id_CSD           ? 
_citation.pdbx_database_id_DOI      10.1093/nar/gky703 
_citation.pdbx_database_id_PubMed   30107495 
_citation.unpublished_flag          ? 
# 
loop_
_citation_author.citation_id 
_citation_author.name 
_citation_author.ordinal 
_citation_author.identifier_ORCID 
primary 'Harp, J.M.'      1  ? 
primary 'Guenther, D.C.'  2  ? 
primary 'Bisbe, A.'       3  ? 
primary 'Perkins, L.'     4  ? 
primary 'Matsuda, S.'     5  ? 
primary 'Bommineni, G.R.' 6  ? 
primary 'Zlatev, I.'      7  ? 
primary 'Foster, D.J.'    8  ? 
primary 'Taneja, N.'      9  ? 
primary 'Charisse, K.'    10 ? 
primary 'Maier, M.A.'     11 ? 
primary 'Rajeev, K.G.'    12 ? 
primary 'Manoharan, M.'   13 ? 
primary 'Egli, M.'        14 ? 
# 
loop_
_entity.id 
_entity.type 
_entity.src_method 
_entity.pdbx_description 
_entity.formula_weight 
_entity.pdbx_number_of_molecules 
_entity.pdbx_ec 
_entity.pdbx_mutation 
_entity.pdbx_fragment 
_entity.details 
1 polymer syn 
;RNA (5'-R(*(CBV)P*GP*AP*AP*(UOA)P*UP*CP*G)-3')
;
2649.510 2  ? ? ? ? 
2 water   nat water                                            18.015   61 ? ? ? ? 
# 
_entity_poly.entity_id                      1 
_entity_poly.type                           polyribonucleotide 
_entity_poly.nstd_linkage                   no 
_entity_poly.nstd_monomer                   yes 
_entity_poly.pdbx_seq_one_letter_code       '(CBV)GAA(UOA)UCG' 
_entity_poly.pdbx_seq_one_letter_code_can   CGAAXUCG 
_entity_poly.pdbx_strand_id                 A,B 
_entity_poly.pdbx_target_identifier         ? 
# 
_pdbx_entity_nonpoly.entity_id   2 
_pdbx_entity_nonpoly.name        water 
_pdbx_entity_nonpoly.comp_id     HOH 
# 
loop_
_entity_poly_seq.entity_id 
_entity_poly_seq.num 
_entity_poly_seq.mon_id 
_entity_poly_seq.hetero 
1 1 CBV n 
1 2 G   n 
1 3 A   n 
1 4 A   n 
1 5 UOA n 
1 6 U   n 
1 7 C   n 
1 8 G   n 
# 
_pdbx_entity_src_syn.entity_id              1 
_pdbx_entity_src_syn.pdbx_src_id            1 
_pdbx_entity_src_syn.pdbx_alt_source_flag   sample 
_pdbx_entity_src_syn.pdbx_beg_seq_num       1 
_pdbx_entity_src_syn.pdbx_end_seq_num       8 
_pdbx_entity_src_syn.organism_scientific    'synthetic construct' 
_pdbx_entity_src_syn.organism_common_name   ? 
_pdbx_entity_src_syn.ncbi_taxonomy_id       32630 
_pdbx_entity_src_syn.details                ? 
# 
loop_
_chem_comp.id 
_chem_comp.type 
_chem_comp.mon_nstd_flag 
_chem_comp.name 
_chem_comp.pdbx_synonyms 
_chem_comp.formula 
_chem_comp.formula_weight 
A   'RNA linking' y "ADENOSINE-5'-MONOPHOSPHATE" ? 'C10 H14 N5 O7 P'   347.221 
C   'RNA linking' y "CYTIDINE-5'-MONOPHOSPHATE" ? 'C9 H14 N3 O8 P'    323.197 
CBV 'RNA linking' n 
;5-BROMOCYTIDINE 5'-(DIHYDROGEN PHOSPHATE)
;
? 'C9 H13 Br N3 O8 P' 402.093 
G   'RNA linking' y "GUANOSINE-5'-MONOPHOSPHATE" ? 'C10 H14 N5 O8 P'   363.221 
HOH non-polymer   . WATER ? 'H2 O'              18.015  
U   'RNA linking' y "URIDINE-5'-MONOPHOSPHATE" ? 'C9 H13 N2 O9 P'    324.181 
UOA 'RNA linking' . 
;[(2R,3S,4R,5R)-5-(2,4-dioxo-3,4-dihydropyrimidin-1(2H)-yl)-3-hydroxy-2,4-dimethoxytetrahydrofuran-2-yl]methyl dihydrogen phosphate (non-preferred name)
;
? 'C11 H17 N2 O10 P'  368.234 
# 
loop_
_pdbx_poly_seq_scheme.asym_id 
_pdbx_poly_seq_scheme.entity_id 
_pdbx_poly_seq_scheme.seq_id 
_pdbx_poly_seq_scheme.mon_id 
_pdbx_poly_seq_scheme.ndb_seq_num 
_pdbx_poly_seq_scheme.pdb_seq_num 
_pdbx_poly_seq_scheme.auth_seq_num 
_pdbx_poly_seq_scheme.pdb_mon_id 
_pdbx_poly_seq_scheme.auth_mon_id 
_pdbx_poly_seq_scheme.pdb_strand_id 
_pdbx_poly_seq_scheme.pdb_ins_code 
_pdbx_poly_seq_scheme.hetero 
A 1 1 CBV 1 1 1 CBV CBV A . n 
A 1 2 G   2 2 2 G   G   A . n 
A 1 3 A   3 3 3 A   A   A . n 
A 1 4 A   4 4 4 A   A   A . n 
A 1 5 UOA 5 5 5 UOA UOA A . n 
A 1 6 U   6 6 6 U   U   A . n 
A 1 7 C   7 7 7 C   C   A . n 
A 1 8 G   8 8 8 G   G   A . n 
B 1 1 CBV 1 1 1 CBV CBV B . n 
B 1 2 G   2 2 2 G   G   B . n 
B 1 3 A   3 3 3 A   A   B . n 
B 1 4 A   4 4 4 A   A   B . n 
B 1 5 UOA 5 5 5 UOA UOA B . n 
B 1 6 U   6 6 6 U   U   B . n 
B 1 7 C   7 7 7 C   C   B . n 
B 1 8 G   8 8 8 G   G   B . n 
# 
loop_
_pdbx_nonpoly_scheme.asym_id 
_pdbx_nonpoly_scheme.entity_id 
_pdbx_nonpoly_scheme.mon_id 
_pdbx_nonpoly_scheme.ndb_seq_num 
_pdbx_nonpoly_scheme.pdb_seq_num 
_pdbx_nonpoly_scheme.auth_seq_num 
_pdbx_nonpoly_scheme.pdb_mon_id 
_pdbx_nonpoly_scheme.auth_mon_id 
_pdbx_nonpoly_scheme.pdb_strand_id 
_pdbx_nonpoly_scheme.pdb_ins_code 
C 2 HOH 1  101 15 HOH HOH A . 
C 2 HOH 2  102 39 HOH HOH A . 
C 2 HOH 3  103 49 HOH HOH A . 
C 2 HOH 4  104 58 HOH HOH A . 
C 2 HOH 5  105 17 HOH HOH A . 
C 2 HOH 6  106 11 HOH HOH A . 
C 2 HOH 7  107 35 HOH HOH A . 
C 2 HOH 8  108 14 HOH HOH A . 
C 2 HOH 9  109 28 HOH HOH A . 
C 2 HOH 10 110 4  HOH HOH A . 
C 2 HOH 11 111 53 HOH HOH A . 
C 2 HOH 12 112 34 HOH HOH A . 
C 2 HOH 13 113 7  HOH HOH A . 
C 2 HOH 14 114 6  HOH HOH A . 
C 2 HOH 15 115 29 HOH HOH A . 
C 2 HOH 16 116 5  HOH HOH A . 
C 2 HOH 17 117 50 HOH HOH A . 
C 2 HOH 18 118 46 HOH HOH A . 
C 2 HOH 19 119 43 HOH HOH A . 
C 2 HOH 20 120 20 HOH HOH A . 
C 2 HOH 21 121 8  HOH HOH A . 
C 2 HOH 22 122 18 HOH HOH A . 
C 2 HOH 23 123 56 HOH HOH A . 
C 2 HOH 24 124 40 HOH HOH A . 
C 2 HOH 25 125 51 HOH HOH A . 
C 2 HOH 26 126 52 HOH HOH A . 
C 2 HOH 27 127 48 HOH HOH A . 
C 2 HOH 28 128 61 HOH HOH A . 
D 2 HOH 1  101 59 HOH HOH B . 
D 2 HOH 2  102 3  HOH HOH B . 
D 2 HOH 3  103 22 HOH HOH B . 
D 2 HOH 4  104 45 HOH HOH B . 
D 2 HOH 5  105 25 HOH HOH B . 
D 2 HOH 6  106 42 HOH HOH B . 
D 2 HOH 7  107 54 HOH HOH B . 
D 2 HOH 8  108 27 HOH HOH B . 
D 2 HOH 9  109 2  HOH HOH B . 
D 2 HOH 10 110 16 HOH HOH B . 
D 2 HOH 11 111 23 HOH HOH B . 
D 2 HOH 12 112 36 HOH HOH B . 
D 2 HOH 13 113 24 HOH HOH B . 
D 2 HOH 14 114 12 HOH HOH B . 
D 2 HOH 15 115 26 HOH HOH B . 
D 2 HOH 16 116 9  HOH HOH B . 
D 2 HOH 17 117 21 HOH HOH B . 
D 2 HOH 18 118 41 HOH HOH B . 
D 2 HOH 19 119 19 HOH HOH B . 
D 2 HOH 20 120 31 HOH HOH B . 
D 2 HOH 21 121 13 HOH HOH B . 
D 2 HOH 22 122 32 HOH HOH B . 
D 2 HOH 23 123 38 HOH HOH B . 
D 2 HOH 24 124 33 HOH HOH B . 
D 2 HOH 25 125 10 HOH HOH B . 
D 2 HOH 26 126 1  HOH HOH B . 
D 2 HOH 27 127 47 HOH HOH B . 
D 2 HOH 28 128 44 HOH HOH B . 
D 2 HOH 29 129 30 HOH HOH B . 
D 2 HOH 30 130 37 HOH HOH B . 
D 2 HOH 31 131 57 HOH HOH B . 
D 2 HOH 32 132 60 HOH HOH B . 
D 2 HOH 33 133 55 HOH HOH B . 
# 
loop_
_software.citation_id 
_software.classification 
_software.compiler_name 
_software.compiler_version 
_software.contact_author 
_software.contact_author_email 
_software.date 
_software.description 
_software.dependencies 
_software.hardware 
_software.language 
_software.location 
_software.mods 
_software.name 
_software.os 
_software.os_version 
_software.type 
_software.version 
_software.pdbx_ordinal 
? refinement        ? ? ? ? ? ? ? ? ? ? ? PHENIX      ? ? ? 1.13_2992 1 
? 'data extraction' ? ? ? ? ? ? ? ? ? ? ? PDB_EXTRACT ? ? ? 3.24      2 
? 'data reduction'  ? ? ? ? ? ? ? ? ? ? ? xia2        ? ? ? .         3 
? 'data scaling'    ? ? ? ? ? ? ? ? ? ? ? xia2        ? ? ? .         4 
? phasing           ? ? ? ? ? ? ? ? ? ? ? SHELXDE     ? ? ? .         5 
# 
_cell.angle_alpha                  90.000 
_cell.angle_alpha_esd              ? 
_cell.angle_beta                   90.000 
_cell.angle_beta_esd               ? 
_cell.angle_gamma                  90.000 
_cell.angle_gamma_esd              ? 
_cell.entry_id                     6CY2 
_cell.details                      ? 
_cell.formula_units_Z              ? 
_cell.length_a                     31.500 
_cell.length_a_esd                 ? 
_cell.length_b                     31.500 
_cell.length_b_esd                 ? 
_cell.length_c                     85.600 
_cell.length_c_esd                 ? 
_cell.volume                       ? 
_cell.volume_esd                   ? 
_cell.Z_PDB                        16 
_cell.reciprocal_angle_alpha       ? 
_cell.reciprocal_angle_beta        ? 
_cell.reciprocal_angle_gamma       ? 
_cell.reciprocal_angle_alpha_esd   ? 
_cell.reciprocal_angle_beta_esd    ? 
_cell.reciprocal_angle_gamma_esd   ? 
_cell.reciprocal_length_a          ? 
_cell.reciprocal_length_b          ? 
_cell.reciprocal_length_c          ? 
_cell.reciprocal_length_a_esd      ? 
_cell.reciprocal_length_b_esd      ? 
_cell.reciprocal_length_c_esd      ? 
_cell.pdbx_unique_axis             ? 
# 
_symmetry.entry_id                         6CY2 
_symmetry.cell_setting                     ? 
_symmetry.Int_Tables_number                96 
_symmetry.space_group_name_Hall            ? 
_symmetry.space_group_name_H-M             'P 43 21 2' 
_symmetry.pdbx_full_space_group_name_H-M   ? 
# 
_exptl.absorpt_coefficient_mu     ? 
_exptl.absorpt_correction_T_max   ? 
_exptl.absorpt_correction_T_min   ? 
_exptl.absorpt_correction_type    ? 
_exptl.absorpt_process_details    ? 
_exptl.entry_id                   6CY2 
_exptl.crystals_number            1 
_exptl.details                    ? 
_exptl.method                     'X-RAY DIFFRACTION' 
_exptl.method_details             ? 
# 
_exptl_crystal.colour                      ? 
_exptl_crystal.density_diffrn              ? 
_exptl_crystal.density_Matthews            2.33 
_exptl_crystal.density_method              ? 
_exptl_crystal.density_percent_sol         47.14 
_exptl_crystal.description                 ? 
_exptl_crystal.F_000                       ? 
_exptl_crystal.id                          1 
_exptl_crystal.preparation                 ? 
_exptl_crystal.size_max                    ? 
_exptl_crystal.size_mid                    ? 
_exptl_crystal.size_min                    ? 
_exptl_crystal.size_rad                    ? 
_exptl_crystal.colour_lustre               ? 
_exptl_crystal.colour_modifier             ? 
_exptl_crystal.colour_primary              ? 
_exptl_crystal.density_meas                ? 
_exptl_crystal.density_meas_esd            ? 
_exptl_crystal.density_meas_gt             ? 
_exptl_crystal.density_meas_lt             ? 
_exptl_crystal.density_meas_temp           ? 
_exptl_crystal.density_meas_temp_esd       ? 
_exptl_crystal.density_meas_temp_gt        ? 
_exptl_crystal.density_meas_temp_lt        ? 
_exptl_crystal.pdbx_crystal_image_url      ? 
_exptl_crystal.pdbx_crystal_image_format   ? 
_exptl_crystal.pdbx_mosaicity              ? 
_exptl_crystal.pdbx_mosaicity_esd          ? 
# 
_exptl_crystal_grow.apparatus       ? 
_exptl_crystal_grow.atmosphere      ? 
_exptl_crystal_grow.crystal_id      1 
_exptl_crystal_grow.details         ? 
_exptl_crystal_grow.method          'VAPOR DIFFUSION, SITTING DROP' 
_exptl_crystal_grow.method_ref      ? 
_exptl_crystal_grow.pH              6.0 
_exptl_crystal_grow.pressure        ? 
_exptl_crystal_grow.pressure_esd    ? 
_exptl_crystal_grow.seeding         ? 
_exptl_crystal_grow.seeding_ref     ? 
_exptl_crystal_grow.temp            293 
_exptl_crystal_grow.temp_details    ? 
_exptl_crystal_grow.temp_esd        ? 
_exptl_crystal_grow.time            ? 
_exptl_crystal_grow.pdbx_details    
'1 mM RNA; 40 mM sodium cacodylate, 80 mM potassium chloride, 20 mM magnesium chloride, 12 mM spermine. Reservoir 40% MPD' 
_exptl_crystal_grow.pdbx_pH_range   ? 
# 
_diffrn.ambient_environment    ? 
_diffrn.ambient_temp           100 
_diffrn.ambient_temp_details   ? 
_diffrn.ambient_temp_esd       ? 
_diffrn.crystal_id             1 
_diffrn.crystal_support        ? 
_diffrn.crystal_treatment      ? 
_diffrn.details                ? 
_diffrn.id                     1 
_diffrn.ambient_pressure       ? 
_diffrn.ambient_pressure_esd   ? 
_diffrn.ambient_pressure_gt    ? 
_diffrn.ambient_pressure_lt    ? 
_diffrn.ambient_temp_gt        ? 
_diffrn.ambient_temp_lt        ? 
# 
_diffrn_detector.details                      ? 
_diffrn_detector.detector                     PIXEL 
_diffrn_detector.diffrn_id                    1 
_diffrn_detector.type                         'DECTRIS EIGER X 9M' 
_diffrn_detector.area_resol_mean              ? 
_diffrn_detector.dtime                        ? 
_diffrn_detector.pdbx_frames_total            ? 
_diffrn_detector.pdbx_collection_time_total   ? 
_diffrn_detector.pdbx_collection_date         2017-02-17 
# 
_diffrn_radiation.collimation                      ? 
_diffrn_radiation.diffrn_id                        1 
_diffrn_radiation.filter_edge                      ? 
_diffrn_radiation.inhomogeneity                    ? 
_diffrn_radiation.monochromator                    ? 
_diffrn_radiation.polarisn_norm                    ? 
_diffrn_radiation.polarisn_ratio                   ? 
_diffrn_radiation.probe                            ? 
_diffrn_radiation.type                             ? 
_diffrn_radiation.xray_symbol                      ? 
_diffrn_radiation.wavelength_id                    1 
_diffrn_radiation.pdbx_monochromatic_or_laue_m_l   M 
_diffrn_radiation.pdbx_wavelength_list             ? 
_diffrn_radiation.pdbx_wavelength                  ? 
_diffrn_radiation.pdbx_diffrn_protocol             'SINGLE WAVELENGTH' 
_diffrn_radiation.pdbx_analyzer                    ? 
_diffrn_radiation.pdbx_scattering_type             x-ray 
# 
_diffrn_radiation_wavelength.id           1 
_diffrn_radiation_wavelength.wavelength   0.9183 
_diffrn_radiation_wavelength.wt           1.0 
# 
_diffrn_source.current                     ? 
_diffrn_source.details                     ? 
_diffrn_source.diffrn_id                   1 
_diffrn_source.power                       ? 
_diffrn_source.size                        ? 
_diffrn_source.source                      SYNCHROTRON 
_diffrn_source.target                      ? 
_diffrn_source.type                        'APS BEAMLINE 21-ID-D' 
_diffrn_source.voltage                     ? 
_diffrn_source.take-off_angle              ? 
_diffrn_source.pdbx_wavelength_list        0.9183 
_diffrn_source.pdbx_wavelength             ? 
_diffrn_source.pdbx_synchrotron_beamline   21-ID-D 
_diffrn_source.pdbx_synchrotron_site       APS 
# 
_reflns.B_iso_Wilson_estimate            ? 
_reflns.entry_id                         6CY2 
_reflns.data_reduction_details           ? 
_reflns.data_reduction_method            ? 
_reflns.d_resolution_high                1.40 
_reflns.d_resolution_low                 21.4 
_reflns.details                          ? 
_reflns.limit_h_max                      ? 
_reflns.limit_h_min                      ? 
_reflns.limit_k_max                      ? 
_reflns.limit_k_min                      ? 
_reflns.limit_l_max                      ? 
_reflns.limit_l_min                      ? 
_reflns.number_all                       ? 
_reflns.number_obs                       16014 
_reflns.observed_criterion               ? 
_reflns.observed_criterion_F_max         ? 
_reflns.observed_criterion_F_min         ? 
_reflns.observed_criterion_I_max         ? 
_reflns.observed_criterion_I_min         ? 
_reflns.observed_criterion_sigma_F       ? 
_reflns.observed_criterion_sigma_I       ? 
_reflns.percent_possible_obs             98.7 
_reflns.R_free_details                   ? 
_reflns.Rmerge_F_all                     ? 
_reflns.Rmerge_F_obs                     ? 
_reflns.Friedel_coverage                 ? 
_reflns.number_gt                        ? 
_reflns.threshold_expression             ? 
_reflns.pdbx_redundancy                  13.5 
_reflns.pdbx_Rmerge_I_obs                ? 
_reflns.pdbx_Rmerge_I_all                ? 
_reflns.pdbx_Rsym_value                  ? 
_reflns.pdbx_netI_over_av_sigmaI         ? 
_reflns.pdbx_netI_over_sigmaI            11.0 
_reflns.pdbx_res_netI_over_av_sigmaI_2   ? 
_reflns.pdbx_res_netI_over_sigmaI_2      ? 
_reflns.pdbx_chi_squared                 ? 
_reflns.pdbx_scaling_rejects             ? 
_reflns.pdbx_d_res_high_opt              ? 
_reflns.pdbx_d_res_low_opt               ? 
_reflns.pdbx_d_res_opt_method            ? 
_reflns.phase_calculation_details        ? 
_reflns.pdbx_Rrim_I_all                  ? 
_reflns.pdbx_Rpim_I_all                  0.030 
_reflns.pdbx_d_opt                       ? 
_reflns.pdbx_number_measured_all         ? 
_reflns.pdbx_diffrn_id                   1 
_reflns.pdbx_ordinal                     1 
_reflns.pdbx_CC_half                     0.997 
_reflns.pdbx_R_split                     ? 
# 
_reflns_shell.d_res_high                  1.4 
_reflns_shell.d_res_low                   1.45 
_reflns_shell.meanI_over_sigI_all         ? 
_reflns_shell.meanI_over_sigI_obs         ? 
_reflns_shell.number_measured_all         ? 
_reflns_shell.number_measured_obs         ? 
_reflns_shell.number_possible             ? 
_reflns_shell.number_unique_all           ? 
_reflns_shell.number_unique_obs           ? 
_reflns_shell.percent_possible_all        ? 
_reflns_shell.percent_possible_obs        ? 
_reflns_shell.Rmerge_F_all                ? 
_reflns_shell.Rmerge_F_obs                ? 
_reflns_shell.Rmerge_I_all                ? 
_reflns_shell.Rmerge_I_obs                ? 
_reflns_shell.meanI_over_sigI_gt          ? 
_reflns_shell.meanI_over_uI_all           ? 
_reflns_shell.meanI_over_uI_gt            ? 
_reflns_shell.number_measured_gt          ? 
_reflns_shell.number_unique_gt            ? 
_reflns_shell.percent_possible_gt         ? 
_reflns_shell.Rmerge_F_gt                 ? 
_reflns_shell.Rmerge_I_gt                 ? 
_reflns_shell.pdbx_redundancy             ? 
_reflns_shell.pdbx_Rsym_value             ? 
_reflns_shell.pdbx_chi_squared            ? 
_reflns_shell.pdbx_netI_over_sigmaI_all   ? 
_reflns_shell.pdbx_netI_over_sigmaI_obs   ? 
_reflns_shell.pdbx_Rrim_I_all             ? 
_reflns_shell.pdbx_Rpim_I_all             0.684 
_reflns_shell.pdbx_rejects                ? 
_reflns_shell.pdbx_ordinal                1 
_reflns_shell.pdbx_diffrn_id              1 
_reflns_shell.pdbx_CC_half                0.529 
_reflns_shell.pdbx_R_split                ? 
# 
_refine.aniso_B[1][1]                            ? 
_refine.aniso_B[1][2]                            ? 
_refine.aniso_B[1][3]                            ? 
_refine.aniso_B[2][2]                            ? 
_refine.aniso_B[2][3]                            ? 
_refine.aniso_B[3][3]                            ? 
_refine.B_iso_max                                53.320 
_refine.B_iso_mean                               27.5932 
_refine.B_iso_min                                17.700 
_refine.correlation_coeff_Fo_to_Fc               ? 
_refine.correlation_coeff_Fo_to_Fc_free          ? 
_refine.details                                  ? 
_refine.diff_density_max                         ? 
_refine.diff_density_max_esd                     ? 
_refine.diff_density_min                         ? 
_refine.diff_density_min_esd                     ? 
_refine.diff_density_rms                         ? 
_refine.diff_density_rms_esd                     ? 
_refine.entry_id                                 6CY2 
_refine.pdbx_refine_id                           'X-RAY DIFFRACTION' 
_refine.ls_abs_structure_details                 ? 
_refine.ls_abs_structure_Flack                   ? 
_refine.ls_abs_structure_Flack_esd               ? 
_refine.ls_abs_structure_Rogers                  ? 
_refine.ls_abs_structure_Rogers_esd              ? 
_refine.ls_d_res_high                            1.4000 
_refine.ls_d_res_low                             21.4000 
_refine.ls_extinction_coef                       ? 
_refine.ls_extinction_coef_esd                   ? 
_refine.ls_extinction_expression                 ? 
_refine.ls_extinction_method                     ? 
_refine.ls_goodness_of_fit_all                   ? 
_refine.ls_goodness_of_fit_all_esd               ? 
_refine.ls_goodness_of_fit_obs                   ? 
_refine.ls_goodness_of_fit_obs_esd               ? 
_refine.ls_hydrogen_treatment                    ? 
_refine.ls_matrix_type                           ? 
_refine.ls_number_constraints                    ? 
_refine.ls_number_parameters                     ? 
_refine.ls_number_reflns_all                     ? 
_refine.ls_number_reflns_obs                     16009 
_refine.ls_number_reflns_R_free                  726 
_refine.ls_number_reflns_R_work                  ? 
_refine.ls_number_restraints                     ? 
_refine.ls_percent_reflns_obs                    98.7400 
_refine.ls_percent_reflns_R_free                 4.5300 
_refine.ls_R_factor_all                          ? 
_refine.ls_R_factor_obs                          0.1850 
_refine.ls_R_factor_R_free                       0.2051 
_refine.ls_R_factor_R_free_error                 ? 
_refine.ls_R_factor_R_free_error_details         ? 
_refine.ls_R_factor_R_work                       0.1840 
_refine.ls_R_Fsqd_factor_obs                     ? 
_refine.ls_R_I_factor_obs                        ? 
_refine.ls_redundancy_reflns_all                 ? 
_refine.ls_redundancy_reflns_obs                 ? 
_refine.ls_restrained_S_all                      ? 
_refine.ls_restrained_S_obs                      ? 
_refine.ls_shift_over_esd_max                    ? 
_refine.ls_shift_over_esd_mean                   ? 
_refine.ls_structure_factor_coef                 ? 
_refine.ls_weighting_details                     ? 
_refine.ls_weighting_scheme                      ? 
_refine.ls_wR_factor_all                         ? 
_refine.ls_wR_factor_obs                         ? 
_refine.ls_wR_factor_R_free                      ? 
_refine.ls_wR_factor_R_work                      ? 
_refine.occupancy_max                            ? 
_refine.occupancy_min                            ? 
_refine.solvent_model_details                    ? 
_refine.solvent_model_param_bsol                 ? 
_refine.solvent_model_param_ksol                 ? 
_refine.ls_R_factor_gt                           ? 
_refine.ls_goodness_of_fit_gt                    ? 
_refine.ls_goodness_of_fit_ref                   ? 
_refine.ls_shift_over_su_max                     ? 
_refine.ls_shift_over_su_max_lt                  ? 
_refine.ls_shift_over_su_mean                    ? 
_refine.ls_shift_over_su_mean_lt                 ? 
_refine.pdbx_ls_sigma_I                          ? 
_refine.pdbx_ls_sigma_F                          0.940 
_refine.pdbx_ls_sigma_Fsqd                       ? 
_refine.pdbx_data_cutoff_high_absF               ? 
_refine.pdbx_data_cutoff_high_rms_absF           ? 
_refine.pdbx_data_cutoff_low_absF                ? 
_refine.pdbx_isotropic_thermal_model             ? 
_refine.pdbx_ls_cross_valid_method               THROUGHOUT 
_refine.pdbx_method_to_determine_struct          SAD 
_refine.pdbx_starting_model                      ? 
_refine.pdbx_stereochemistry_target_values       ? 
_refine.pdbx_R_Free_selection_details            ? 
_refine.pdbx_stereochem_target_val_spec_case     ? 
_refine.pdbx_overall_ESU_R                       ? 
_refine.pdbx_overall_ESU_R_Free                  ? 
_refine.pdbx_solvent_vdw_probe_radii             1.1100 
_refine.pdbx_solvent_ion_probe_radii             ? 
_refine.pdbx_solvent_shrinkage_radii             0.9000 
_refine.pdbx_real_space_R                        ? 
_refine.pdbx_density_correlation                 ? 
_refine.pdbx_pd_number_of_powder_patterns        ? 
_refine.pdbx_pd_number_of_points                 ? 
_refine.pdbx_pd_meas_number_of_points            ? 
_refine.pdbx_pd_proc_ls_prof_R_factor            ? 
_refine.pdbx_pd_proc_ls_prof_wR_factor           ? 
_refine.pdbx_pd_Marquardt_correlation_coeff      ? 
_refine.pdbx_pd_Fsqrd_R_factor                   ? 
_refine.pdbx_pd_ls_matrix_band_width             ? 
_refine.pdbx_overall_phase_error                 25.4800 
_refine.pdbx_overall_SU_R_free_Cruickshank_DPI   ? 
_refine.pdbx_overall_SU_R_free_Blow_DPI          ? 
_refine.pdbx_overall_SU_R_Blow_DPI               ? 
_refine.pdbx_TLS_residual_ADP_flag               ? 
_refine.pdbx_diffrn_id                           1 
_refine.overall_SU_B                             ? 
_refine.overall_SU_ML                            0.2000 
_refine.overall_SU_R_Cruickshank_DPI             ? 
_refine.overall_SU_R_free                        ? 
_refine.overall_FOM_free_R_set                   ? 
_refine.overall_FOM_work_R_set                   ? 
_refine.pdbx_average_fsc_overall                 ? 
_refine.pdbx_average_fsc_work                    ? 
_refine.pdbx_average_fsc_free                    ? 
# 
_refine_hist.cycle_id                         final 
_refine_hist.pdbx_refine_id                   'X-RAY DIFFRACTION' 
_refine_hist.d_res_high                       1.4000 
_refine_hist.d_res_low                        21.4000 
_refine_hist.pdbx_number_atoms_ligand         0 
_refine_hist.number_atoms_solvent             61 
_refine_hist.number_atoms_total               403 
_refine_hist.pdbx_number_residues_total       16 
_refine_hist.pdbx_B_iso_mean_solvent          37.53 
_refine_hist.pdbx_number_atoms_protein        0 
_refine_hist.pdbx_number_atoms_nucleic_acid   342 
# 
loop_
_refine_ls_shell.pdbx_refine_id 
_refine_ls_shell.d_res_high 
_refine_ls_shell.d_res_low 
_refine_ls_shell.number_reflns_all 
_refine_ls_shell.number_reflns_obs 
_refine_ls_shell.number_reflns_R_free 
_refine_ls_shell.number_reflns_R_work 
_refine_ls_shell.percent_reflns_obs 
_refine_ls_shell.percent_reflns_R_free 
_refine_ls_shell.R_factor_all 
_refine_ls_shell.R_factor_obs 
_refine_ls_shell.R_factor_R_free 
_refine_ls_shell.R_factor_R_free_error 
_refine_ls_shell.R_factor_R_work 
_refine_ls_shell.redundancy_reflns_all 
_refine_ls_shell.redundancy_reflns_obs 
_refine_ls_shell.wR_factor_all 
_refine_ls_shell.wR_factor_obs 
_refine_ls_shell.wR_factor_R_free 
_refine_ls_shell.wR_factor_R_work 
_refine_ls_shell.pdbx_total_number_of_bins_used 
_refine_ls_shell.pdbx_phase_error 
_refine_ls_shell.pdbx_fsc_work 
_refine_ls_shell.pdbx_fsc_free 
'X-RAY DIFFRACTION' 1.4000 1.5081  3172 . 150 3022 98.0000  . . . 0.3035 0.0000 0.2496 . . . . . . 5 . . . 
'X-RAY DIFFRACTION' 1.5081 1.6598  3201 . 112 3089 98.0000  . . . 0.2390 0.0000 0.1821 . . . . . . 5 . . . 
'X-RAY DIFFRACTION' 1.6598 1.8999  3191 . 169 3022 99.0000  . . . 0.1891 0.0000 0.1490 . . . . . . 5 . . . 
'X-RAY DIFFRACTION' 1.8999 2.3931  3233 . 143 3090 100.0000 . . . 0.2304 0.0000 0.1991 . . . . . . 5 . . . 
'X-RAY DIFFRACTION' 2.3931 21.4025 3212 . 152 3060 99.0000  . . . 0.1905 0.0000 0.1804 . . . . . . 5 . . . 
# 
_struct.entry_id                     6CY2 
_struct.title                        
;RNA octamer containing 2'-OMe, 4'Calpha-OMe U.
;
_struct.pdbx_model_details           ? 
_struct.pdbx_formula_weight          ? 
_struct.pdbx_formula_weight_method   ? 
_struct.pdbx_model_type_details      ? 
_struct.pdbx_CASP_flag               N 
# 
_struct_keywords.entry_id        6CY2 
_struct_keywords.text            'RNA, oligonucleotide, modified base' 
_struct_keywords.pdbx_keywords   RNA 
# 
loop_
_struct_asym.id 
_struct_asym.pdbx_blank_PDB_chainid_flag 
_struct_asym.pdbx_modified 
_struct_asym.entity_id 
_struct_asym.details 
A N N 1 ? 
B N N 1 ? 
C N N 2 ? 
D N N 2 ? 
# 
_struct_ref.id                         1 
_struct_ref.db_name                    PDB 
_struct_ref.db_code                    6CY2 
_struct_ref.pdbx_db_accession          6CY2 
_struct_ref.pdbx_db_isoform            ? 
_struct_ref.entity_id                  1 
_struct_ref.pdbx_seq_one_letter_code   ? 
_struct_ref.pdbx_align_begin           1 
# 
loop_
_struct_ref_seq.align_id 
_struct_ref_seq.ref_id 
_struct_ref_seq.pdbx_PDB_id_code 
_struct_ref_seq.pdbx_strand_id 
_struct_ref_seq.seq_align_beg 
_struct_ref_seq.pdbx_seq_align_beg_ins_code 
_struct_ref_seq.seq_align_end 
_struct_ref_seq.pdbx_seq_align_end_ins_code 
_struct_ref_seq.pdbx_db_accession 
_struct_ref_seq.db_align_beg 
_struct_ref_seq.pdbx_db_align_beg_ins_code 
_struct_ref_seq.db_align_end 
_struct_ref_seq.pdbx_db_align_end_ins_code 
_struct_ref_seq.pdbx_auth_seq_align_beg 
_struct_ref_seq.pdbx_auth_seq_align_end 
1 1 6CY2 A 1 ? 8 ? 6CY2 1 ? 8 ? 1 8 
2 1 6CY2 B 1 ? 8 ? 6CY2 1 ? 8 ? 1 8 
# 
_pdbx_struct_assembly.id                   1 
_pdbx_struct_assembly.details              author_and_software_defined_assembly 
_pdbx_struct_assembly.method_details       PISA 
_pdbx_struct_assembly.oligomeric_details   dimeric 
_pdbx_struct_assembly.oligomeric_count     2 
# 
loop_
_pdbx_struct_assembly_prop.biol_id 
_pdbx_struct_assembly_prop.type 
_pdbx_struct_assembly_prop.value 
_pdbx_struct_assembly_prop.details 
1 'ABSA (A^2)' 1340 ? 
1 MORE         3    ? 
1 'SSA (A^2)'  3060 ? 
# 
_pdbx_struct_assembly_gen.assembly_id       1 
_pdbx_struct_assembly_gen.oper_expression   1 
_pdbx_struct_assembly_gen.asym_id_list      A,B,C,D 
# 
_pdbx_struct_assembly_auth_evidence.id                     1 
_pdbx_struct_assembly_auth_evidence.assembly_id            1 
_pdbx_struct_assembly_auth_evidence.experimental_support   'native gel electrophoresis' 
_pdbx_struct_assembly_auth_evidence.details                ? 
# 
_pdbx_struct_oper_list.id                   1 
_pdbx_struct_oper_list.type                 'identity operation' 
_pdbx_struct_oper_list.name                 1_555 
_pdbx_struct_oper_list.symmetry_operation   x,y,z 
_pdbx_struct_oper_list.matrix[1][1]         1.0000000000 
_pdbx_struct_oper_list.matrix[1][2]         0.0000000000 
_pdbx_struct_oper_list.matrix[1][3]         0.0000000000 
_pdbx_struct_oper_list.vector[1]            0.0000000000 
_pdbx_struct_oper_list.matrix[2][1]         0.0000000000 
_pdbx_struct_oper_list.matrix[2][2]         1.0000000000 
_pdbx_struct_oper_list.matrix[2][3]         0.0000000000 
_pdbx_struct_oper_list.vector[2]            0.0000000000 
_pdbx_struct_oper_list.matrix[3][1]         0.0000000000 
_pdbx_struct_oper_list.matrix[3][2]         0.0000000000 
_pdbx_struct_oper_list.matrix[3][3]         1.0000000000 
_pdbx_struct_oper_list.vector[3]            0.0000000000 
# 
loop_
_struct_conn.id 
_struct_conn.conn_type_id 
_struct_conn.pdbx_leaving_atom_flag 
_struct_conn.pdbx_PDB_id 
_struct_conn.ptnr1_label_asym_id 
_struct_conn.ptnr1_label_comp_id 
_struct_conn.ptnr1_label_seq_id 
_struct_conn.ptnr1_label_atom_id 
_struct_conn.pdbx_ptnr1_label_alt_id 
_struct_conn.pdbx_ptnr1_PDB_ins_code 
_struct_conn.pdbx_ptnr1_standard_comp_id 
_struct_conn.ptnr1_symmetry 
_struct_conn.ptnr2_label_asym_id 
_struct_conn.ptnr2_label_comp_id 
_struct_conn.ptnr2_label_seq_id 
_struct_conn.ptnr2_label_atom_id 
_struct_conn.pdbx_ptnr2_label_alt_id 
_struct_conn.pdbx_ptnr2_PDB_ins_code 
_struct_conn.ptnr1_auth_asym_id 
_struct_conn.ptnr1_auth_comp_id 
_struct_conn.ptnr1_auth_seq_id 
_struct_conn.ptnr2_auth_asym_id 
_struct_conn.ptnr2_auth_comp_id 
_struct_conn.ptnr2_auth_seq_id 
_struct_conn.ptnr2_symmetry 
_struct_conn.pdbx_ptnr3_label_atom_id 
_struct_conn.pdbx_ptnr3_label_seq_id 
_struct_conn.pdbx_ptnr3_label_comp_id 
_struct_conn.pdbx_ptnr3_label_asym_id 
_struct_conn.pdbx_ptnr3_label_alt_id 
_struct_conn.pdbx_ptnr3_PDB_ins_code 
_struct_conn.details 
_struct_conn.pdbx_dist_value 
_struct_conn.pdbx_value_order 
_struct_conn.pdbx_role 
covale1  covale one  ? A CBV 1 "O3'" ? ? ? 1_555 A G   2 P  ? ? A CBV 1 A G   2 1_555 ? ? ? ? ? ? ?            1.592 ? ? 
covale2  covale both ? A A   4 "O3'" ? ? ? 1_555 A UOA 5 P  ? ? A A   4 A UOA 5 1_555 ? ? ? ? ? ? ?            1.607 ? ? 
covale3  covale one  ? A UOA 5 "O3'" ? ? ? 1_555 A U   6 P  ? ? A UOA 5 A U   6 1_555 ? ? ? ? ? ? ?            1.604 ? ? 
covale4  covale one  ? B CBV 1 "O3'" ? ? ? 1_555 B G   2 P  ? ? B CBV 1 B G   2 1_555 ? ? ? ? ? ? ?            1.590 ? ? 
covale5  covale both ? B A   4 "O3'" ? ? ? 1_555 B UOA 5 P  ? ? B A   4 B UOA 5 1_555 ? ? ? ? ? ? ?            1.609 ? ? 
covale6  covale one  ? B UOA 5 "O3'" ? ? ? 1_555 B U   6 P  ? ? B UOA 5 B U   6 1_555 ? ? ? ? ? ? ?            1.605 ? ? 
hydrog1  hydrog ?    ? A CBV 1 N3    ? ? ? 1_555 B G   8 N1 ? ? A CBV 1 B G   8 1_555 ? ? ? ? ? ? WATSON-CRICK ?     ? ? 
hydrog2  hydrog ?    ? A CBV 1 N4    ? ? ? 1_555 B G   8 O6 ? ? A CBV 1 B G   8 1_555 ? ? ? ? ? ? WATSON-CRICK ?     ? ? 
hydrog3  hydrog ?    ? A CBV 1 O2    ? ? ? 1_555 B G   8 N2 ? ? A CBV 1 B G   8 1_555 ? ? ? ? ? ? WATSON-CRICK ?     ? ? 
hydrog4  hydrog ?    ? A G   2 N1    ? ? ? 1_555 B C   7 N3 ? ? A G   2 B C   7 1_555 ? ? ? ? ? ? WATSON-CRICK ?     ? ? 
hydrog5  hydrog ?    ? A G   2 N2    ? ? ? 1_555 B C   7 O2 ? ? A G   2 B C   7 1_555 ? ? ? ? ? ? WATSON-CRICK ?     ? ? 
hydrog6  hydrog ?    ? A G   2 O6    ? ? ? 1_555 B C   7 N4 ? ? A G   2 B C   7 1_555 ? ? ? ? ? ? WATSON-CRICK ?     ? ? 
hydrog7  hydrog ?    ? A A   3 N1    ? ? ? 1_555 B U   6 N3 ? ? A A   3 B U   6 1_555 ? ? ? ? ? ? WATSON-CRICK ?     ? ? 
hydrog8  hydrog ?    ? A A   3 N6    ? ? ? 1_555 B U   6 O4 ? ? A A   3 B U   6 1_555 ? ? ? ? ? ? WATSON-CRICK ?     ? ? 
hydrog9  hydrog ?    ? A U   6 N3    ? ? ? 1_555 B A   3 N1 ? ? A U   6 B A   3 1_555 ? ? ? ? ? ? WATSON-CRICK ?     ? ? 
hydrog10 hydrog ?    ? A U   6 O4    ? ? ? 1_555 B A   3 N6 ? ? A U   6 B A   3 1_555 ? ? ? ? ? ? WATSON-CRICK ?     ? ? 
hydrog11 hydrog ?    ? A C   7 N3    ? ? ? 1_555 B G   2 N1 ? ? A C   7 B G   2 1_555 ? ? ? ? ? ? WATSON-CRICK ?     ? ? 
hydrog12 hydrog ?    ? A C   7 N4    ? ? ? 1_555 B G   2 O6 ? ? A C   7 B G   2 1_555 ? ? ? ? ? ? WATSON-CRICK ?     ? ? 
hydrog13 hydrog ?    ? A C   7 O2    ? ? ? 1_555 B G   2 N2 ? ? A C   7 B G   2 1_555 ? ? ? ? ? ? WATSON-CRICK ?     ? ? 
hydrog14 hydrog ?    ? A G   8 N1    ? ? ? 1_555 B CBV 1 N3 ? ? A G   8 B CBV 1 1_555 ? ? ? ? ? ? WATSON-CRICK ?     ? ? 
hydrog15 hydrog ?    ? A G   8 N2    ? ? ? 1_555 B CBV 1 O2 ? ? A G   8 B CBV 1 1_555 ? ? ? ? ? ? WATSON-CRICK ?     ? ? 
hydrog16 hydrog ?    ? A G   8 O6    ? ? ? 1_555 B CBV 1 N4 ? ? A G   8 B CBV 1 1_555 ? ? ? ? ? ? WATSON-CRICK ?     ? ? 
# 
loop_
_struct_conn_type.id 
_struct_conn_type.criteria 
_struct_conn_type.reference 
covale ? ? 
hydrog ? ? 
# 
loop_
_chem_comp_atom.comp_id 
_chem_comp_atom.atom_id 
_chem_comp_atom.type_symbol 
_chem_comp_atom.pdbx_aromatic_flag 
_chem_comp_atom.pdbx_stereo_config 
_chem_comp_atom.pdbx_ordinal 
A   OP3    O  N N 1   
A   P      P  N N 2   
A   OP1    O  N N 3   
A   OP2    O  N N 4   
A   "O5'"  O  N N 5   
A   "C5'"  C  N N 6   
A   "C4'"  C  N R 7   
A   "O4'"  O  N N 8   
A   "C3'"  C  N S 9   
A   "O3'"  O  N N 10  
A   "C2'"  C  N R 11  
A   "O2'"  O  N N 12  
A   "C1'"  C  N R 13  
A   N9     N  Y N 14  
A   C8     C  Y N 15  
A   N7     N  Y N 16  
A   C5     C  Y N 17  
A   C6     C  Y N 18  
A   N6     N  N N 19  
A   N1     N  Y N 20  
A   C2     C  Y N 21  
A   N3     N  Y N 22  
A   C4     C  Y N 23  
A   HOP3   H  N N 24  
A   HOP2   H  N N 25  
A   "H5'"  H  N N 26  
A   "H5''" H  N N 27  
A   "H4'"  H  N N 28  
A   "H3'"  H  N N 29  
A   "HO3'" H  N N 30  
A   "H2'"  H  N N 31  
A   "HO2'" H  N N 32  
A   "H1'"  H  N N 33  
A   H8     H  N N 34  
A   H61    H  N N 35  
A   H62    H  N N 36  
A   H2     H  N N 37  
C   OP3    O  N N 38  
C   P      P  N N 39  
C   OP1    O  N N 40  
C   OP2    O  N N 41  
C   "O5'"  O  N N 42  
C   "C5'"  C  N N 43  
C   "C4'"  C  N R 44  
C   "O4'"  O  N N 45  
C   "C3'"  C  N S 46  
C   "O3'"  O  N N 47  
C   "C2'"  C  N R 48  
C   "O2'"  O  N N 49  
C   "C1'"  C  N R 50  
C   N1     N  N N 51  
C   C2     C  N N 52  
C   O2     O  N N 53  
C   N3     N  N N 54  
C   C4     C  N N 55  
C   N4     N  N N 56  
C   C5     C  N N 57  
C   C6     C  N N 58  
C   HOP3   H  N N 59  
C   HOP2   H  N N 60  
C   "H5'"  H  N N 61  
C   "H5''" H  N N 62  
C   "H4'"  H  N N 63  
C   "H3'"  H  N N 64  
C   "HO3'" H  N N 65  
C   "H2'"  H  N N 66  
C   "HO2'" H  N N 67  
C   "H1'"  H  N N 68  
C   H41    H  N N 69  
C   H42    H  N N 70  
C   H5     H  N N 71  
C   H6     H  N N 72  
CBV O3P    O  N N 73  
CBV P      P  N N 74  
CBV O1P    O  N N 75  
CBV O2P    O  N N 76  
CBV "O5'"  O  N N 77  
CBV "C5'"  C  N N 78  
CBV "C4'"  C  N R 79  
CBV "O4'"  O  N N 80  
CBV "C3'"  C  N S 81  
CBV "O3'"  O  N N 82  
CBV "C2'"  C  N R 83  
CBV "O2'"  O  N N 84  
CBV "C1'"  C  N R 85  
CBV N1     N  N N 86  
CBV C2     C  N N 87  
CBV O2     O  N N 88  
CBV N3     N  N N 89  
CBV C4     C  N N 90  
CBV N4     N  N N 91  
CBV C5     C  N N 92  
CBV C6     C  N N 93  
CBV BR     BR N N 94  
CBV HO3P   H  N N 95  
CBV HO1P   H  N N 96  
CBV "H5'1" H  N N 97  
CBV "H5'2" H  N N 98  
CBV "H4'"  H  N N 99  
CBV "H3'"  H  N N 100 
CBV "HO3'" H  N N 101 
CBV "H2'"  H  N N 102 
CBV "HO2'" H  N N 103 
CBV "H1'"  H  N N 104 
CBV HN41   H  N N 105 
CBV HN42   H  N N 106 
CBV H6     H  N N 107 
G   OP3    O  N N 108 
G   P      P  N N 109 
G   OP1    O  N N 110 
G   OP2    O  N N 111 
G   "O5'"  O  N N 112 
G   "C5'"  C  N N 113 
G   "C4'"  C  N R 114 
G   "O4'"  O  N N 115 
G   "C3'"  C  N S 116 
G   "O3'"  O  N N 117 
G   "C2'"  C  N R 118 
G   "O2'"  O  N N 119 
G   "C1'"  C  N R 120 
G   N9     N  Y N 121 
G   C8     C  Y N 122 
G   N7     N  Y N 123 
G   C5     C  Y N 124 
G   C6     C  N N 125 
G   O6     O  N N 126 
G   N1     N  N N 127 
G   C2     C  N N 128 
G   N2     N  N N 129 
G   N3     N  N N 130 
G   C4     C  Y N 131 
G   HOP3   H  N N 132 
G   HOP2   H  N N 133 
G   "H5'"  H  N N 134 
G   "H5''" H  N N 135 
G   "H4'"  H  N N 136 
G   "H3'"  H  N N 137 
G   "HO3'" H  N N 138 
G   "H2'"  H  N N 139 
G   "HO2'" H  N N 140 
G   "H1'"  H  N N 141 
G   H8     H  N N 142 
G   H1     H  N N 143 
G   H21    H  N N 144 
G   H22    H  N N 145 
HOH O      O  N N 146 
HOH H1     H  N N 147 
HOH H2     H  N N 148 
U   OP3    O  N N 149 
U   P      P  N N 150 
U   OP1    O  N N 151 
U   OP2    O  N N 152 
U   "O5'"  O  N N 153 
U   "C5'"  C  N N 154 
U   "C4'"  C  N R 155 
U   "O4'"  O  N N 156 
U   "C3'"  C  N S 157 
U   "O3'"  O  N N 158 
U   "C2'"  C  N R 159 
U   "O2'"  O  N N 160 
U   "C1'"  C  N R 161 
U   N1     N  N N 162 
U   C2     C  N N 163 
U   O2     O  N N 164 
U   N3     N  N N 165 
U   C4     C  N N 166 
U   O4     O  N N 167 
U   C5     C  N N 168 
U   C6     C  N N 169 
U   HOP3   H  N N 170 
U   HOP2   H  N N 171 
U   "H5'"  H  N N 172 
U   "H5''" H  N N 173 
U   "H4'"  H  N N 174 
U   "H3'"  H  N N 175 
U   "HO3'" H  N N 176 
U   "H2'"  H  N N 177 
U   "HO2'" H  N N 178 
U   "H1'"  H  N N 179 
U   H3     H  N N 180 
U   H5     H  N N 181 
U   H6     H  N N 182 
UOA "C''"  C  N N 183 
UOA "C1'"  C  N R 184 
UOA C2     C  N N 185 
UOA "C2'"  C  N R 186 
UOA "C3'"  C  N S 187 
UOA C4     C  N N 188 
UOA "C4'"  C  N R 189 
UOA C5     C  N N 190 
UOA "C5'"  C  N N 191 
UOA C6     C  N N 192 
UOA CMC    C  N N 193 
UOA N1     N  N N 194 
UOA N3     N  N N 195 
UOA O2     O  N N 196 
UOA "O2'"  O  N N 197 
UOA "O3'"  O  N N 198 
UOA O4     O  N N 199 
UOA "O4'"  O  N N 200 
UOA "O5'"  O  N N 201 
UOA OP1    O  N N 202 
UOA OP2    O  N N 203 
UOA P      P  N N 204 
UOA OCM    O  N N 205 
UOA "H''"  H  N N 206 
UOA H5X    H  N N 207 
UOA H5W    H  N N 208 
UOA "H1'"  H  N N 209 
UOA "H2'"  H  N N 210 
UOA "H3'"  H  N N 211 
UOA H5     H  N N 212 
UOA H5S    H  N N 213 
UOA "H5'"  H  N N 214 
UOA H6     H  N N 215 
UOA HMC    H  N N 216 
UOA H5U    H  N N 217 
UOA H5V    H  N N 218 
UOA H3     H  N N 219 
UOA H1     H  N N 220 
UOA H2     H  N N 221 
UOA OP3    O  N N 222 
UOA HOP3   H  N N 223 
# 
loop_
_chem_comp_bond.comp_id 
_chem_comp_bond.atom_id_1 
_chem_comp_bond.atom_id_2 
_chem_comp_bond.value_order 
_chem_comp_bond.pdbx_aromatic_flag 
_chem_comp_bond.pdbx_stereo_config 
_chem_comp_bond.pdbx_ordinal 
A   OP3   P      sing N N 1   
A   OP3   HOP3   sing N N 2   
A   P     OP1    doub N N 3   
A   P     OP2    sing N N 4   
A   P     "O5'"  sing N N 5   
A   OP2   HOP2   sing N N 6   
A   "O5'" "C5'"  sing N N 7   
A   "C5'" "C4'"  sing N N 8   
A   "C5'" "H5'"  sing N N 9   
A   "C5'" "H5''" sing N N 10  
A   "C4'" "O4'"  sing N N 11  
A   "C4'" "C3'"  sing N N 12  
A   "C4'" "H4'"  sing N N 13  
A   "O4'" "C1'"  sing N N 14  
A   "C3'" "O3'"  sing N N 15  
A   "C3'" "C2'"  sing N N 16  
A   "C3'" "H3'"  sing N N 17  
A   "O3'" "HO3'" sing N N 18  
A   "C2'" "O2'"  sing N N 19  
A   "C2'" "C1'"  sing N N 20  
A   "C2'" "H2'"  sing N N 21  
A   "O2'" "HO2'" sing N N 22  
A   "C1'" N9     sing N N 23  
A   "C1'" "H1'"  sing N N 24  
A   N9    C8     sing Y N 25  
A   N9    C4     sing Y N 26  
A   C8    N7     doub Y N 27  
A   C8    H8     sing N N 28  
A   N7    C5     sing Y N 29  
A   C5    C6     sing Y N 30  
A   C5    C4     doub Y N 31  
A   C6    N6     sing N N 32  
A   C6    N1     doub Y N 33  
A   N6    H61    sing N N 34  
A   N6    H62    sing N N 35  
A   N1    C2     sing Y N 36  
A   C2    N3     doub Y N 37  
A   C2    H2     sing N N 38  
A   N3    C4     sing Y N 39  
C   OP3   P      sing N N 40  
C   OP3   HOP3   sing N N 41  
C   P     OP1    doub N N 42  
C   P     OP2    sing N N 43  
C   P     "O5'"  sing N N 44  
C   OP2   HOP2   sing N N 45  
C   "O5'" "C5'"  sing N N 46  
C   "C5'" "C4'"  sing N N 47  
C   "C5'" "H5'"  sing N N 48  
C   "C5'" "H5''" sing N N 49  
C   "C4'" "O4'"  sing N N 50  
C   "C4'" "C3'"  sing N N 51  
C   "C4'" "H4'"  sing N N 52  
C   "O4'" "C1'"  sing N N 53  
C   "C3'" "O3'"  sing N N 54  
C   "C3'" "C2'"  sing N N 55  
C   "C3'" "H3'"  sing N N 56  
C   "O3'" "HO3'" sing N N 57  
C   "C2'" "O2'"  sing N N 58  
C   "C2'" "C1'"  sing N N 59  
C   "C2'" "H2'"  sing N N 60  
C   "O2'" "HO2'" sing N N 61  
C   "C1'" N1     sing N N 62  
C   "C1'" "H1'"  sing N N 63  
C   N1    C2     sing N N 64  
C   N1    C6     sing N N 65  
C   C2    O2     doub N N 66  
C   C2    N3     sing N N 67  
C   N3    C4     doub N N 68  
C   C4    N4     sing N N 69  
C   C4    C5     sing N N 70  
C   N4    H41    sing N N 71  
C   N4    H42    sing N N 72  
C   C5    C6     doub N N 73  
C   C5    H5     sing N N 74  
C   C6    H6     sing N N 75  
CBV O3P   P      sing N N 76  
CBV O3P   HO3P   sing N N 77  
CBV P     O1P    sing N N 78  
CBV P     O2P    doub N N 79  
CBV P     "O5'"  sing N N 80  
CBV O1P   HO1P   sing N N 81  
CBV "O5'" "C5'"  sing N N 82  
CBV "C5'" "C4'"  sing N N 83  
CBV "C5'" "H5'1" sing N N 84  
CBV "C5'" "H5'2" sing N N 85  
CBV "C4'" "O4'"  sing N N 86  
CBV "C4'" "C3'"  sing N N 87  
CBV "C4'" "H4'"  sing N N 88  
CBV "O4'" "C1'"  sing N N 89  
CBV "C3'" "O3'"  sing N N 90  
CBV "C3'" "C2'"  sing N N 91  
CBV "C3'" "H3'"  sing N N 92  
CBV "O3'" "HO3'" sing N N 93  
CBV "C2'" "O2'"  sing N N 94  
CBV "C2'" "C1'"  sing N N 95  
CBV "C2'" "H2'"  sing N N 96  
CBV "O2'" "HO2'" sing N N 97  
CBV "C1'" N1     sing N N 98  
CBV "C1'" "H1'"  sing N N 99  
CBV N1    C2     sing N N 100 
CBV N1    C6     sing N N 101 
CBV C2    O2     doub N N 102 
CBV C2    N3     sing N N 103 
CBV N3    C4     doub N N 104 
CBV C4    N4     sing N N 105 
CBV C4    C5     sing N N 106 
CBV N4    HN41   sing N N 107 
CBV N4    HN42   sing N N 108 
CBV C5    C6     doub N N 109 
CBV C5    BR     sing N N 110 
CBV C6    H6     sing N N 111 
G   OP3   P      sing N N 112 
G   OP3   HOP3   sing N N 113 
G   P     OP1    doub N N 114 
G   P     OP2    sing N N 115 
G   P     "O5'"  sing N N 116 
G   OP2   HOP2   sing N N 117 
G   "O5'" "C5'"  sing N N 118 
G   "C5'" "C4'"  sing N N 119 
G   "C5'" "H5'"  sing N N 120 
G   "C5'" "H5''" sing N N 121 
G   "C4'" "O4'"  sing N N 122 
G   "C4'" "C3'"  sing N N 123 
G   "C4'" "H4'"  sing N N 124 
G   "O4'" "C1'"  sing N N 125 
G   "C3'" "O3'"  sing N N 126 
G   "C3'" "C2'"  sing N N 127 
G   "C3'" "H3'"  sing N N 128 
G   "O3'" "HO3'" sing N N 129 
G   "C2'" "O2'"  sing N N 130 
G   "C2'" "C1'"  sing N N 131 
G   "C2'" "H2'"  sing N N 132 
G   "O2'" "HO2'" sing N N 133 
G   "C1'" N9     sing N N 134 
G   "C1'" "H1'"  sing N N 135 
G   N9    C8     sing Y N 136 
G   N9    C4     sing Y N 137 
G   C8    N7     doub Y N 138 
G   C8    H8     sing N N 139 
G   N7    C5     sing Y N 140 
G   C5    C6     sing N N 141 
G   C5    C4     doub Y N 142 
G   C6    O6     doub N N 143 
G   C6    N1     sing N N 144 
G   N1    C2     sing N N 145 
G   N1    H1     sing N N 146 
G   C2    N2     sing N N 147 
G   C2    N3     doub N N 148 
G   N2    H21    sing N N 149 
G   N2    H22    sing N N 150 
G   N3    C4     sing N N 151 
HOH O     H1     sing N N 152 
HOH O     H2     sing N N 153 
U   OP3   P      sing N N 154 
U   OP3   HOP3   sing N N 155 
U   P     OP1    doub N N 156 
U   P     OP2    sing N N 157 
U   P     "O5'"  sing N N 158 
U   OP2   HOP2   sing N N 159 
U   "O5'" "C5'"  sing N N 160 
U   "C5'" "C4'"  sing N N 161 
U   "C5'" "H5'"  sing N N 162 
U   "C5'" "H5''" sing N N 163 
U   "C4'" "O4'"  sing N N 164 
U   "C4'" "C3'"  sing N N 165 
U   "C4'" "H4'"  sing N N 166 
U   "O4'" "C1'"  sing N N 167 
U   "C3'" "O3'"  sing N N 168 
U   "C3'" "C2'"  sing N N 169 
U   "C3'" "H3'"  sing N N 170 
U   "O3'" "HO3'" sing N N 171 
U   "C2'" "O2'"  sing N N 172 
U   "C2'" "C1'"  sing N N 173 
U   "C2'" "H2'"  sing N N 174 
U   "O2'" "HO2'" sing N N 175 
U   "C1'" N1     sing N N 176 
U   "C1'" "H1'"  sing N N 177 
U   N1    C2     sing N N 178 
U   N1    C6     sing N N 179 
U   C2    O2     doub N N 180 
U   C2    N3     sing N N 181 
U   N3    C4     sing N N 182 
U   N3    H3     sing N N 183 
U   C4    O4     doub N N 184 
U   C4    C5     sing N N 185 
U   C5    C6     doub N N 186 
U   C5    H5     sing N N 187 
U   C6    H6     sing N N 188 
UOA "O3'" "C3'"  sing N N 189 
UOA OP1   P      sing N N 190 
UOA "C3'" "C4'"  sing N N 191 
UOA "C3'" "C2'"  sing N N 192 
UOA OP2   P      doub N N 193 
UOA P     "O5'"  sing N N 194 
UOA "O5'" "C5'"  sing N N 195 
UOA "C5'" "C4'"  sing N N 196 
UOA "C4'" OCM    sing N N 197 
UOA "C4'" "O4'"  sing N N 198 
UOA "C2'" "O2'"  sing N N 199 
UOA "C2'" "C1'"  sing N N 200 
UOA OCM   CMC    sing N N 201 
UOA "O2'" "C''"  sing N N 202 
UOA C6    C5     doub N N 203 
UOA C6    N1     sing N N 204 
UOA "C1'" "O4'"  sing N N 205 
UOA "C1'" N1     sing N N 206 
UOA C5    C4     sing N N 207 
UOA N1    C2     sing N N 208 
UOA C4    O4     doub N N 209 
UOA C4    N3     sing N N 210 
UOA C2    N3     sing N N 211 
UOA C2    O2     doub N N 212 
UOA "C''" "H''"  sing N N 213 
UOA "C''" H5X    sing N N 214 
UOA "C''" H5W    sing N N 215 
UOA "C1'" "H1'"  sing N N 216 
UOA "C2'" "H2'"  sing N N 217 
UOA "C3'" "H3'"  sing N N 218 
UOA C5    H5     sing N N 219 
UOA "C5'" H5S    sing N N 220 
UOA "C5'" "H5'"  sing N N 221 
UOA C6    H6     sing N N 222 
UOA CMC   HMC    sing N N 223 
UOA CMC   H5U    sing N N 224 
UOA CMC   H5V    sing N N 225 
UOA N3    H3     sing N N 226 
UOA "O3'" H1     sing N N 227 
UOA OP1   H2     sing N N 228 
UOA P     OP3    sing N N 229 
UOA OP3   HOP3   sing N N 230 
# 
_ndb_struct_conf_na.entry_id   6CY2 
_ndb_struct_conf_na.feature    'a-form double helix' 
# 
loop_
_ndb_struct_na_base_pair.model_number 
_ndb_struct_na_base_pair.i_label_asym_id 
_ndb_struct_na_base_pair.i_label_comp_id 
_ndb_struct_na_base_pair.i_label_seq_id 
_ndb_struct_na_base_pair.i_symmetry 
_ndb_struct_na_base_pair.j_label_asym_id 
_ndb_struct_na_base_pair.j_label_comp_id 
_ndb_struct_na_base_pair.j_label_seq_id 
_ndb_struct_na_base_pair.j_symmetry 
_ndb_struct_na_base_pair.shear 
_ndb_struct_na_base_pair.stretch 
_ndb_struct_na_base_pair.stagger 
_ndb_struct_na_base_pair.buckle 
_ndb_struct_na_base_pair.propeller 
_ndb_struct_na_base_pair.opening 
_ndb_struct_na_base_pair.pair_number 
_ndb_struct_na_base_pair.pair_name 
_ndb_struct_na_base_pair.i_auth_asym_id 
_ndb_struct_na_base_pair.i_auth_seq_id 
_ndb_struct_na_base_pair.i_PDB_ins_code 
_ndb_struct_na_base_pair.j_auth_asym_id 
_ndb_struct_na_base_pair.j_auth_seq_id 
_ndb_struct_na_base_pair.j_PDB_ins_code 
_ndb_struct_na_base_pair.hbond_type_28 
_ndb_struct_na_base_pair.hbond_type_12 
1 A CBV 1 1_555 B G   8 1_555 0.339  -0.102 0.044  3.200  -15.141 3.543  1 A_CBV1:G8_B A 1 ? B 8 ? 19 1 
1 A G   2 1_555 B C   7 1_555 -0.271 -0.160 -0.266 -7.645 -11.320 0.128  2 A_G2:C7_B   A 2 ? B 7 ? 19 1 
1 A A   3 1_555 B U   6 1_555 0.101  -0.088 -0.149 -2.808 -7.485  -2.250 3 A_A3:U6_B   A 3 ? B 6 ? 20 1 
1 A U   6 1_555 B A   3 1_555 -0.005 -0.108 -0.102 2.365  -10.810 -0.837 4 A_U6:A3_B   A 6 ? B 3 ? 20 1 
1 A C   7 1_555 B G   2 1_555 0.100  -0.179 -0.054 6.037  -12.048 0.135  5 A_C7:G2_B   A 7 ? B 2 ? 19 1 
1 A G   8 1_555 B CBV 1 1_555 -0.076 -0.117 0.060  -2.466 -13.656 -1.187 6 A_G8:CBV1_B A 8 ? B 1 ? 19 1 
# 
loop_
_ndb_struct_na_base_pair_step.model_number 
_ndb_struct_na_base_pair_step.i_label_asym_id_1 
_ndb_struct_na_base_pair_step.i_label_comp_id_1 
_ndb_struct_na_base_pair_step.i_label_seq_id_1 
_ndb_struct_na_base_pair_step.i_symmetry_1 
_ndb_struct_na_base_pair_step.j_label_asym_id_1 
_ndb_struct_na_base_pair_step.j_label_comp_id_1 
_ndb_struct_na_base_pair_step.j_label_seq_id_1 
_ndb_struct_na_base_pair_step.j_symmetry_1 
_ndb_struct_na_base_pair_step.i_label_asym_id_2 
_ndb_struct_na_base_pair_step.i_label_comp_id_2 
_ndb_struct_na_base_pair_step.i_label_seq_id_2 
_ndb_struct_na_base_pair_step.i_symmetry_2 
_ndb_struct_na_base_pair_step.j_label_asym_id_2 
_ndb_struct_na_base_pair_step.j_label_comp_id_2 
_ndb_struct_na_base_pair_step.j_label_seq_id_2 
_ndb_struct_na_base_pair_step.j_symmetry_2 
_ndb_struct_na_base_pair_step.shift 
_ndb_struct_na_base_pair_step.slide 
_ndb_struct_na_base_pair_step.rise 
_ndb_struct_na_base_pair_step.tilt 
_ndb_struct_na_base_pair_step.roll 
_ndb_struct_na_base_pair_step.twist 
_ndb_struct_na_base_pair_step.x_displacement 
_ndb_struct_na_base_pair_step.y_displacement 
_ndb_struct_na_base_pair_step.helical_rise 
_ndb_struct_na_base_pair_step.inclination 
_ndb_struct_na_base_pair_step.tip 
_ndb_struct_na_base_pair_step.helical_twist 
_ndb_struct_na_base_pair_step.step_number 
_ndb_struct_na_base_pair_step.step_name 
_ndb_struct_na_base_pair_step.i_auth_asym_id_1 
_ndb_struct_na_base_pair_step.i_auth_seq_id_1 
_ndb_struct_na_base_pair_step.i_PDB_ins_code_1 
_ndb_struct_na_base_pair_step.j_auth_asym_id_1 
_ndb_struct_na_base_pair_step.j_auth_seq_id_1 
_ndb_struct_na_base_pair_step.j_PDB_ins_code_1 
_ndb_struct_na_base_pair_step.i_auth_asym_id_2 
_ndb_struct_na_base_pair_step.i_auth_seq_id_2 
_ndb_struct_na_base_pair_step.i_PDB_ins_code_2 
_ndb_struct_na_base_pair_step.j_auth_asym_id_2 
_ndb_struct_na_base_pair_step.j_auth_seq_id_2 
_ndb_struct_na_base_pair_step.j_PDB_ins_code_2 
1 A CBV 1 1_555 B G 8 1_555 A G 2 1_555 B C   7 1_555 -0.809 -1.738 3.347 0.201 17.411 28.795 -5.536 1.431  1.996 31.626 -0.366 
33.555 1 AA_CBV1G2:C7G8_BB A 1 ? B 8 ? A 2 ? B 7 ? 
1 A G   2 1_555 B C 7 1_555 A A 3 1_555 B U   6 1_555 0.096  -1.341 3.169 0.785 9.588  30.421 -4.030 -0.044 2.637 17.723 -1.451 
31.872 2 AA_G2A3:U6C7_BB   A 2 ? B 7 ? A 3 ? B 6 ? 
1 A U   6 1_555 B A 3 1_555 A C 7 1_555 B G   2 1_555 0.633  -1.217 3.171 0.021 6.001  33.532 -2.975 -1.077 2.917 10.298 -0.036 
34.050 3 AA_U6C7:G2A3_BB   A 6 ? B 3 ? A 7 ? B 2 ? 
1 A C   7 1_555 B G 2 1_555 A G 8 1_555 B CBV 1 1_555 0.107  -1.742 3.329 0.145 13.106 31.178 -4.947 -0.163 2.422 23.145 -0.255 
33.758 4 AA_C7G8:CBV1G2_BB A 7 ? B 2 ? A 8 ? B 1 ? 
# 
_pdbx_entity_instance_feature.ordinal        1 
_pdbx_entity_instance_feature.comp_id        UOA 
_pdbx_entity_instance_feature.asym_id        ? 
_pdbx_entity_instance_feature.seq_num        ? 
_pdbx_entity_instance_feature.auth_comp_id   UOA 
_pdbx_entity_instance_feature.auth_asym_id   ? 
_pdbx_entity_instance_feature.auth_seq_num   ? 
_pdbx_entity_instance_feature.feature_type   'SUBJECT OF INVESTIGATION' 
_pdbx_entity_instance_feature.details        ? 
# 
_atom_sites.entry_id                    6CY2 
_atom_sites.fract_transf_matrix[1][1]   0.01761350 
_atom_sites.fract_transf_matrix[1][2]   0.02353087 
_atom_sites.fract_transf_matrix[1][3]   -0.01199463 
_atom_sites.fract_transf_matrix[2][1]   -0.02596104 
_atom_sites.fract_transf_matrix[2][2]   0.01277301 
_atom_sites.fract_transf_matrix[2][3]   -0.01306458 
_atom_sites.fract_transf_matrix[3][1]   -0.00178756 
_atom_sites.fract_transf_matrix[3][2]   0.00627686 
_atom_sites.fract_transf_matrix[3][3]   0.00968890 
_atom_sites.fract_transf_vector[1]      0.450447 
_atom_sites.fract_transf_vector[2]      -0.062554 
_atom_sites.fract_transf_vector[3]      -0.084826 
# 
loop_
_atom_type.symbol 
BR 
C  
H  
N  
O  
P  
# 
loop_
_atom_site.group_PDB 
_atom_site.id 
_atom_site.type_symbol 
_atom_site.label_atom_id 
_atom_site.label_alt_id 
_atom_site.label_comp_id 
_atom_site.label_asym_id 
_atom_site.label_entity_id 
_atom_site.label_seq_id 
_atom_site.pdbx_PDB_ins_code 
_atom_site.Cartn_x 
_atom_site.Cartn_y 
_atom_site.Cartn_z 
_atom_site.occupancy 
_atom_site.B_iso_or_equiv 
_atom_site.pdbx_formal_charge 
_atom_site.auth_seq_id 
_atom_site.auth_comp_id 
_atom_site.auth_asym_id 
_atom_site.auth_atom_id 
_atom_site.pdbx_PDB_model_num 
HETATM 1   O  "O5'"  . CBV A 1 1 ? -1.075  12.487  0.037   1.00 30.06 ? 1   CBV A "O5'"  1 
HETATM 2   C  "C5'"  . CBV A 1 1 ? -0.413  13.718  -0.064  1.00 31.60 ? 1   CBV A "C5'"  1 
HETATM 3   C  "C4'"  . CBV A 1 1 ? 0.804   13.673  0.887   1.00 31.47 ? 1   CBV A "C4'"  1 
HETATM 4   O  "O4'"  . CBV A 1 1 ? 0.390   13.510  2.274   1.00 31.78 ? 1   CBV A "O4'"  1 
HETATM 5   C  "C3'"  . CBV A 1 1 ? 1.804   12.528  0.707   1.00 30.63 ? 1   CBV A "C3'"  1 
HETATM 6   O  "O3'"  . CBV A 1 1 ? 2.633   12.687  -0.407  1.00 30.74 ? 1   CBV A "O3'"  1 
HETATM 7   C  "C2'"  . CBV A 1 1 ? 2.536   12.527  2.033   1.00 31.38 ? 1   CBV A "C2'"  1 
HETATM 8   O  "O2'"  . CBV A 1 1 ? 3.418   13.639  2.102   1.00 33.47 ? 1   CBV A "O2'"  1 
HETATM 9   C  "C1'"  . CBV A 1 1 ? 1.379   12.793  2.987   1.00 32.51 ? 1   CBV A "C1'"  1 
HETATM 10  N  N1     . CBV A 1 1 ? 0.738   11.549  3.451   1.00 31.50 ? 1   CBV A N1     1 
HETATM 11  C  C2     . CBV A 1 1 ? 1.319   10.898  4.453   1.00 31.98 ? 1   CBV A C2     1 
HETATM 12  O  O2     . CBV A 1 1 ? 2.366   11.299  4.944   1.00 33.48 ? 1   CBV A O2     1 
HETATM 13  N  N3     . CBV A 1 1 ? 0.747   9.755   4.920   1.00 30.29 ? 1   CBV A N3     1 
HETATM 14  C  C4     . CBV A 1 1 ? -0.420  9.319   4.376   1.00 30.00 ? 1   CBV A C4     1 
HETATM 15  N  N4     . CBV A 1 1 ? -0.968  8.221   4.837   1.00 29.78 ? 1   CBV A N4     1 
HETATM 16  C  C5     . CBV A 1 1 ? -1.054  9.982   3.346   1.00 29.05 ? 1   CBV A C5     1 
HETATM 17  C  C6     . CBV A 1 1 ? -0.464  11.131  2.854   1.00 31.51 ? 1   CBV A C6     1 
HETATM 18  BR BR     . CBV A 1 1 ? -2.607  9.294   2.645   0.69 31.05 ? 1   CBV A BR     1 
HETATM 19  H  "H5'1" . CBV A 1 1 ? -0.078  13.877  -1.089  1.00 37.93 ? 1   CBV A "H5'1" 1 
HETATM 20  H  "H5'2" . CBV A 1 1 ? -1.084  14.525  0.229   1.00 37.93 ? 1   CBV A "H5'2" 1 
HETATM 21  H  "H4'"  . CBV A 1 1 ? 1.318   14.628  0.769   1.00 37.76 ? 1   CBV A "H4'"  1 
HETATM 22  H  "H3'"  . CBV A 1 1 ? 1.261   11.588  0.602   1.00 36.76 ? 1   CBV A "H3'"  1 
HETATM 23  H  "H2'"  . CBV A 1 1 ? 3.040   11.581  2.236   1.00 37.66 ? 1   CBV A "H2'"  1 
HETATM 24  H  "HO2'" . CBV A 1 1 ? 2.887   14.486  2.119   1.00 40.17 ? 1   CBV A "HO2'" 1 
HETATM 25  H  "H1'"  . CBV A 1 1 ? 1.751   13.372  3.832   1.00 39.02 ? 1   CBV A "H1'"  1 
HETATM 26  H  HN41   . CBV A 1 1 ? -1.824  7.885   4.444   1.00 35.74 ? 1   CBV A HN41   1 
HETATM 27  H  HN42   . CBV A 1 1 ? -0.530  7.720   5.584   1.00 35.74 ? 1   CBV A HN42   1 
ATOM   28  P  P      . G   A 1 2 ? 3.217   11.404  -1.147  1.00 30.28 ? 2   G   A P      1 
ATOM   29  O  OP1    . G   A 1 2 ? 3.828   11.951  -2.381  1.00 34.16 ? 2   G   A OP1    1 
ATOM   30  O  OP2    . G   A 1 2 ? 2.167   10.360  -1.286  1.00 31.59 ? 2   G   A OP2    1 
ATOM   31  O  "O5'"  . G   A 1 2 ? 4.329   10.863  -0.150  1.00 29.61 ? 2   G   A "O5'"  1 
ATOM   32  C  "C5'"  . G   A 1 2 ? 5.561   11.542  0.015   1.00 29.16 ? 2   G   A "C5'"  1 
ATOM   33  C  "C4'"  . G   A 1 2 ? 6.471   10.735  0.899   1.00 30.36 ? 2   G   A "C4'"  1 
ATOM   34  O  "O4'"  . G   A 1 2 ? 5.933   10.677  2.247   1.00 30.53 ? 2   G   A "O4'"  1 
ATOM   35  C  "C3'"  . G   A 1 2 ? 6.632   9.272   0.528   1.00 30.73 ? 2   G   A "C3'"  1 
ATOM   36  O  "O3'"  . G   A 1 2 ? 7.475   9.058   -0.587  1.00 29.72 ? 2   G   A "O3'"  1 
ATOM   37  C  "C2'"  . G   A 1 2 ? 7.140   8.691   1.835   1.00 31.41 ? 2   G   A "C2'"  1 
ATOM   38  O  "O2'"  . G   A 1 2 ? 8.481   9.077   2.087   1.00 31.91 ? 2   G   A "O2'"  1 
ATOM   39  C  "C1'"  . G   A 1 2 ? 6.243   9.425   2.823   1.00 30.42 ? 2   G   A "C1'"  1 
ATOM   40  N  N9     . G   A 1 2 ? 4.990   8.696   3.074   1.00 28.74 ? 2   G   A N9     1 
ATOM   41  C  C8     . G   A 1 2 ? 3.759   8.923   2.513   1.00 27.83 ? 2   G   A C8     1 
ATOM   42  N  N7     . G   A 1 2 ? 2.842   8.112   2.952   1.00 28.81 ? 2   G   A N7     1 
ATOM   43  C  C5     . G   A 1 2 ? 3.524   7.305   3.846   1.00 27.32 ? 2   G   A C5     1 
ATOM   44  C  C6     . G   A 1 2 ? 3.076   6.242   4.642   1.00 26.20 ? 2   G   A C6     1 
ATOM   45  O  O6     . G   A 1 2 ? 1.932   5.803   4.690   1.00 27.26 ? 2   G   A O6     1 
ATOM   46  N  N1     . G   A 1 2 ? 4.073   5.674   5.418   1.00 26.79 ? 2   G   A N1     1 
ATOM   47  C  C2     . G   A 1 2 ? 5.371   6.097   5.418   1.00 27.41 ? 2   G   A C2     1 
ATOM   48  N  N2     . G   A 1 2 ? 6.225   5.454   6.226   1.00 28.14 ? 2   G   A N2     1 
ATOM   49  N  N3     . G   A 1 2 ? 5.817   7.107   4.691   1.00 29.05 ? 2   G   A N3     1 
ATOM   50  C  C4     . G   A 1 2 ? 4.845   7.649   3.938   1.00 28.20 ? 2   G   A C4     1 
ATOM   51  H  "H5'"  . G   A 1 2 ? 5.401   12.409  0.420   1.00 35.00 ? 2   G   A "H5'"  1 
ATOM   52  H  "H5''" . G   A 1 2 ? 5.979   11.670  -0.851  1.00 35.00 ? 2   G   A "H5''" 1 
ATOM   53  H  "H4'"  . G   A 1 2 ? 7.341   11.164  0.918   1.00 36.43 ? 2   G   A "H4'"  1 
ATOM   54  H  "H3'"  . G   A 1 2 ? 5.767   8.886   0.317   1.00 36.88 ? 2   G   A "H3'"  1 
ATOM   55  H  "H2'"  . G   A 1 2 ? 7.036   7.727   1.870   1.00 37.69 ? 2   G   A "H2'"  1 
ATOM   56  H  "HO2'" . G   A 1 2 ? 8.895   9.119   1.357   1.00 38.30 ? 2   G   A "HO2'" 1 
ATOM   57  H  "H1'"  . G   A 1 2 ? 6.710   9.556   3.663   1.00 36.51 ? 2   G   A "H1'"  1 
ATOM   58  H  H8     . G   A 1 2 ? 3.597   9.589   1.884   1.00 33.40 ? 2   G   A H8     1 
ATOM   59  H  H1     . G   A 1 2 ? 3.862   5.016   5.930   1.00 32.16 ? 2   G   A H1     1 
ATOM   60  H  H21    . G   A 1 2 ? 5.950   4.795   6.706   1.00 33.77 ? 2   G   A H21    1 
ATOM   61  H  H22    . G   A 1 2 ? 7.049   5.700   6.264   1.00 33.77 ? 2   G   A H22    1 
ATOM   62  P  P      . A   A 1 3 ? 7.148   7.902   -1.666  1.00 29.43 ? 3   A   A P      1 
ATOM   63  O  OP1    . A   A 1 3 ? 8.147   8.037   -2.756  1.00 31.32 ? 3   A   A OP1    1 
ATOM   64  O  OP2    . A   A 1 3 ? 5.695   7.785   -1.928  1.00 33.50 ? 3   A   A OP2    1 
ATOM   65  O  "O5'"  . A   A 1 3 ? 7.515   6.562   -0.914  1.00 27.30 ? 3   A   A "O5'"  1 
ATOM   66  C  "C5'"  . A   A 1 3 ? 8.855   6.330   -0.566  1.00 26.59 ? 3   A   A "C5'"  1 
ATOM   67  C  "C4'"  . A   A 1 3 ? 8.963   5.167   0.360   1.00 24.31 ? 3   A   A "C4'"  1 
ATOM   68  O  "O4'"  . A   A 1 3 ? 8.274   5.453   1.603   1.00 23.51 ? 3   A   A "O4'"  1 
ATOM   69  C  "C3'"  . A   A 1 3 ? 8.344   3.857   -0.093  1.00 22.64 ? 3   A   A "C3'"  1 
ATOM   70  O  "O3'"  . A   A 1 3 ? 9.127   3.209   -1.071  1.00 21.70 ? 3   A   A "O3'"  1 
ATOM   71  C  "C2'"  . A   A 1 3 ? 8.258   3.117   1.225   1.00 22.54 ? 3   A   A "C2'"  1 
ATOM   72  O  "O2'"  . A   A 1 3 ? 9.553   2.709   1.641   1.00 24.68 ? 3   A   A "O2'"  1 
ATOM   73  C  "C1'"  . A   A 1 3 ? 7.779   4.248   2.142   1.00 22.32 ? 3   A   A "C1'"  1 
ATOM   74  N  N9     . A   A 1 3 ? 6.312   4.297   2.132   1.00 22.38 ? 3   A   A N9     1 
ATOM   75  C  C8     . A   A 1 3 ? 5.481   5.077   1.360   1.00 21.65 ? 3   A   A C8     1 
ATOM   76  N  N7     . A   A 1 3 ? 4.208   4.837   1.574   1.00 22.55 ? 3   A   A N7     1 
ATOM   77  C  C5     . A   A 1 3 ? 4.220   3.810   2.505   1.00 22.50 ? 3   A   A C5     1 
ATOM   78  C  C6     . A   A 1 3 ? 3.209   3.091   3.152   1.00 22.18 ? 3   A   A C6     1 
ATOM   79  N  N6     . A   A 1 3 ? 1.919   3.275   2.925   1.00 22.36 ? 3   A   A N6     1 
ATOM   80  N  N1     . A   A 1 3 ? 3.540   2.129   4.029   1.00 23.05 ? 3   A   A N1     1 
ATOM   81  C  C2     . A   A 1 3 ? 4.838   1.924   4.254   1.00 23.27 ? 3   A   A C2     1 
ATOM   82  N  N3     . A   A 1 3 ? 5.901   2.529   3.722   1.00 23.07 ? 3   A   A N3     1 
ATOM   83  C  C4     . A   A 1 3 ? 5.512   3.468   2.847   1.00 22.38 ? 3   A   A C4     1 
ATOM   84  H  "H5'"  . A   A 1 3 ? 9.215   7.120   -0.132  1.00 31.92 ? 3   A   A "H5'"  1 
ATOM   85  H  "H5''" . A   A 1 3 ? 9.368   6.149   -1.369  1.00 31.92 ? 3   A   A "H5''" 1 
ATOM   86  H  "H4'"  . A   A 1 3 ? 9.905   5.017   0.538   1.00 29.18 ? 3   A   A "H4'"  1 
ATOM   87  H  "H3'"  . A   A 1 3 ? 7.454   3.995   -0.451  1.00 27.18 ? 3   A   A "H3'"  1 
ATOM   88  H  "H2'"  . A   A 1 3 ? 7.635   2.373   1.205   1.00 27.05 ? 3   A   A "H2'"  1 
ATOM   89  H  "HO2'" . A   A 1 3 ? 9.918   3.342   2.056   1.00 29.62 ? 3   A   A "HO2'" 1 
ATOM   90  H  "H1'"  . A   A 1 3 ? 8.115   4.142   3.045   1.00 26.79 ? 3   A   A "H1'"  1 
ATOM   91  H  H8     . A   A 1 3 ? 5.789   5.708   0.751   1.00 25.99 ? 3   A   A H8     1 
ATOM   92  H  H61    . A   A 1 3 ? 1.338   2.789   3.331   1.00 26.84 ? 3   A   A H61    1 
ATOM   93  H  H62    . A   A 1 3 ? 1.662   3.880   2.371   1.00 26.84 ? 3   A   A H62    1 
ATOM   94  H  H2     . A   A 1 3 ? 5.032   1.260   4.876   1.00 27.93 ? 3   A   A H2     1 
ATOM   95  P  P      . A   A 1 4 ? 8.451   2.204   -2.130  1.00 23.64 ? 4   A   A P      1 
ATOM   96  O  OP1    . A   A 1 4 ? 9.509   1.876   -3.141  1.00 26.94 ? 4   A   A OP1    1 
ATOM   97  O  OP2    . A   A 1 4 ? 7.147   2.728   -2.594  1.00 25.27 ? 4   A   A OP2    1 
ATOM   98  O  "O5'"  . A   A 1 4 ? 8.080   0.924   -1.262  1.00 23.79 ? 4   A   A "O5'"  1 
ATOM   99  C  "C5'"  . A   A 1 4 ? 9.088   0.195   -0.588  1.00 26.03 ? 4   A   A "C5'"  1 
ATOM   100 C  "C4'"  . A   A 1 4 ? 8.492   -0.802  0.363   1.00 24.03 ? 4   A   A "C4'"  1 
ATOM   101 O  "O4'"  . A   A 1 4 ? 7.633   -0.126  1.320   1.00 22.79 ? 4   A   A "O4'"  1 
ATOM   102 C  "C3'"  . A   A 1 4 ? 7.591   -1.869  -0.248  1.00 22.91 ? 4   A   A "C3'"  1 
ATOM   103 O  "O3'"  . A   A 1 4 ? 8.338   -2.933  -0.802  1.00 24.44 ? 4   A   A "O3'"  1 
ATOM   104 C  "C2'"  . A   A 1 4 ? 6.746   -2.293  0.943   1.00 22.35 ? 4   A   A "C2'"  1 
ATOM   105 O  "O2'"  . A   A 1 4 ? 7.500   -3.132  1.805   1.00 24.10 ? 4   A   A "O2'"  1 
ATOM   106 C  "C1'"  . A   A 1 4 ? 6.542   -0.960  1.654   1.00 21.79 ? 4   A   A "C1'"  1 
ATOM   107 N  N9     . A   A 1 4 ? 5.306   -0.281  1.238   1.00 20.48 ? 4   A   A N9     1 
ATOM   108 C  C8     . A   A 1 4 ? 5.180   0.782   0.383   1.00 21.48 ? 4   A   A C8     1 
ATOM   109 N  N7     . A   A 1 4 ? 3.936   1.174   0.224   1.00 20.59 ? 4   A   A N7     1 
ATOM   110 C  C5     . A   A 1 4 ? 3.212   0.314   1.034   1.00 19.03 ? 4   A   A C5     1 
ATOM   111 C  C6     . A   A 1 4 ? 1.840   0.202   1.302   1.00 19.87 ? 4   A   A C6     1 
ATOM   112 N  N6     . A   A 1 4 ? 0.949   1.031   0.773   1.00 21.35 ? 4   A   A N6     1 
ATOM   113 N  N1     . A   A 1 4 ? 1.432   -0.755  2.154   1.00 21.21 ? 4   A   A N1     1 
ATOM   114 C  C2     . A   A 1 4 ? 2.370   -1.549  2.688   1.00 22.30 ? 4   A   A C2     1 
ATOM   115 N  N3     . A   A 1 4 ? 3.687   -1.538  2.506   1.00 21.15 ? 4   A   A N3     1 
ATOM   116 C  C4     . A   A 1 4 ? 4.042   -0.578  1.654   1.00 20.50 ? 4   A   A C4     1 
ATOM   117 H  "H5'"  . A   A 1 4 ? 9.649   0.812   -0.092  1.00 31.24 ? 4   A   A "H5'"  1 
ATOM   118 H  "H5''" . A   A 1 4 ? 9.632   -0.274  -1.240  1.00 31.24 ? 4   A   A "H5''" 1 
ATOM   119 H  "H4'"  . A   A 1 4 ? 9.213   -1.241  0.841   1.00 28.84 ? 4   A   A "H4'"  1 
ATOM   120 H  "H3'"  . A   A 1 4 ? 7.021   -1.475  -0.927  1.00 27.50 ? 4   A   A "H3'"  1 
ATOM   121 H  "H2'"  . A   A 1 4 ? 5.907   -2.697  0.670   1.00 26.82 ? 4   A   A "H2'"  1 
ATOM   122 H  "HO2'" . A   A 1 4 ? 7.667   -3.854  1.407   1.00 28.93 ? 4   A   A "HO2'" 1 
ATOM   123 H  "H1'"  . A   A 1 4 ? 6.519   -1.112  2.612   1.00 26.15 ? 4   A   A "H1'"  1 
ATOM   124 H  H8     . A   A 1 4 ? 5.900   1.187   -0.042  1.00 25.78 ? 4   A   A H8     1 
ATOM   125 H  H61    . A   A 1 4 ? 0.117   0.953   0.975   1.00 25.62 ? 4   A   A H61    1 
ATOM   126 H  H62    . A   A 1 4 ? 1.204   1.644   0.227   1.00 25.62 ? 4   A   A H62    1 
ATOM   127 H  H2     . A   A 1 4 ? 2.054   -2.202  3.270   1.00 26.77 ? 4   A   A H2     1 
HETATM 128 C  "C''"  . UOA A 1 5 ? 2.288   -7.845  1.470   1.00 21.79 ? 5   UOA A "C''"  1 
HETATM 129 C  "C1'"  . UOA A 1 5 ? 3.724   -5.480  0.600   1.00 19.14 ? 5   UOA A "C1'"  1 
HETATM 130 C  C2     . UOA A 1 5 ? 1.855   -4.064  0.125   1.00 18.38 ? 5   UOA A C2     1 
HETATM 131 C  "C2'"  . UOA A 1 5 ? 3.579   -6.781  -0.078  1.00 19.92 ? 5   UOA A "C2'"  1 
HETATM 132 C  "C3'"  . UOA A 1 5 ? 4.827   -6.812  -0.928  1.00 20.31 ? 5   UOA A "C3'"  1 
HETATM 133 C  C4     . UOA A 1 5 ? 1.993   -2.083  -1.213  1.00 18.32 ? 5   UOA A C4     1 
HETATM 134 C  "C4'"  . UOA A 1 5 ? 5.862   -6.239  -0.009  1.00 21.10 ? 5   UOA A "C4'"  1 
HETATM 135 C  C5     . UOA A 1 5 ? 3.349   -2.314  -1.449  1.00 18.82 ? 5   UOA A C5     1 
HETATM 136 C  "C5'"  . UOA A 1 5 ? 7.166   -5.878  -0.619  1.00 21.41 ? 5   UOA A "C5'"  1 
HETATM 137 C  C6     . UOA A 1 5 ? 3.932   -3.439  -0.874  1.00 19.13 ? 5   UOA A C6     1 
HETATM 138 C  CMC    . UOA A 1 5 ? 6.813   -6.715  2.229   1.00 25.51 ? 5   UOA A CMC    1 
HETATM 139 N  N1     . UOA A 1 5 ? 3.151   -4.306  -0.084  1.00 18.39 ? 5   UOA A N1     1 
HETATM 140 N  N3     . UOA A 1 5 ? 1.267   -2.956  -0.435  1.00 19.04 ? 5   UOA A N3     1 
HETATM 141 O  O2     . UOA A 1 5 ? 1.166   -4.816  0.812   1.00 20.52 ? 5   UOA A O2     1 
HETATM 142 O  "O2'"  . UOA A 1 5 ? 3.592   -7.834  0.940   1.00 20.26 ? 5   UOA A "O2'"  1 
HETATM 143 O  "O3'"  . UOA A 1 5 ? 5.123   -8.153  -1.271  1.00 20.38 ? 5   UOA A "O3'"  1 
HETATM 144 O  O4     . UOA A 1 5 ? 1.395   -1.106  -1.665  1.00 19.85 ? 5   UOA A O4     1 
HETATM 145 O  "O4'"  . UOA A 1 5 ? 5.180   -5.177  0.675   1.00 20.06 ? 5   UOA A "O4'"  1 
HETATM 146 O  "O5'"  . UOA A 1 5 ? 6.772   -4.765  -1.547  1.00 22.29 ? 5   UOA A "O5'"  1 
HETATM 147 O  OP1    . UOA A 1 5 ? 9.032   -4.393  -2.635  1.00 26.52 ? 5   UOA A OP1    1 
HETATM 148 O  OP2    . UOA A 1 5 ? 7.069   -2.785  -2.992  1.00 25.37 ? 5   UOA A OP2    1 
HETATM 149 P  P      . UOA A 1 5 ? 7.831   -3.711  -2.113  1.00 23.49 ? 5   UOA A P      1 
HETATM 150 O  OCM    . UOA A 1 5 ? 6.231   -7.322  0.961   1.00 23.28 ? 5   UOA A OCM    1 
HETATM 151 H  "H''"  . UOA A 1 5 ? 2.237   -8.554  2.298   1.00 26.15 ? 5   UOA A "H''"  1 
HETATM 152 H  H5X    . UOA A 1 5 ? 1.582   -8.141  0.695   1.00 26.15 ? 5   UOA A H5X    1 
HETATM 153 H  H5W    . UOA A 1 5 ? 2.033   -6.848  1.831   1.00 26.15 ? 5   UOA A H5W    1 
HETATM 154 H  "H1'"  . UOA A 1 5 ? 3.248   -5.657  1.565   1.00 22.97 ? 5   UOA A "H1'"  1 
HETATM 155 H  "H2'"  . UOA A 1 5 ? 2.683   -6.871  -0.691  1.00 23.91 ? 5   UOA A "H2'"  1 
HETATM 156 H  "H3'"  . UOA A 1 5 ? 4.740   -6.211  -1.833  1.00 24.38 ? 5   UOA A "H3'"  1 
HETATM 157 H  H5     . UOA A 1 5 ? 3.934   -1.633  -2.067  1.00 22.59 ? 5   UOA A H5     1 
HETATM 158 H  H5S    . UOA A 1 5 ? 7.875   -5.535  0.135   1.00 25.69 ? 5   UOA A H5S    1 
HETATM 159 H  "H5'"  . UOA A 1 5 ? 7.595   -6.718  -1.165  1.00 25.69 ? 5   UOA A "H5'"  1 
HETATM 160 H  H6     . UOA A 1 5 ? 4.990   -3.649  -1.034  1.00 22.96 ? 5   UOA A H6     1 
HETATM 161 H  HMC    . UOA A 1 5 ? 6.984   -7.503  2.964   1.00 30.61 ? 5   UOA A HMC    1 
HETATM 162 H  H5U    . UOA A 1 5 ? 6.114   -5.984  2.637   1.00 30.61 ? 5   UOA A H5U    1 
HETATM 163 H  H5V    . UOA A 1 5 ? 7.757   -6.223  1.998   1.00 30.61 ? 5   UOA A H5V    1 
HETATM 164 H  H3     . UOA A 1 5 ? 0.296   -2.781  -0.273  1.00 22.85 ? 5   UOA A H3     1 
ATOM   165 P  P      . U   A 1 6 ? 4.756   -8.699  -2.734  1.00 20.68 ? 6   U   A P      1 
ATOM   166 O  OP1    . U   A 1 6 ? 5.536   -9.954  -2.841  1.00 23.69 ? 6   U   A OP1    1 
ATOM   167 O  OP2    . U   A 1 6 ? 4.920   -7.611  -3.731  1.00 22.00 ? 6   U   A OP2    1 
ATOM   168 O  "O5'"  . U   A 1 6 ? 3.199   -8.987  -2.684  1.00 19.68 ? 6   U   A "O5'"  1 
ATOM   169 C  "C5'"  . U   A 1 6 ? 2.688   -10.051 -1.916  1.00 20.59 ? 6   U   A "C5'"  1 
ATOM   170 C  "C4'"  . U   A 1 6 ? 1.188   -9.965  -1.866  1.00 20.38 ? 6   U   A "C4'"  1 
ATOM   171 O  "O4'"  . U   A 1 6 ? 0.798   -8.753  -1.170  1.00 20.81 ? 6   U   A "O4'"  1 
ATOM   172 C  "C3'"  . U   A 1 6 ? 0.458   -9.849  -3.189  1.00 21.17 ? 6   U   A "C3'"  1 
ATOM   173 O  "O3'"  . U   A 1 6 ? 0.320   -11.079 -3.858  1.00 22.11 ? 6   U   A "O3'"  1 
ATOM   174 C  "C2'"  . U   A 1 6 ? -0.872  -9.265  -2.755  1.00 20.45 ? 6   U   A "C2'"  1 
ATOM   175 O  "O2'"  . U   A 1 6 ? -1.646  -10.261 -2.093  1.00 23.11 ? 6   U   A "O2'"  1 
ATOM   176 C  "C1'"  . U   A 1 6 ? -0.411  -8.263  -1.720  1.00 21.64 ? 6   U   A "C1'"  1 
ATOM   177 N  N1     . U   A 1 6 ? -0.154  -6.924  -2.283  1.00 19.82 ? 6   U   A N1     1 
ATOM   178 C  C2     . U   A 1 6 ? -1.213  -6.056  -2.383  1.00 20.83 ? 6   U   A C2     1 
ATOM   179 O  O2     . U   A 1 6 ? -2.329  -6.395  -2.053  1.00 21.79 ? 6   U   A O2     1 
ATOM   180 N  N3     . U   A 1 6 ? -0.923  -4.811  -2.874  1.00 18.78 ? 6   U   A N3     1 
ATOM   181 C  C4     . U   A 1 6 ? 0.327   -4.382  -3.260  1.00 18.48 ? 6   U   A C4     1 
ATOM   182 O  O4     . U   A 1 6 ? 0.450   -3.235  -3.674  1.00 20.00 ? 6   U   A O4     1 
ATOM   183 C  C5     . U   A 1 6 ? 1.383   -5.343  -3.140  1.00 18.93 ? 6   U   A C5     1 
ATOM   184 C  C6     . U   A 1 6 ? 1.114   -6.558  -2.667  1.00 20.38 ? 6   U   A C6     1 
ATOM   185 H  "H5'"  . U   A 1 6 ? 3.045   -10.003 -1.016  1.00 24.72 ? 6   U   A "H5'"  1 
ATOM   186 H  "H5''" . U   A 1 6 ? 2.951   -10.896 -2.315  1.00 24.72 ? 6   U   A "H5''" 1 
ATOM   187 H  "H4'"  . U   A 1 6 ? 0.858   -10.748 -1.396  1.00 24.46 ? 6   U   A "H4'"  1 
ATOM   188 H  "H3'"  . U   A 1 6 ? 0.930   -9.224  -3.762  1.00 25.41 ? 6   U   A "H3'"  1 
ATOM   189 H  "H2'"  . U   A 1 6 ? -1.356  -8.845  -3.484  1.00 24.54 ? 6   U   A "H2'"  1 
ATOM   190 H  "HO2'" . U   A 1 6 ? -1.772  -10.025 -1.297  1.00 27.73 ? 6   U   A "HO2'" 1 
ATOM   191 H  "H1'"  . U   A 1 6 ? -1.090  -8.188  -1.032  1.00 25.97 ? 6   U   A "H1'"  1 
ATOM   192 H  H3     . U   A 1 6 ? -1.573  -4.254  -2.947  1.00 22.54 ? 6   U   A H3     1 
ATOM   193 H  H5     . U   A 1 6 ? 2.251   -5.120  -3.390  1.00 22.72 ? 6   U   A H5     1 
ATOM   194 H  H6     . U   A 1 6 ? 1.804   -7.176  -2.595  1.00 24.46 ? 6   U   A H6     1 
ATOM   195 P  P      . C   A 1 7 ? 0.238   -11.114 -5.460  1.00 21.83 ? 7   C   A P      1 
ATOM   196 O  OP1    . C   A 1 7 ? 0.193   -12.566 -5.823  1.00 23.18 ? 7   C   A OP1    1 
ATOM   197 O  OP2    . C   A 1 7 ? 1.246   -10.213 -6.068  1.00 22.21 ? 7   C   A OP2    1 
ATOM   198 O  "O5'"  . C   A 1 7 ? -1.162  -10.466 -5.802  1.00 23.00 ? 7   C   A "O5'"  1 
ATOM   199 C  "C5'"  . C   A 1 7 ? -2.345  -11.096 -5.378  1.00 23.98 ? 7   C   A "C5'"  1 
ATOM   200 C  "C4'"  . C   A 1 7 ? -3.525  -10.200 -5.561  1.00 23.46 ? 7   C   A "C4'"  1 
ATOM   201 O  "O4'"  . C   A 1 7 ? -3.389  -9.018  -4.734  1.00 23.12 ? 7   C   A "O4'"  1 
ATOM   202 C  "C3'"  . C   A 1 7 ? -3.724  -9.629  -6.952  1.00 23.12 ? 7   C   A "C3'"  1 
ATOM   203 O  "O3'"  . C   A 1 7 ? -4.276  -10.556 -7.854  1.00 23.60 ? 7   C   A "O3'"  1 
ATOM   204 C  "C2'"  . C   A 1 7 ? -4.616  -8.435  -6.668  1.00 22.67 ? 7   C   A "C2'"  1 
ATOM   205 O  "O2'"  . C   A 1 7 ? -5.928  -8.860  -6.342  1.00 23.03 ? 7   C   A "O2'"  1 
ATOM   206 C  "C1'"  . C   A 1 7 ? -3.976  -7.911  -5.392  1.00 21.49 ? 7   C   A "C1'"  1 
ATOM   207 N  N1     . C   A 1 7 ? -2.923  -6.926  -5.705  1.00 20.85 ? 7   C   A N1     1 
ATOM   208 C  C2     . C   A 1 7 ? -3.336  -5.620  -5.922  1.00 19.72 ? 7   C   A C2     1 
ATOM   209 O  O2     . C   A 1 7 ? -4.548  -5.381  -5.835  1.00 21.54 ? 7   C   A O2     1 
ATOM   210 N  N3     . C   A 1 7 ? -2.423  -4.680  -6.231  1.00 20.02 ? 7   C   A N3     1 
ATOM   211 C  C4     . C   A 1 7 ? -1.139  -5.019  -6.315  1.00 19.79 ? 7   C   A C4     1 
ATOM   212 N  N4     . C   A 1 7 ? -0.255  -4.071  -6.624  1.00 21.05 ? 7   C   A N4     1 
ATOM   213 C  C5     . C   A 1 7 ? -0.692  -6.353  -6.095  1.00 20.70 ? 7   C   A C5     1 
ATOM   214 C  C6     . C   A 1 7 ? -1.611  -7.269  -5.801  1.00 20.00 ? 7   C   A C6     1 
ATOM   215 H  "H5'"  . C   A 1 7 ? -2.263  -11.329 -4.439  1.00 28.78 ? 7   C   A "H5'"  1 
ATOM   216 H  "H5''" . C   A 1 7 ? -2.477  -11.906 -5.894  1.00 28.78 ? 7   C   A "H5''" 1 
ATOM   217 H  "H4'"  . C   A 1 7 ? -4.321  -10.687 -5.295  1.00 28.16 ? 7   C   A "H4'"  1 
ATOM   218 H  "H3'"  . C   A 1 7 ? -2.875  -9.322  -7.307  1.00 27.75 ? 7   C   A "H3'"  1 
ATOM   219 H  "H2'"  . C   A 1 7 ? -4.608  -7.787  -7.390  1.00 27.21 ? 7   C   A "H2'"  1 
ATOM   220 H  "HO2'" . C   A 1 7 ? -6.240  -9.301  -6.986  1.00 27.64 ? 7   C   A "HO2'" 1 
ATOM   221 H  "H1'"  . C   A 1 7 ? -4.640  -7.512  -4.809  1.00 25.79 ? 7   C   A "H1'"  1 
ATOM   222 H  H41    . C   A 1 7 ? 0.581   -4.264  -6.684  1.00 25.26 ? 7   C   A H41    1 
ATOM   223 H  H42    . C   A 1 7 ? -0.520  -3.264  -6.761  1.00 25.26 ? 7   C   A H42    1 
ATOM   224 H  H5     . C   A 1 7 ? 0.208   -6.575  -6.154  1.00 24.85 ? 7   C   A H5     1 
ATOM   225 H  H6     . C   A 1 7 ? -1.354  -8.152  -5.662  1.00 24.00 ? 7   C   A H6     1 
ATOM   226 P  P      . G   A 1 8 ? -3.909  -10.439 -9.409  1.00 24.52 ? 8   G   A P      1 
ATOM   227 O  OP1    . G   A 1 8 ? -4.415  -11.700 -10.015 1.00 28.14 ? 8   G   A OP1    1 
ATOM   228 O  OP2    . G   A 1 8 ? -2.503  -10.031 -9.643  1.00 26.39 ? 8   G   A OP2    1 
ATOM   229 O  "O5'"  . G   A 1 8 ? -4.722  -9.173  -9.899  1.00 22.55 ? 8   G   A "O5'"  1 
ATOM   230 C  "C5'"  . G   A 1 8 ? -6.133  -9.192  -9.888  1.00 22.56 ? 8   G   A "C5'"  1 
ATOM   231 C  "C4'"  . G   A 1 8 ? -6.681  -7.833  -10.188 1.00 22.69 ? 8   G   A "C4'"  1 
ATOM   232 O  "O4'"  . G   A 1 8 ? -6.203  -6.881  -9.200  1.00 21.93 ? 8   G   A "O4'"  1 
ATOM   233 C  "C3'"  . G   A 1 8 ? -6.256  -7.215  -11.512 1.00 24.36 ? 8   G   A "C3'"  1 
ATOM   234 O  "O3'"  . G   A 1 8 ? -6.960  -7.730  -12.622 1.00 26.04 ? 8   G   A "O3'"  1 
ATOM   235 C  "C2'"  . G   A 1 8 ? -6.541  -5.751  -11.256 1.00 22.86 ? 8   G   A "C2'"  1 
ATOM   236 O  "O2'"  . G   A 1 8 ? -7.941  -5.530  -11.280 1.00 24.72 ? 8   G   A "O2'"  1 
ATOM   237 C  "C1'"  . G   A 1 8 ? -6.051  -5.616  -9.814  1.00 21.23 ? 8   G   A "C1'"  1 
ATOM   238 N  N9     . G   A 1 8 ? -4.628  -5.253  -9.759  1.00 21.39 ? 8   G   A N9     1 
ATOM   239 C  C8     . G   A 1 8 ? -3.563  -6.063  -9.460  1.00 20.57 ? 8   G   A C8     1 
ATOM   240 N  N7     . G   A 1 8 ? -2.406  -5.447  -9.495  1.00 20.51 ? 8   G   A N7     1 
ATOM   241 C  C5     . G   A 1 8 ? -2.752  -4.152  -9.828  1.00 20.34 ? 8   G   A C5     1 
ATOM   242 C  C6     . G   A 1 8 ? -1.946  -3.008  -10.008 1.00 21.22 ? 8   G   A C6     1 
ATOM   243 O  O6     . G   A 1 8 ? -0.720  -2.890  -9.886  1.00 20.98 ? 8   G   A O6     1 
ATOM   244 N  N1     . G   A 1 8 ? -2.718  -1.909  -10.359 1.00 22.33 ? 8   G   A N1     1 
ATOM   245 C  C2     . G   A 1 8 ? -4.081  -1.904  -10.511 1.00 22.66 ? 8   G   A C2     1 
ATOM   246 N  N2     . G   A 1 8 ? -4.645  -0.740  -10.851 1.00 23.82 ? 8   G   A N2     1 
ATOM   247 N  N3     . G   A 1 8 ? -4.842  -2.949  -10.335 1.00 21.98 ? 8   G   A N3     1 
ATOM   248 C  C4     . G   A 1 8 ? -4.110  -4.022  -10.001 1.00 21.49 ? 8   G   A C4     1 
ATOM   249 H  "H5'"  . G   A 1 8 ? -6.443  -9.476  -9.014  1.00 27.08 ? 8   G   A "H5'"  1 
ATOM   250 H  "H5''" . G   A 1 8 ? -6.450  -9.820  -10.555 1.00 27.08 ? 8   G   A "H5''" 1 
ATOM   251 H  "H4'"  . G   A 1 8 ? -7.649  -7.873  -10.154 1.00 27.24 ? 8   G   A "H4'"  1 
ATOM   252 H  "H3'"  . G   A 1 8 ? -5.306  -7.359  -11.650 1.00 29.23 ? 8   G   A "H3'"  1 
ATOM   253 H  "H2'"  . G   A 1 8 ? -6.064  -5.159  -11.858 1.00 27.44 ? 8   G   A "H2'"  1 
ATOM   254 H  "HO2'" . G   A 1 8 ? -8.089  -4.705  -11.216 1.00 29.66 ? 8   G   A "HO2'" 1 
ATOM   255 H  "H1'"  . G   A 1 8 ? -6.581  -4.953  -9.345  1.00 25.48 ? 8   G   A "H1'"  1 
ATOM   256 H  H8     . G   A 1 8 ? -3.653  -6.965  -9.253  1.00 24.69 ? 8   G   A H8     1 
ATOM   257 H  H1     . G   A 1 8 ? -2.305  -1.167  -10.493 1.00 26.81 ? 8   G   A H1     1 
ATOM   258 H  H21    . G   A 1 8 ? -4.155  -0.044  -10.969 1.00 28.59 ? 8   G   A H21    1 
ATOM   259 H  H22    . G   A 1 8 ? -5.498  -0.688  -10.950 1.00 28.59 ? 8   G   A H22    1 
HETATM 260 O  "O5'"  . CBV B 1 1 ? 0.884   5.975   -10.483 1.00 27.37 ? 1   CBV B "O5'"  1 
HETATM 261 C  "C5'"  . CBV B 1 1 ? -0.007  6.882   -11.106 1.00 25.83 ? 1   CBV B "C5'"  1 
HETATM 262 C  "C4'"  . CBV B 1 1 ? -1.310  6.213   -11.460 1.00 24.04 ? 1   CBV B "C4'"  1 
HETATM 263 O  "O4'"  . CBV B 1 1 ? -1.077  5.045   -12.291 1.00 24.14 ? 1   CBV B "O4'"  1 
HETATM 264 C  "C3'"  . CBV B 1 1 ? -2.131  5.669   -10.300 1.00 23.93 ? 1   CBV B "C3'"  1 
HETATM 265 O  "O3'"  . CBV B 1 1 ? -2.834  6.679   -9.629  1.00 24.56 ? 1   CBV B "O3'"  1 
HETATM 266 C  "C2'"  . CBV B 1 1 ? -3.022  4.656   -10.996 1.00 24.65 ? 1   CBV B "C2'"  1 
HETATM 267 O  "O2'"  . CBV B 1 1 ? -4.041  5.336   -11.724 1.00 25.56 ? 1   CBV B "O2'"  1 
HETATM 268 C  "C1'"  . CBV B 1 1 ? -2.035  4.050   -11.992 1.00 23.83 ? 1   CBV B "C1'"  1 
HETATM 269 N  N1     . CBV B 1 1 ? -1.321  2.900   -11.397 1.00 23.91 ? 1   CBV B N1     1 
HETATM 270 C  C2     . CBV B 1 1 ? -1.954  1.718   -11.283 1.00 23.20 ? 1   CBV B C2     1 
HETATM 271 O  O2     . CBV B 1 1 ? -3.120  1.582   -11.658 1.00 24.56 ? 1   CBV B O2     1 
HETATM 272 N  N3     . CBV B 1 1 ? -1.311  0.630   -10.737 1.00 22.45 ? 1   CBV B N3     1 
HETATM 273 C  C4     . CBV B 1 1 ? -0.023  0.772   -10.303 1.00 22.31 ? 1   CBV B C4     1 
HETATM 274 N  N4     . CBV B 1 1 ? 0.588   -0.271  -9.761  1.00 22.75 ? 1   CBV B N4     1 
HETATM 275 C  C5     . CBV B 1 1 ? 0.656   1.979   -10.399 1.00 22.27 ? 1   CBV B C5     1 
HETATM 276 C  C6     . CBV B 1 1 ? -0.001  3.057   -10.960 1.00 24.81 ? 1   CBV B C6     1 
HETATM 277 BR BR     . CBV B 1 1 ? 2.384   2.223   -9.867  0.67 25.11 ? 1   CBV B BR     1 
HETATM 278 H  "H5'1" . CBV B 1 1 ? 0.454   7.264   -12.016 1.00 31.00 ? 1   CBV B "H5'1" 1 
HETATM 279 H  "H5'2" . CBV B 1 1 ? -0.207  7.709   -10.424 1.00 31.00 ? 1   CBV B "H5'2" 1 
HETATM 280 H  "H4'"  . CBV B 1 1 ? -1.913  6.927   -12.020 1.00 28.85 ? 1   CBV B "H4'"  1 
HETATM 281 H  "H3'"  . CBV B 1 1 ? -1.485  5.151   -9.592  1.00 28.72 ? 1   CBV B "H3'"  1 
HETATM 282 H  "H2'"  . CBV B 1 1 ? -3.428  3.905   -10.317 1.00 29.58 ? 1   CBV B "H2'"  1 
HETATM 283 H  "HO2'" . CBV B 1 1 ? -3.621  5.927   -12.413 1.00 30.67 ? 1   CBV B "HO2'" 1 
HETATM 284 H  "H1'"  . CBV B 1 1 ? -2.554  3.749   -12.903 1.00 28.61 ? 1   CBV B "H1'"  1 
HETATM 285 H  HN41   . CBV B 1 1 ? 1.525   -0.184  -9.428  1.00 27.31 ? 1   CBV B HN41   1 
HETATM 286 H  HN42   . CBV B 1 1 ? 0.110   -1.147  -9.687  1.00 27.31 ? 1   CBV B HN42   1 
ATOM   287 P  P      . G   B 1 2 ? -3.088  6.573   -8.062  1.00 27.68 ? 2   G   B P      1 
ATOM   288 O  OP1    . G   B 1 2 ? -3.712  7.886   -7.736  1.00 29.88 ? 2   G   B OP1    1 
ATOM   289 O  OP2    . G   B 1 2 ? -1.874  6.090   -7.363  1.00 29.18 ? 2   G   B OP2    1 
ATOM   290 O  "O5'"  . G   B 1 2 ? -4.167  5.411   -7.930  1.00 25.14 ? 2   G   B "O5'"  1 
ATOM   291 C  "C5'"  . G   B 1 2 ? -5.467  5.576   -8.481  1.00 24.69 ? 2   G   B "C5'"  1 
ATOM   292 C  "C4'"  . G   B 1 2 ? -6.292  4.325   -8.344  1.00 23.91 ? 2   G   B "C4'"  1 
ATOM   293 O  "O4'"  . G   B 1 2 ? -5.678  3.255   -9.098  1.00 24.72 ? 2   G   B "O4'"  1 
ATOM   294 C  "C3'"  . G   B 1 2 ? -6.417  3.754   -6.942  1.00 24.67 ? 2   G   B "C3'"  1 
ATOM   295 O  "O3'"  . G   B 1 2 ? -7.403  4.401   -6.177  1.00 25.86 ? 2   G   B "O3'"  1 
ATOM   296 C  "C2'"  . G   B 1 2 ? -6.721  2.290   -7.202  1.00 24.47 ? 2   G   B "C2'"  1 
ATOM   297 O  "O2'"  . G   B 1 2 ? -8.076  2.088   -7.588  1.00 25.75 ? 2   G   B "O2'"  1 
ATOM   298 C  "C1'"  . G   B 1 2 ? -5.845  2.029   -8.410  1.00 24.36 ? 2   G   B "C1'"  1 
ATOM   299 N  N9     . G   B 1 2 ? -4.522  1.492   -8.054  1.00 23.51 ? 2   G   B N9     1 
ATOM   300 C  C8     . G   B 1 2 ? -3.310  2.135   -8.104  1.00 24.84 ? 2   G   B C8     1 
ATOM   301 N  N7     . G   B 1 2 ? -2.311  1.367   -7.768  1.00 23.06 ? 2   G   B N7     1 
ATOM   302 C  C5     . G   B 1 2 ? -2.895  0.140   -7.505  1.00 22.42 ? 2   G   B C5     1 
ATOM   303 C  C6     . G   B 1 2 ? -2.313  -1.094  -7.099  1.00 20.86 ? 2   G   B C6     1 
ATOM   304 O  O6     . G   B 1 2 ? -1.123  -1.357  -6.910  1.00 21.83 ? 2   G   B O6     1 
ATOM   305 N  N1     . G   B 1 2 ? -3.285  -2.074  -6.932  1.00 21.07 ? 2   G   B N1     1 
ATOM   306 C  C2     . G   B 1 2 ? -4.637  -1.889  -7.125  1.00 22.66 ? 2   G   B C2     1 
ATOM   307 N  N2     . G   B 1 2 ? -5.448  -2.939  -6.922  1.00 23.33 ? 2   G   B N2     1 
ATOM   308 N  N3     . G   B 1 2 ? -5.194  -0.754  -7.505  1.00 21.98 ? 2   G   B N3     1 
ATOM   309 C  C4     . G   B 1 2 ? -4.263  0.209   -7.674  1.00 21.96 ? 2   G   B C4     1 
ATOM   310 H  "H5'"  . G   B 1 2 ? -5.385  5.800   -9.421  1.00 29.63 ? 2   G   B "H5'"  1 
ATOM   311 H  "H5''" . G   B 1 2 ? -5.915  6.303   -8.021  1.00 29.63 ? 2   G   B "H5''" 1 
ATOM   312 H  "H4'"  . G   B 1 2 ? -7.181  4.496   -8.693  1.00 28.70 ? 2   G   B "H4'"  1 
ATOM   313 H  "H3'"  . G   B 1 2 ? -5.560  3.826   -6.492  1.00 29.61 ? 2   G   B "H3'"  1 
ATOM   314 H  "H2'"  . G   B 1 2 ? -6.485  1.739   -6.439  1.00 29.37 ? 2   G   B "H2'"  1 
ATOM   315 H  "HO2'" . G   B 1 2 ? -8.518  2.778   -7.407  1.00 30.91 ? 2   G   B "HO2'" 1 
ATOM   316 H  "H1'"  . G   B 1 2 ? -6.290  1.393   -8.992  1.00 29.24 ? 2   G   B "H1'"  1 
ATOM   317 H  H8     . G   B 1 2 ? -3.212  3.026   -8.352  1.00 29.82 ? 2   G   B H8     1 
ATOM   318 H  H1     . G   B 1 2 ? -3.022  -2.855  -6.688  1.00 25.29 ? 2   G   B H1     1 
ATOM   319 H  H21    . G   B 1 2 ? -5.121  -3.695  -6.674  1.00 28.00 ? 2   G   B H21    1 
ATOM   320 H  H22    . G   B 1 2 ? -6.296  -2.856  -7.041  1.00 28.00 ? 2   G   B H22    1 
ATOM   321 P  P      . A   B 1 3 ? -7.260  4.401   -4.589  1.00 25.89 ? 3   A   B P      1 
ATOM   322 O  OP1    . A   B 1 3 ? -8.285  5.337   -4.065  1.00 28.70 ? 3   A   B OP1    1 
ATOM   323 O  OP2    . A   B 1 3 ? -5.828  4.532   -4.241  1.00 26.83 ? 3   A   B OP2    1 
ATOM   324 O  "O5'"  . A   B 1 3 ? -7.639  2.916   -4.155  1.00 25.16 ? 3   A   B "O5'"  1 
ATOM   325 C  "C5'"  . A   B 1 3 ? -8.980  2.466   -4.233  1.00 24.11 ? 3   A   B "C5'"  1 
ATOM   326 C  "C4'"  . A   B 1 3 ? -9.101  1.046   -3.755  1.00 23.72 ? 3   A   B "C4'"  1 
ATOM   327 O  "O4'"  . A   B 1 3 ? -8.314  0.167   -4.589  1.00 22.49 ? 3   A   B "O4'"  1 
ATOM   328 C  "C3'"  . A   B 1 3 ? -8.577  0.782   -2.355  1.00 23.26 ? 3   A   B "C3'"  1 
ATOM   329 O  "O3'"  . A   B 1 3 ? -9.511  1.170   -1.383  1.00 23.20 ? 3   A   B "O3'"  1 
ATOM   330 C  "C2'"  . A   B 1 3 ? -8.293  -0.707  -2.391  1.00 21.56 ? 3   A   B "C2'"  1 
ATOM   331 O  "O2'"  . A   B 1 3 ? -9.498  -1.457  -2.329  1.00 22.60 ? 3   A   B "O2'"  1 
ATOM   332 C  "C1'"  . A   B 1 3 ? -7.727  -0.848  -3.789  1.00 21.04 ? 3   A   B "C1'"  1 
ATOM   333 N  N9     . A   B 1 3 ? -6.269  -0.658  -3.827  1.00 21.37 ? 3   A   B N9     1 
ATOM   334 C  C8     . A   B 1 3 ? -5.588  0.494   -4.108  1.00 21.42 ? 3   A   B C8     1 
ATOM   335 N  N7     . A   B 1 3 ? -4.288  0.359   -4.099  1.00 21.16 ? 3   A   B N7     1 
ATOM   336 C  C5     . A   B 1 3 ? -4.104  -0.981  -3.785  1.00 20.49 ? 3   A   B C5     1 
ATOM   337 C  C6     . A   B 1 3 ? -2.956  -1.770  -3.627  1.00 18.94 ? 3   A   B C6     1 
ATOM   338 N  N6     . A   B 1 3 ? -1.708  -1.321  -3.766  1.00 19.48 ? 3   A   B N6     1 
ATOM   339 N  N1     . A   B 1 3 ? -3.132  -3.062  -3.301  1.00 18.45 ? 3   A   B N1     1 
ATOM   340 C  C2     . A   B 1 3 ? -4.381  -3.531  -3.179  1.00 18.87 ? 3   A   B C2     1 
ATOM   341 N  N3     . A   B 1 3 ? -5.544  -2.890  -3.301  1.00 19.93 ? 3   A   B N3     1 
ATOM   342 C  C4     . A   B 1 3 ? -5.319  -1.611  -3.613  1.00 19.77 ? 3   A   B C4     1 
ATOM   343 H  "H5'"  . A   B 1 3 ? -9.280  2.519   -5.153  1.00 28.94 ? 3   A   B "H5'"  1 
ATOM   344 H  "H5''" . A   B 1 3 ? -9.540  3.035   -3.684  1.00 28.94 ? 3   A   B "H5''" 1 
ATOM   345 H  "H4'"  . A   B 1 3 ? -10.029 0.773   -3.813  1.00 28.47 ? 3   A   B "H4'"  1 
ATOM   346 H  "H3'"  . A   B 1 3 ? -7.739  1.248   -2.207  1.00 27.92 ? 3   A   B "H3'"  1 
ATOM   347 H  "H2'"  . A   B 1 3 ? -7.666  -0.975  -1.701  1.00 25.88 ? 3   A   B "H2'"  1 
ATOM   348 H  "HO2'" . A   B 1 3 ? -10.028 -1.081  -1.795  1.00 27.13 ? 3   A   B "HO2'" 1 
ATOM   349 H  "H1'"  . A   B 1 3 ? -7.954  -1.725  -4.136  1.00 25.25 ? 3   A   B "H1'"  1 
ATOM   350 H  H8     . A   B 1 3 ? -6.012  1.302   -4.289  1.00 25.71 ? 3   A   B H8     1 
ATOM   351 H  H61    . A   B 1 3 ? -1.043  -1.854  -3.649  1.00 23.38 ? 3   A   B H61    1 
ATOM   352 H  H62    . A   B 1 3 ? -1.568  -0.498  -3.974  1.00 23.38 ? 3   A   B H62    1 
ATOM   353 H  H2     . A   B 1 3 ? -4.447  -4.437  -2.980  1.00 22.64 ? 3   A   B H2     1 
ATOM   354 P  P      . A   B 1 4 ? -9.028  1.678   0.055   1.00 22.99 ? 4   A   B P      1 
ATOM   355 O  OP1    . A   B 1 4 ? -10.232 2.172   0.792   1.00 25.54 ? 4   A   B OP1    1 
ATOM   356 O  OP2    . A   B 1 4 ? -7.832  2.537   -0.113  1.00 24.86 ? 4   A   B OP2    1 
ATOM   357 O  "O5'"  . A   B 1 4 ? -8.480  0.356   0.735   1.00 21.83 ? 4   A   B "O5'"  1 
ATOM   358 C  "C5'"  . A   B 1 4 ? -9.358  -0.713  1.028   1.00 23.32 ? 4   A   B "C5'"  1 
ATOM   359 C  "C4'"  . A   B 1 4 ? -8.580  -1.934  1.422   1.00 22.68 ? 4   A   B "C4'"  1 
ATOM   360 O  "O4'"  . A   B 1 4 ? -7.746  -2.370  0.317   1.00 21.39 ? 4   A   B "O4'"  1 
ATOM   361 C  "C3'"  . A   B 1 4 ? -7.598  -1.745  2.566   1.00 23.28 ? 4   A   B "C3'"  1 
ATOM   362 O  "O3'"  . A   B 1 4 ? -8.247  -1.773  3.815   1.00 23.79 ? 4   A   B "O3'"  1 
ATOM   363 C  "C2'"  . A   B 1 4 ? -6.636  -2.898  2.340   1.00 21.79 ? 4   A   B "C2'"  1 
ATOM   364 O  "O2'"  . A   B 1 4 ? -7.216  -4.128  2.743   1.00 25.25 ? 4   A   B "O2'"  1 
ATOM   365 C  "C1'"  . A   B 1 4 ? -6.530  -2.885  0.814   1.00 20.39 ? 4   A   B "C1'"  1 
ATOM   366 N  N9     . A   B 1 4 ? -5.439  -2.004  0.370   1.00 19.24 ? 4   A   B N9     1 
ATOM   367 C  C8     . A   B 1 4 ? -5.498  -0.670  0.029   1.00 20.20 ? 4   A   B C8     1 
ATOM   368 N  N7     . A   B 1 4 ? -4.337  -0.169  -0.321  1.00 19.87 ? 4   A   B N7     1 
ATOM   369 C  C5     . A   B 1 4 ? -3.465  -1.239  -0.195  1.00 17.70 ? 4   A   B C5     1 
ATOM   370 C  C6     . A   B 1 4 ? -2.087  -1.382  -0.420  1.00 19.34 ? 4   A   B C6     1 
ATOM   371 N  N6     . A   B 1 4 ? -1.307  -0.387  -0.824  1.00 19.11 ? 4   A   B N6     1 
ATOM   372 N  N1     . A   B 1 4 ? -1.519  -2.588  -0.193  1.00 18.73 ? 4   A   B N1     1 
ATOM   373 C  C2     . A   B 1 4 ? -2.295  -3.600  0.217   1.00 19.10 ? 4   A   B C2     1 
ATOM   374 N  N3     . A   B 1 4 ? -3.605  -3.592  0.454   1.00 19.25 ? 4   A   B N3     1 
ATOM   375 C  C4     . A   B 1 4 ? -4.131  -2.376  0.230   1.00 18.79 ? 4   A   B C4     1 
ATOM   376 H  "H5'"  . A   B 1 4 ? -9.894  -0.913  0.246   1.00 27.99 ? 4   A   B "H5'"  1 
ATOM   377 H  "H5''" . A   B 1 4 ? -9.945  -0.457  1.757   1.00 27.99 ? 4   A   B "H5''" 1 
ATOM   378 H  "H4'"  . A   B 1 4 ? -9.201  -2.645  1.644   1.00 27.22 ? 4   A   B "H4'"  1 
ATOM   379 H  "H3'"  . A   B 1 4 ? -7.115  -0.910  2.471   1.00 27.94 ? 4   A   B "H3'"  1 
ATOM   380 H  "H2'"  . A   B 1 4 ? -5.779  -2.749  2.769   1.00 26.15 ? 4   A   B "H2'"  1 
ATOM   381 H  "HO2'" . A   B 1 4 ? -7.326  -4.120  3.576   1.00 30.30 ? 4   A   B "HO2'" 1 
ATOM   382 H  "H1'"  . A   B 1 4 ? -6.395  -3.785  0.477   1.00 24.48 ? 4   A   B "H1'"  1 
ATOM   383 H  H8     . A   B 1 4 ? -6.284  -0.173  0.046   1.00 24.25 ? 4   A   B H8     1 
ATOM   384 H  H61    . A   B 1 4 ? -0.464  -0.519  -0.934  1.00 22.94 ? 4   A   B H61    1 
ATOM   385 H  H62    . A   B 1 4 ? -1.644  0.390   -0.975  1.00 22.94 ? 4   A   B H62    1 
ATOM   386 H  H2     . A   B 1 4 ? -1.864  -4.412  0.352   1.00 22.93 ? 4   A   B H2     1 
HETATM 387 C  "C''"  . UOA B 1 5 ? -1.457  -5.355  6.311   1.00 26.92 ? 5   UOA B "C''"  1 
HETATM 388 C  "C1'"  . UOA B 1 5 ? -3.231  -3.515  4.801   1.00 22.99 ? 5   UOA B "C1'"  1 
HETATM 389 C  C2     . UOA B 1 5 ? -1.668  -2.168  3.592   1.00 22.12 ? 5   UOA B C2     1 
HETATM 390 C  "C2'"  . UOA B 1 5 ? -2.853  -3.459  6.239   1.00 23.88 ? 5   UOA B "C2'"  1 
HETATM 391 C  "C3'"  . UOA B 1 5 ? -4.076  -2.840  6.881   1.00 22.95 ? 5   UOA B "C3'"  1 
HETATM 392 C  C4     . UOA B 1 5 ? -2.162  -0.047  2.677   1.00 20.53 ? 5   UOA B C4     1 
HETATM 393 C  "C4'"  . UOA B 1 5 ? -5.162  -3.534  6.089   1.00 24.90 ? 5   UOA B "C4'"  1 
HETATM 394 C  C5     . UOA B 1 5 ? -3.458  -0.138  3.163   1.00 20.44 ? 5   UOA B C5     1 
HETATM 395 C  "C5'"  . UOA B 1 5 ? -6.519  -2.851  6.144   1.00 25.00 ? 5   UOA B "C5'"  1 
HETATM 396 C  C6     . UOA B 1 5 ? -3.831  -1.267  3.882   1.00 21.39 ? 5   UOA B C6     1 
HETATM 397 C  CMC    . UOA B 1 5 ? -6.206  -5.769  5.782   1.00 29.34 ? 5   UOA B CMC    1 
HETATM 398 N  N1     . UOA B 1 5 ? -2.902  -2.281  4.079   1.00 21.80 ? 5   UOA B N1     1 
HETATM 399 N  N3     . UOA B 1 5 ? -1.283  -1.063  2.894   1.00 20.54 ? 5   UOA B N3     1 
HETATM 400 O  O2     . UOA B 1 5 ? -0.845  -3.051  3.767   1.00 23.00 ? 5   UOA B O2     1 
HETATM 401 O  "O2'"  . UOA B 1 5 ? -2.711  -4.803  6.721   1.00 25.24 ? 5   UOA B "O2'"  1 
HETATM 402 O  "O3'"  . UOA B 1 5 ? -4.161  -3.154  8.253   1.00 23.77 ? 5   UOA B "O3'"  1 
HETATM 403 O  O4     . UOA B 1 5 ? -1.774  0.926   2.041   1.00 21.32 ? 5   UOA B O4     1 
HETATM 404 O  "O4'"  . UOA B 1 5 ? -4.689  -3.617  4.744   1.00 24.54 ? 5   UOA B "O4'"  1 
HETATM 405 O  "O5'"  . UOA B 1 5 ? -6.437  -1.576  5.534   1.00 24.44 ? 5   UOA B "O5'"  1 
HETATM 406 O  OP1    . UOA B 1 5 ? -8.806  -0.901  6.046   1.00 28.38 ? 5   UOA B OP1    1 
HETATM 407 O  OP2    . UOA B 1 5 ? -7.254  0.455   4.514   1.00 25.46 ? 5   UOA B OP2    1 
HETATM 408 P  P      . UOA B 1 5 ? -7.737  -0.850  5.030   1.00 24.38 ? 5   UOA B P      1 
HETATM 409 O  OCM    . UOA B 1 5 ? -5.345  -4.902  6.697   1.00 27.50 ? 5   UOA B OCM    1 
HETATM 410 H  "H''"  . UOA B 1 5 ? -0.647  -4.859  6.845   1.00 32.31 ? 5   UOA B "H''"  1 
HETATM 411 H  H5X    . UOA B 1 5 ? -1.439  -6.423  6.535   1.00 32.31 ? 5   UOA B H5X    1 
HETATM 412 H  H5W    . UOA B 1 5 ? -1.327  -5.209  5.239   1.00 32.31 ? 5   UOA B H5W    1 
HETATM 413 H  "H1'"  . UOA B 1 5 ? -2.740  -4.398  4.391   1.00 27.59 ? 5   UOA B "H1'"  1 
HETATM 414 H  "H2'"  . UOA B 1 5 ? -1.954  -2.867  6.412   1.00 28.67 ? 5   UOA B "H2'"  1 
HETATM 415 H  "H3'"  . UOA B 1 5 ? -4.100  -1.754  6.791   1.00 27.55 ? 5   UOA B "H3'"  1 
HETATM 416 H  H5     . UOA B 1 5 ? -4.173  0.665   2.985   1.00 24.53 ? 5   UOA B H5     1 
HETATM 417 H  H5S    . UOA B 1 5 ? -6.824  -2.736  7.184   1.00 30.01 ? 5   UOA B H5S    1 
HETATM 418 H  "H5'"  . UOA B 1 5 ? -7.251  -3.459  5.614   1.00 30.01 ? 5   UOA B "H5'"  1 
HETATM 419 H  H6     . UOA B 1 5 ? -4.839  -1.357  4.286   1.00 25.67 ? 5   UOA B H6     1 
HETATM 420 H  HMC    . UOA B 1 5 ? -6.083  -6.818  6.054   1.00 35.21 ? 5   UOA B HMC    1 
HETATM 421 H  H5U    . UOA B 1 5 ? -5.896  -5.625  4.747   1.00 35.21 ? 5   UOA B H5U    1 
HETATM 422 H  H5V    . UOA B 1 5 ? -7.252  -5.486  5.890   1.00 35.21 ? 5   UOA B H5V    1 
HETATM 423 H  H3     . UOA B 1 5 ? -0.350  -0.998  2.538   1.00 24.65 ? 5   UOA B H3     1 
ATOM   424 P  P      . U   B 1 6 ? -3.545  -2.139  9.334   1.00 25.30 ? 6   U   B P      1 
ATOM   425 O  OP1    . U   B 1 6 ? -3.926  -2.627  10.690  1.00 26.19 ? 6   U   B OP1    1 
ATOM   426 O  OP2    . U   B 1 6 ? -3.882  -0.763  8.906   1.00 27.69 ? 6   U   B OP2    1 
ATOM   427 O  "O5'"  . U   B 1 6 ? -1.973  -2.290  9.167   1.00 23.66 ? 6   U   B "O5'"  1 
ATOM   428 C  "C5'"  . U   B 1 6 ? -1.313  -3.476  9.554   1.00 23.83 ? 6   U   B "C5'"  1 
ATOM   429 C  "C4'"  . U   B 1 6 ? 0.158   -3.324  9.323   1.00 23.96 ? 6   U   B "C4'"  1 
ATOM   430 O  "O4'"  . U   B 1 6 ? 0.448   -3.203  7.905   1.00 22.65 ? 6   U   B "O4'"  1 
ATOM   431 C  "C3'"  . U   B 1 6 ? 0.772   -2.066  9.909   1.00 23.45 ? 6   U   B "C3'"  1 
ATOM   432 O  "O3'"  . U   B 1 6 ? 0.982   -2.174  11.293  1.00 23.83 ? 6   U   B "O3'"  1 
ATOM   433 C  "C2'"  . U   B 1 6 ? 2.051   -1.957  9.117   1.00 22.86 ? 6   U   B "C2'"  1 
ATOM   434 O  "O2'"  . U   B 1 6 ? 2.941   -2.973  9.549   1.00 24.85 ? 6   U   B "O2'"  1 
ATOM   435 C  "C1'"  . U   B 1 6 ? 1.558   -2.340  7.729   1.00 22.21 ? 6   U   B "C1'"  1 
ATOM   436 N  N1     . U   B 1 6 ? 1.112   -1.196  6.904   1.00 21.88 ? 6   U   B N1     1 
ATOM   437 C  C2     . U   B 1 6 ? 2.063   -0.521  6.178   1.00 22.29 ? 6   U   B C2     1 
ATOM   438 O  O2     . U   B 1 6 ? 3.234   -0.797  6.233   1.00 24.08 ? 6   U   B O2     1 
ATOM   439 N  N3     . U   B 1 6 ? 1.614   0.496   5.386   1.00 22.74 ? 6   U   B N3     1 
ATOM   440 C  C4     . U   B 1 6 ? 0.301   0.892   5.249   1.00 20.71 ? 6   U   B C4     1 
ATOM   441 O  O4     . U   B 1 6 ? 0.022   1.827   4.498   1.00 24.22 ? 6   U   B O4     1 
ATOM   442 C  C5     . U   B 1 6 ? -0.634  0.142   6.034   1.00 21.49 ? 6   U   B C5     1 
ATOM   443 C  C6     . U   B 1 6 ? -0.210  -0.857  6.811   1.00 20.95 ? 6   U   B C6     1 
ATOM   444 H  "H5'"  . U   B 1 6 ? -1.650  -4.222  9.032   1.00 28.60 ? 6   U   B "H5'"  1 
ATOM   445 H  "H5''" . U   B 1 6 ? -1.479  -3.649  10.494  1.00 28.60 ? 6   U   B "H5''" 1 
ATOM   446 H  "H4'"  . U   B 1 6 ? 0.608   -4.113  9.663   1.00 28.75 ? 6   U   B "H4'"  1 
ATOM   447 H  "H3'"  . U   B 1 6 ? 0.206   -1.300  9.727   1.00 28.14 ? 6   U   B "H3'"  1 
ATOM   448 H  "H2'"  . U   B 1 6 ? 2.441   -1.069  9.137   1.00 27.44 ? 6   U   B "H2'"  1 
ATOM   449 H  "HO2'" . U   B 1 6 ? 2.858   -3.075  10.379  1.00 29.83 ? 6   U   B "HO2'" 1 
ATOM   450 H  "H1'"  . U   B 1 6 ? 2.283   -2.788  7.265   1.00 26.66 ? 6   U   B "H1'"  1 
ATOM   451 H  H3     . U   B 1 6 ? 2.202   0.927   4.930   1.00 27.29 ? 6   U   B H3     1 
ATOM   452 H  H5     . U   B 1 6 ? -1.539  0.353   6.003   1.00 25.79 ? 6   U   B H5     1 
ATOM   453 H  H6     . U   B 1 6 ? -0.834  -1.338  7.305   1.00 25.14 ? 6   U   B H6     1 
ATOM   454 P  P      . C   B 1 7 ? 0.989   -0.903  12.205  1.00 26.46 ? 7   C   B P      1 
ATOM   455 O  OP1    . C   B 1 7 ? 1.093   -1.344  13.569  1.00 27.37 ? 7   C   B OP1    1 
ATOM   456 O  OP2    . C   B 1 7 ? -0.074  -0.026  11.818  1.00 26.70 ? 7   C   B OP2    1 
ATOM   457 O  "O5'"  . C   B 1 7 ? 2.293   -0.118  11.831  1.00 28.10 ? 7   C   B "O5'"  1 
ATOM   458 C  "C5'"  . C   B 1 7 ? 3.534   -0.729  12.026  1.00 28.86 ? 7   C   B "C5'"  1 
ATOM   459 C  "C4'"  . C   B 1 7 ? 4.629   0.110   11.452  1.00 29.73 ? 7   C   B "C4'"  1 
ATOM   460 O  "O4'"  . C   B 1 7 ? 4.548   0.068   10.019  1.00 29.00 ? 7   C   B "O4'"  1 
ATOM   461 C  "C3'"  . C   B 1 7 ? 4.612   1.590   11.776  1.00 34.29 ? 7   C   B "C3'"  1 
ATOM   462 O  "O3'"  . C   B 1 7 ? 5.060   1.941   13.081  1.00 38.33 ? 7   C   B "O3'"  1 
ATOM   463 C  "C2'"  . C   B 1 7 ? 5.483   2.124   10.660  1.00 33.94 ? 7   C   B "C2'"  1 
ATOM   464 O  "O2'"  . C   B 1 7 ? 6.853   1.851   10.801  1.00 36.33 ? 7   C   B "O2'"  1 
ATOM   465 C  "C1'"  . C   B 1 7 ? 4.999   1.279   9.489   1.00 29.76 ? 7   C   B "C1'"  1 
ATOM   466 N  N1     . C   B 1 7 ? 3.913   1.919   8.749   1.00 26.68 ? 7   C   B N1     1 
ATOM   467 C  C2     . C   B 1 7 ? 4.238   2.831   7.756   1.00 27.86 ? 7   C   B C2     1 
ATOM   468 O  O2     . C   B 1 7 ? 5.421   3.097   7.558   1.00 29.55 ? 7   C   B O2     1 
ATOM   469 N  N3     . C   B 1 7 ? 3.255   3.453   7.090   1.00 27.33 ? 7   C   B N3     1 
ATOM   470 C  C4     . C   B 1 7 ? 1.988   3.180   7.368   1.00 26.47 ? 7   C   B C4     1 
ATOM   471 N  N4     . C   B 1 7 ? 1.054   3.798   6.670   1.00 25.37 ? 7   C   B N4     1 
ATOM   472 C  C5     . C   B 1 7 ? 1.625   2.241   8.364   1.00 26.29 ? 7   C   B C5     1 
ATOM   473 C  C6     . C   B 1 7 ? 2.608   1.658   9.041   1.00 25.83 ? 7   C   B C6     1 
ATOM   474 H  "H5'"  . C   B 1 7 ? 3.648   -1.637  11.682  1.00 34.63 ? 7   C   B "H5'"  1 
ATOM   475 H  "H5''" . C   B 1 7 ? 3.666   -0.728  12.983  1.00 34.63 ? 7   C   B "H5''" 1 
ATOM   476 H  "H4'"  . C   B 1 7 ? 5.589   -0.304  11.760  1.00 35.68 ? 7   C   B "H4'"  1 
ATOM   477 H  "H3'"  . C   B 1 7 ? 3.598   1.956   11.636  1.00 41.15 ? 7   C   B "H3'"  1 
ATOM   478 H  "H2'"  . C   B 1 7 ? 5.288   3.179   10.479  1.00 40.73 ? 7   C   B "H2'"  1 
ATOM   479 H  "HO2'" . C   B 1 7 ? 7.044   1.629   11.716  1.00 43.60 ? 7   C   B "HO2'" 1 
ATOM   480 H  "H1'"  . C   B 1 7 ? 5.838   1.108   8.820   1.00 35.71 ? 7   C   B "H1'"  1 
ATOM   481 H  H41    . C   B 1 7 ? 0.093   3.610   6.853   1.00 30.45 ? 7   C   B H41    1 
ATOM   482 H  H42    . C   B 1 7 ? 1.315   4.453   5.970   1.00 30.45 ? 7   C   B H42    1 
ATOM   483 H  H5     . C   B 1 7 ? 0.602   2.028   8.573   1.00 31.56 ? 7   C   B H5     1 
ATOM   484 H  H6     . C   B 1 7 ? 2.373   0.935   9.794   1.00 31.00 ? 7   C   B H6     1 
ATOM   485 P  P      . G   B 1 8 ? 4.366   3.124   13.850  1.00 42.07 ? 8   G   B P      1 
ATOM   486 O  OP1    . G   B 1 8 ? 4.984   3.206   15.167  1.00 43.49 ? 8   G   B OP1    1 
ATOM   487 O  OP2    . G   B 1 8 ? 2.945   3.059   13.706  1.00 42.45 ? 8   G   B OP2    1 
ATOM   488 O  "O5'"  . G   B 1 8 ? 4.808   4.373   13.025  1.00 40.06 ? 8   G   B "O5'"  1 
ATOM   489 C  "C5'"  . G   B 1 8 ? 6.158   4.762   13.129  1.00 39.10 ? 8   G   B "C5'"  1 
ATOM   490 C  "C4'"  . G   B 1 8 ? 6.492   5.815   12.132  1.00 36.57 ? 8   G   B "C4'"  1 
ATOM   491 O  "O4'"  . G   B 1 8 ? 6.083   5.376   10.836  1.00 34.64 ? 8   G   B "O4'"  1 
ATOM   492 C  "C3'"  . G   B 1 8 ? 5.828   7.162   12.291  1.00 37.04 ? 8   G   B "C3'"  1 
ATOM   493 O  "O3'"  . G   B 1 8 ? 6.566   8.023   13.137  1.00 38.18 ? 8   G   B "O3'"  1 
ATOM   494 C  "C2'"  . G   B 1 8 ? 5.969   7.729   10.899  1.00 35.72 ? 8   G   B "C2'"  1 
ATOM   495 O  "O2'"  . G   B 1 8 ? 7.185   8.358   10.580  1.00 38.91 ? 8   G   B "O2'"  1 
ATOM   496 C  "C1'"  . G   B 1 8 ? 5.779   6.478   10.048  1.00 33.05 ? 8   G   B "C1'"  1 
ATOM   497 N  N9     . G   B 1 8 ? 4.402   6.365   9.614   1.00 29.91 ? 8   G   B N9     1 
ATOM   498 C  C8     . G   B 1 8 ? 3.431   5.505   10.049  1.00 29.43 ? 8   G   B C8     1 
ATOM   499 N  N7     . G   B 1 8 ? 2.295   5.671   9.440   1.00 26.99 ? 8   G   B N7     1 
ATOM   500 C  C5     . G   B 1 8 ? 2.526   6.725   8.576   1.00 26.13 ? 8   G   B C5     1 
ATOM   501 C  C6     . G   B 1 8 ? 1.677   7.336   7.639   1.00 25.28 ? 8   G   B C6     1 
ATOM   502 O  O6     . G   B 1 8 ? 0.501   7.097   7.405   1.00 25.72 ? 8   G   B O6     1 
ATOM   503 N  N1     . G   B 1 8 ? 2.316   8.361   6.970   1.00 26.92 ? 8   G   B N1     1 
ATOM   504 C  C2     . G   B 1 8 ? 3.619   8.718   7.143   1.00 27.92 ? 8   G   B C2     1 
ATOM   505 N  N2     . G   B 1 8 ? 4.048   9.725   6.401   1.00 29.08 ? 8   G   B N2     1 
ATOM   506 N  N3     . G   B 1 8 ? 4.431   8.141   7.996   1.00 28.37 ? 8   G   B N3     1 
ATOM   507 C  C4     . G   B 1 8 ? 3.829   7.143   8.658   1.00 27.88 ? 8   G   B C4     1 
ATOM   508 H  "H5'"  . G   B 1 8 ? 6.776   3.889   12.946  1.00 46.93 ? 8   G   B "H5'"  1 
ATOM   509 H  "H5''" . G   B 1 8 ? 6.352   5.129   14.131  1.00 46.93 ? 8   G   B "H5''" 1 
ATOM   510 H  "H4'"  . G   B 1 8 ? 7.573   5.964   12.135  1.00 43.89 ? 8   G   B "H4'"  1 
ATOM   511 H  "H3'"  . G   B 1 8 ? 4.797   7.042   12.609  1.00 44.45 ? 8   G   B "H3'"  1 
ATOM   512 H  "H2'"  . G   B 1 8 ? 5.139   8.407   10.703  1.00 42.87 ? 8   G   B "H2'"  1 
ATOM   513 H  "HO2'" . G   B 1 8 ? 7.185   8.633   9.653   1.00 46.69 ? 8   G   B "HO2'" 1 
ATOM   514 H  "H1'"  . G   B 1 8 ? 6.439   6.516   9.189   1.00 39.66 ? 8   G   B "H1'"  1 
ATOM   515 H  H8     . G   B 1 8 ? 3.613   4.757   10.795  1.00 35.32 ? 8   G   B H8     1 
ATOM   516 H  H1     . G   B 1 8 ? 1.783   8.885   6.268   1.00 32.31 ? 8   G   B H1     1 
ATOM   517 H  H21    . G   B 1 8 ? 3.440   10.174  5.745   1.00 34.90 ? 8   G   B H21    1 
ATOM   518 H  H22    . G   B 1 8 ? 4.994   10.020  6.498   1.00 34.90 ? 8   G   B H22    1 
HETATM 519 O  O      . HOH C 2 . ? 11.156  0.089   -3.282  1.00 38.88 ? 101 HOH A O      1 
HETATM 520 O  O      . HOH C 2 . ? 1.447   -4.218  -9.634  1.00 35.57 ? 102 HOH A O      1 
HETATM 521 O  O      . HOH C 2 . ? -0.171  -5.673  2.846   1.00 41.43 ? 103 HOH A O      1 
HETATM 522 O  O      . HOH C 2 . ? -1.277  -14.336 -7.055  1.00 41.25 ? 104 HOH A O      1 
HETATM 523 O  O      . HOH C 2 . ? 2.033   5.742   0.322   1.00 35.45 ? 105 HOH A O      1 
HETATM 524 O  O      . HOH C 2 . ? -8.221  -2.923  -11.822 1.00 37.64 ? 106 HOH A O      1 
HETATM 525 O  O      . HOH C 2 . ? 8.254   1.953   4.917   1.00 42.64 ? 107 HOH A O      1 
HETATM 526 O  O      . HOH C 2 . ? -6.156  -9.997  -13.898 1.00 28.49 ? 108 HOH A O      1 
HETATM 527 O  O      . HOH C 2 . ? 8.045   -9.528  -1.844  1.00 33.02 ? 109 HOH A O      1 
HETATM 528 O  O      . HOH C 2 . ? -1.628  -13.033 -2.034  1.00 28.45 ? 110 HOH A O      1 
HETATM 529 O  O      . HOH C 2 . ? -7.398  -0.693  -10.459 1.00 44.60 ? 111 HOH A O      1 
HETATM 530 O  O      . HOH C 2 . ? -4.365  -9.945  -1.594  1.00 43.55 ? 112 HOH A O      1 
HETATM 531 O  O      . HOH C 2 . ? 2.718   -7.808  -5.749  1.00 26.65 ? 113 HOH A O      1 
HETATM 532 O  O      . HOH C 2 . ? 2.623   -1.947  -4.981  1.00 27.40 ? 114 HOH A O      1 
HETATM 533 O  O      . HOH C 2 . ? 4.778   -4.817  -4.262  1.00 30.54 ? 115 HOH A O      1 
HETATM 534 O  O      . HOH C 2 . ? 2.041   1.197   -3.213  1.00 29.45 ? 116 HOH A O      1 
HETATM 535 O  O      . HOH C 2 . ? -0.009  -9.230  -8.456  1.00 31.74 ? 117 HOH A O      1 
HETATM 536 O  O      . HOH C 2 . ? 9.622   3.201   -5.705  1.00 48.63 ? 118 HOH A O      1 
HETATM 537 O  O      . HOH C 2 . ? -7.058  -11.490 -6.864  1.00 35.61 ? 119 HOH A O      1 
HETATM 538 O  O      . HOH C 2 . ? 10.248  -4.268  1.361   1.00 37.52 ? 120 HOH A O      1 
HETATM 539 O  O      . HOH C 2 . ? -3.436  6.465   4.639   1.00 31.36 ? 121 HOH A O      1 
HETATM 540 O  O      . HOH C 2 . ? -9.307  -5.952  -8.600  1.00 30.75 ? 122 HOH A O      1 
HETATM 541 O  O      . HOH C 2 . ? 5.689   13.277  4.170   1.00 46.36 ? 123 HOH A O      1 
HETATM 542 O  O      . HOH C 2 . ? 2.782   -4.673  -6.728  1.00 35.42 ? 124 HOH A O      1 
HETATM 543 O  O      . HOH C 2 . ? 3.801   -5.188  3.917   1.00 38.51 ? 125 HOH A O      1 
HETATM 544 O  O      . HOH C 2 . ? 4.840   -10.863 -7.134  1.00 43.57 ? 126 HOH A O      1 
HETATM 545 O  O      . HOH C 2 . ? -5.628  -11.634 -2.652  1.00 49.36 ? 127 HOH A O      1 
HETATM 546 O  O      . HOH C 2 . ? 10.555  -6.144  3.127   1.00 48.14 ? 128 HOH A O      1 
HETATM 547 O  O      . HOH D 2 . ? -5.380  4.340   -13.610 1.00 46.51 ? 101 HOH B O      1 
HETATM 548 O  O      . HOH D 2 . ? -9.496  -3.911  -1.587  1.00 25.77 ? 102 HOH B O      1 
HETATM 549 O  O      . HOH D 2 . ? 5.278   -3.081  8.490   1.00 38.69 ? 103 HOH B O      1 
HETATM 550 O  O      . HOH D 2 . ? -4.005  1.013   7.009   1.00 43.52 ? 104 HOH B O      1 
HETATM 551 O  O      . HOH D 2 . ? -5.243  7.648   -12.141 1.00 38.05 ? 105 HOH B O      1 
HETATM 552 O  O      . HOH D 2 . ? -1.748  4.888   -5.013  1.00 36.61 ? 106 HOH B O      1 
HETATM 553 O  O      . HOH D 2 . ? 5.809   -1.296  5.892   1.00 53.32 ? 107 HOH B O      1 
HETATM 554 O  O      . HOH D 2 . ? 0.636   5.317   -7.813  1.00 37.71 ? 108 HOH B O      1 
HETATM 555 O  O      . HOH D 2 . ? -11.766 4.191   -0.040  1.00 28.49 ? 109 HOH B O      1 
HETATM 556 O  O      . HOH D 2 . ? -7.529  -4.585  -4.091  1.00 34.18 ? 110 HOH B O      1 
HETATM 557 O  O      . HOH D 2 . ? -11.209 0.136   5.270   1.00 39.13 ? 111 HOH B O      1 
HETATM 558 O  O      . HOH D 2 . ? -3.992  2.536   -0.585  1.00 40.82 ? 112 HOH B O      1 
HETATM 559 O  O      . HOH D 2 . ? -4.156  -6.246  8.772   1.00 33.94 ? 113 HOH B O      1 
HETATM 560 O  O      . HOH D 2 . ? -1.818  0.856   9.785   1.00 33.18 ? 114 HOH B O      1 
HETATM 561 O  O      . HOH D 2 . ? -9.392  -4.742  4.484   1.00 43.17 ? 115 HOH B O      1 
HETATM 562 O  O      . HOH D 2 . ? -0.088  4.438   10.417  1.00 31.04 ? 116 HOH B O      1 
HETATM 563 O  O      . HOH D 2 . ? -2.518  3.138   4.554   1.00 33.34 ? 117 HOH B O      1 
HETATM 564 O  O      . HOH D 2 . ? -6.153  2.233   2.539   1.00 33.66 ? 118 HOH B O      1 
HETATM 565 O  O      . HOH D 2 . ? 1.437   -0.150  -6.375  1.00 34.99 ? 119 HOH B O      1 
HETATM 566 O  O      . HOH D 2 . ? -9.110  -5.308  0.912   1.00 34.43 ? 120 HOH B O      1 
HETATM 567 O  O      . HOH D 2 . ? 0.080   2.562   -6.676  1.00 33.22 ? 121 HOH B O      1 
HETATM 568 O  O      . HOH D 2 . ? 0.387   2.805   12.267  1.00 33.86 ? 122 HOH B O      1 
HETATM 569 O  O      . HOH D 2 . ? 3.075   -1.275  -8.625  1.00 42.93 ? 123 HOH B O      1 
HETATM 570 O  O      . HOH D 2 . ? -5.940  -4.760  10.598  1.00 40.68 ? 124 HOH B O      1 
HETATM 571 O  O      . HOH D 2 . ? -1.598  2.452   -1.789  1.00 28.06 ? 125 HOH B O      1 
HETATM 572 O  O      . HOH D 2 . ? -0.619  1.485   -4.322  1.00 27.53 ? 126 HOH B O      1 
HETATM 573 O  O      . HOH D 2 . ? -5.025  -6.038  1.696   1.00 46.91 ? 127 HOH B O      1 
HETATM 574 O  O      . HOH D 2 . ? -8.578  -3.241  -6.684  1.00 41.82 ? 128 HOH B O      1 
HETATM 575 O  O      . HOH D 2 . ? 1.631   5.975   13.953  1.00 40.55 ? 129 HOH B O      1 
HETATM 576 O  O      . HOH D 2 . ? 1.845   -4.763  5.024   1.00 38.58 ? 130 HOH B O      1 
HETATM 577 O  O      . HOH D 2 . ? -9.315  5.533   2.216   1.00 43.02 ? 131 HOH B O      1 
HETATM 578 O  O      . HOH D 2 . ? 3.695   7.041   15.497  1.00 45.18 ? 132 HOH B O      1 
HETATM 579 O  O      . HOH D 2 . ? -2.452  3.597   9.694   1.00 44.42 ? 133 HOH B O      1 
# 
loop_
_atom_site_anisotrop.id 
_atom_site_anisotrop.type_symbol 
_atom_site_anisotrop.pdbx_label_atom_id 
_atom_site_anisotrop.pdbx_label_alt_id 
_atom_site_anisotrop.pdbx_label_comp_id 
_atom_site_anisotrop.pdbx_label_asym_id 
_atom_site_anisotrop.pdbx_label_seq_id 
_atom_site_anisotrop.pdbx_PDB_ins_code 
_atom_site_anisotrop.U[1][1] 
_atom_site_anisotrop.U[2][2] 
_atom_site_anisotrop.U[3][3] 
_atom_site_anisotrop.U[1][2] 
_atom_site_anisotrop.U[1][3] 
_atom_site_anisotrop.U[2][3] 
_atom_site_anisotrop.pdbx_auth_seq_id 
_atom_site_anisotrop.pdbx_auth_comp_id 
_atom_site_anisotrop.pdbx_auth_asym_id 
_atom_site_anisotrop.pdbx_auth_atom_id 
1   O  "O5'" . CBV A 1 ? 0.3840 0.3223 0.4358 0.0259  0.0598  0.0480  1 CBV A "O5'" 
2   C  "C5'" . CBV A 1 ? 0.4285 0.3373 0.4350 0.0309  0.0623  0.0422  1 CBV A "C5'" 
3   C  "C4'" . CBV A 1 ? 0.4628 0.3029 0.4298 0.0341  0.0838  0.0492  1 CBV A "C4'" 
4   O  "O4'" . CBV A 1 ? 0.4662 0.2972 0.4440 0.0417  0.1002  0.0249  1 CBV A "O4'" 
5   C  "C3'" . CBV A 1 ? 0.4480 0.2783 0.4375 0.0421  0.0929  0.0574  1 CBV A "C3'" 
6   O  "O3'" . CBV A 1 ? 0.4108 0.3418 0.4152 0.0621  0.0701  0.0643  1 CBV A "O3'" 
7   C  "C2'" . CBV A 1 ? 0.4637 0.2566 0.4719 0.0322  0.1163  0.0351  1 CBV A "C2'" 
8   O  "O2'" . CBV A 1 ? 0.4436 0.3171 0.5110 0.0120  0.1349  0.0060  1 CBV A "O2'" 
9   C  "C1'" . CBV A 1 ? 0.4878 0.2921 0.4556 0.0388  0.1178  0.0128  1 CBV A "C1'" 
10  N  N1    . CBV A 1 ? 0.4682 0.2913 0.4373 0.0581  0.1256  -0.0012 1 CBV A N1    
11  C  C2    . CBV A 1 ? 0.4930 0.3019 0.4202 0.0349  0.1432  -0.0200 1 CBV A C2    
12  O  O2    . CBV A 1 ? 0.5590 0.2944 0.4188 0.0375  0.1412  -0.0254 1 CBV A O2    
13  N  N3    . CBV A 1 ? 0.4539 0.2971 0.4000 0.0159  0.1593  -0.0223 1 CBV A N3    
14  C  C4    . CBV A 1 ? 0.4271 0.3045 0.4083 0.0214  0.1699  -0.0288 1 CBV A C4    
15  N  N4    . CBV A 1 ? 0.4559 0.2912 0.3844 0.0259  0.1822  -0.0203 1 CBV A N4    
16  C  C5    . CBV A 1 ? 0.3980 0.2812 0.4246 0.0545  0.1527  -0.0017 1 CBV A C5    
17  C  C6    . CBV A 1 ? 0.4301 0.3123 0.4550 0.0838  0.1359  -0.0223 1 CBV A C6    
18  BR BR    . CBV A 1 ? 0.4370 0.3331 0.4097 0.0380  0.1227  0.0210  1 CBV A BR    
28  P  P     . G   A 2 ? 0.3691 0.3901 0.3914 0.0497  0.0647  0.0593  2 G   A P     
29  O  OP1   . G   A 2 ? 0.4071 0.4900 0.4010 0.0245  0.0733  0.0354  2 G   A OP1   
30  O  OP2   . G   A 2 ? 0.3794 0.4037 0.4170 0.0236  0.0506  0.0276  2 G   A OP2   
31  O  "O5'" . G   A 2 ? 0.3631 0.3498 0.4123 0.0677  0.0776  0.0449  2 G   A "O5'" 
32  C  "C5'" . G   A 2 ? 0.3803 0.3212 0.4065 0.0829  0.0764  0.0429  2 G   A "C5'" 
33  C  "C4'" . G   A 2 ? 0.4124 0.3454 0.3955 0.0826  0.0797  0.0325  2 G   A "C4'" 
34  O  "O4'" . G   A 2 ? 0.4401 0.3463 0.3737 0.0957  0.0821  0.0361  2 G   A "O4'" 
35  C  "C3'" . G   A 2 ? 0.4337 0.3407 0.3932 0.0803  0.0662  0.0290  2 G   A "C3'" 
36  O  "O3'" . G   A 2 ? 0.3987 0.3467 0.3837 0.0589  0.0703  0.0314  2 G   A "O3'" 
37  C  "C2'" . G   A 2 ? 0.4487 0.3433 0.4012 0.0690  0.0702  0.0147  2 G   A "C2'" 
38  O  "O2'" . G   A 2 ? 0.4561 0.3373 0.4192 0.0533  0.0582  0.0055  2 G   A "O2'" 
39  C  "C1'" . G   A 2 ? 0.4388 0.3400 0.3769 0.0687  0.0815  0.0157  2 G   A "C1'" 
40  N  N9    . G   A 2 ? 0.4231 0.3082 0.3609 0.0812  0.0674  -0.0037 2 G   A N9    
41  C  C8    . G   A 2 ? 0.4018 0.3003 0.3551 0.0896  0.0533  -0.0055 2 G   A C8    
42  N  N7    . G   A 2 ? 0.4377 0.3115 0.3453 0.0841  0.0645  -0.0046 2 G   A N7    
43  C  C5    . G   A 2 ? 0.4038 0.2949 0.3392 0.0752  0.0482  -0.0170 2 G   A C5    
44  C  C6    . G   A 2 ? 0.4041 0.2669 0.3246 0.0681  0.0195  -0.0223 2 G   A C6    
45  O  O6    . G   A 2 ? 0.4187 0.2832 0.3336 0.0433  0.0311  -0.0527 2 G   A O6    
46  N  N1    . G   A 2 ? 0.3840 0.2999 0.3341 0.0466  0.0131  -0.0353 2 G   A N1    
47  C  C2    . G   A 2 ? 0.4021 0.3065 0.3327 0.0605  0.0250  -0.0207 2 G   A C2    
48  N  N2    . G   A 2 ? 0.3603 0.3595 0.3495 0.0263  0.0335  -0.0387 2 G   A N2    
49  N  N3    . G   A 2 ? 0.4308 0.3278 0.3453 0.0836  0.0417  -0.0290 2 G   A N3    
50  C  C4    . G   A 2 ? 0.4178 0.3048 0.3487 0.1013  0.0474  -0.0180 2 G   A C4    
62  P  P     . A   A 3 ? 0.3711 0.4133 0.3338 0.0777  0.0440  0.0386  3 A   A P     
63  O  OP1   . A   A 3 ? 0.4062 0.4616 0.3223 0.0754  0.0568  0.0501  3 A   A OP1   
64  O  OP2   . A   A 3 ? 0.4046 0.4957 0.3726 0.0788  0.0039  -0.0085 3 A   A OP2   
65  O  "O5'" . A   A 3 ? 0.3465 0.3808 0.3098 0.0523  0.0332  0.0253  3 A   A "O5'" 
66  C  "C5'" . A   A 3 ? 0.3566 0.3626 0.2913 0.0331  0.0182  0.0158  3 A   A "C5'" 
67  C  "C4'" . A   A 3 ? 0.3348 0.3149 0.2741 -0.0131 0.0133  0.0086  3 A   A "C4'" 
68  O  "O4'" . A   A 3 ? 0.3104 0.3001 0.2829 -0.0481 0.0172  -0.0229 3 A   A "O4'" 
69  C  "C3'" . A   A 3 ? 0.2909 0.2894 0.2801 -0.0230 0.0142  0.0120  3 A   A "C3'" 
70  O  "O3'" . A   A 3 ? 0.2472 0.2723 0.3050 -0.0323 0.0210  -0.0075 3 A   A "O3'" 
71  C  "C2'" . A   A 3 ? 0.2724 0.2991 0.2850 -0.0352 -0.0114 -0.0064 3 A   A "C2'" 
72  O  "O2'" . A   A 3 ? 0.2750 0.3419 0.3207 -0.0336 -0.0059 -0.0233 3 A   A "O2'" 
73  C  "C1'" . A   A 3 ? 0.2872 0.2828 0.2782 -0.0313 0.0062  -0.0086 3 A   A "C1'" 
74  N  N9    . A   A 3 ? 0.2877 0.2762 0.2862 -0.0001 0.0266  -0.0119 3 A   A N9    
75  C  C8    . A   A 3 ? 0.2708 0.2777 0.2741 0.0060  0.0194  -0.0091 3 A   A C8    
76  N  N7    . A   A 3 ? 0.2836 0.2991 0.2742 0.0069  0.0381  -0.0197 3 A   A N7    
77  C  C5    . A   A 3 ? 0.2903 0.2927 0.2719 0.0023  0.0291  -0.0225 3 A   A C5    
78  C  C6    . A   A 3 ? 0.3041 0.2752 0.2634 0.0108  0.0176  -0.0330 3 A   A C6    
79  N  N6    . A   A 3 ? 0.3064 0.2628 0.2805 0.0225  0.0118  -0.0409 3 A   A N6    
80  N  N1    . A   A 3 ? 0.3222 0.2993 0.2544 -0.0038 0.0398  -0.0356 3 A   A N1    
81  C  C2    . A   A 3 ? 0.3104 0.3203 0.2533 -0.0202 0.0472  -0.0145 3 A   A C2    
82  N  N3    . A   A 3 ? 0.3489 0.2973 0.2302 -0.0186 0.0237  0.0176  3 A   A N3    
83  C  C4    . A   A 3 ? 0.3194 0.2759 0.2548 -0.0068 0.0204  0.0026  3 A   A C4    
95  P  P     . A   A 4 ? 0.2647 0.2811 0.3524 -0.0255 0.0356  -0.0283 4 A   A P     
96  O  OP1   . A   A 4 ? 0.3129 0.3463 0.3643 -0.0472 0.0672  -0.0393 4 A   A OP1   
97  O  OP2   . A   A 4 ? 0.2593 0.3494 0.3512 -0.0002 0.0216  -0.0394 4 A   A OP2   
98  O  "O5'" . A   A 4 ? 0.2969 0.2490 0.3581 -0.0238 0.0295  -0.0277 4 A   A "O5'" 
99  C  "C5'" . A   A 4 ? 0.2996 0.3125 0.3770 -0.0201 0.0263  -0.0532 4 A   A "C5'" 
100 C  "C4'" . A   A 4 ? 0.2781 0.2751 0.3597 -0.0329 0.0225  -0.0341 4 A   A "C4'" 
101 O  "O4'" . A   A 4 ? 0.2522 0.2627 0.3511 -0.0460 0.0146  -0.0382 4 A   A "O4'" 
102 C  "C3'" . A   A 4 ? 0.2593 0.2629 0.3483 -0.0420 0.0159  -0.0200 4 A   A "C3'" 
103 O  "O3'" . A   A 4 ? 0.2840 0.2830 0.3615 -0.0178 0.0177  -0.0342 4 A   A "O3'" 
104 C  "C2'" . A   A 4 ? 0.2644 0.2566 0.3280 -0.0365 -0.0102 -0.0157 4 A   A "C2'" 
105 O  "O2'" . A   A 4 ? 0.2971 0.2924 0.3263 -0.0225 -0.0441 -0.0225 4 A   A "O2'" 
106 C  "C1'" . A   A 4 ? 0.2435 0.2606 0.3237 -0.0516 -0.0124 -0.0310 4 A   A "C1'" 
107 N  N9    . A   A 4 ? 0.2508 0.2415 0.2859 -0.0417 -0.0056 -0.0140 4 A   A N9    
108 C  C8    . A   A 4 ? 0.2441 0.2807 0.2915 -0.0500 -0.0064 -0.0347 4 A   A C8    
109 N  N7    . A   A 4 ? 0.2031 0.2961 0.2830 -0.0536 0.0212  -0.0456 4 A   A N7    
110 C  C5    . A   A 4 ? 0.2053 0.2806 0.2372 -0.0602 0.0251  -0.0310 4 A   A C5    
111 C  C6    . A   A 4 ? 0.2171 0.3090 0.2288 -0.0603 0.0108  -0.0428 4 A   A C6    
112 N  N6    . A   A 4 ? 0.2383 0.3411 0.2316 -0.0319 0.0084  -0.0498 4 A   A N6    
113 N  N1    . A   A 4 ? 0.2581 0.3208 0.2270 -0.0311 0.0360  -0.0283 4 A   A N1    
114 C  C2    . A   A 4 ? 0.2998 0.2818 0.2659 0.0021  0.0403  -0.0265 4 A   A C2    
115 N  N3    . A   A 4 ? 0.2661 0.2601 0.2774 -0.0042 0.0498  -0.0228 4 A   A N3    
116 C  C4    . A   A 4 ? 0.2372 0.2735 0.2683 -0.0387 0.0273  -0.0285 4 A   A C4    
128 C  "C''" . UOA A 5 ? 0.3100 0.2345 0.2835 0.0811  -0.0015 0.0085  5 UOA A "C''" 
129 C  "C1'" . UOA A 5 ? 0.2223 0.2409 0.2641 0.0181  -0.0242 -0.0100 5 UOA A "C1'" 
130 C  C2    . UOA A 5 ? 0.2070 0.2462 0.2450 0.0014  0.0153  0.0029  5 UOA A C2    
131 C  "C2'" . UOA A 5 ? 0.2591 0.2161 0.2816 0.0225  -0.0207 -0.0062 5 UOA A "C2'" 
132 C  "C3'" . UOA A 5 ? 0.2289 0.2215 0.3215 0.0195  -0.0146 -0.0320 5 UOA A "C3'" 
133 C  C4    . UOA A 5 ? 0.1958 0.2778 0.2225 0.0089  -0.0202 -0.0093 5 UOA A C4    
134 C  "C4'" . UOA A 5 ? 0.2333 0.2412 0.3272 0.0247  -0.0232 -0.0247 5 UOA A "C4'" 
135 C  C5    . UOA A 5 ? 0.2470 0.2455 0.2225 -0.0001 -0.0058 -0.0069 5 UOA A C5    
136 C  "C5'" . UOA A 5 ? 0.2386 0.2418 0.3329 0.0454  -0.0297 -0.0227 5 UOA A "C5'" 
137 C  C6    . UOA A 5 ? 0.2582 0.2218 0.2468 -0.0091 -0.0164 -0.0282 5 UOA A C6    
138 C  CMC   . UOA A 5 ? 0.3666 0.2639 0.3386 0.0296  -0.0332 -0.0050 5 UOA A CMC   
139 N  N1    . UOA A 5 ? 0.2093 0.2156 0.2738 -0.0042 0.0069  -0.0250 5 UOA A N1    
140 N  N3    . UOA A 5 ? 0.2352 0.2542 0.2340 0.0287  -0.0050 0.0033  5 UOA A N3    
141 O  O2    . UOA A 5 ? 0.2406 0.2471 0.2923 0.0083  0.0411  -0.0180 5 UOA A O2    
142 O  "O2'" . UOA A 5 ? 0.2523 0.2400 0.2777 0.0217  -0.0049 0.0001  5 UOA A "O2'" 
143 O  "O3'" . UOA A 5 ? 0.2556 0.2238 0.2948 0.0050  0.0107  -0.0263 5 UOA A "O3'" 
144 O  O4    . UOA A 5 ? 0.2389 0.2731 0.2421 0.0108  -0.0243 -0.0234 5 UOA A O4    
145 O  "O4'" . UOA A 5 ? 0.2453 0.2321 0.2847 -0.0083 -0.0242 -0.0093 5 UOA A "O4'" 
146 O  "O5'" . UOA A 5 ? 0.2379 0.2643 0.3446 0.0120  -0.0120 -0.0388 5 UOA A "O5'" 
147 O  OP1   . UOA A 5 ? 0.2804 0.3511 0.3760 0.0023  0.0563  -0.0346 5 UOA A OP1   
148 O  OP2   . UOA A 5 ? 0.3029 0.3031 0.3580 0.0176  0.0307  -0.0401 5 UOA A OP2   
149 P  P     . UOA A 5 ? 0.2638 0.2901 0.3384 0.0059  0.0385  -0.0210 5 UOA A P     
150 O  OCM   . UOA A 5 ? 0.2773 0.2633 0.3440 0.0337  -0.0249 -0.0191 5 UOA A OCM   
165 P  P     . U   A 6 ? 0.2808 0.2202 0.2847 0.0055  0.0253  -0.0147 6 U   A P     
166 O  OP1   . U   A 6 ? 0.3179 0.2405 0.3415 0.0432  0.0330  -0.0369 6 U   A OP1   
167 O  OP2   . U   A 6 ? 0.3177 0.2568 0.2615 -0.0174 0.0287  -0.0049 6 U   A OP2   
168 O  "O5'" . U   A 6 ? 0.2718 0.2242 0.2519 0.0110  0.0030  0.0113  6 U   A "O5'" 
169 C  "C5'" . U   A 6 ? 0.2754 0.2162 0.2909 -0.0077 0.0115  -0.0162 6 U   A "C5'" 
170 C  "C4'" . U   A 6 ? 0.2919 0.2124 0.2702 0.0115  -0.0076 0.0022  6 U   A "C4'" 
171 O  "O4'" . U   A 6 ? 0.2917 0.2214 0.2776 -0.0033 -0.0200 -0.0166 6 U   A "O4'" 
172 C  "C3'" . U   A 6 ? 0.2849 0.2535 0.2659 0.0214  -0.0197 0.0028  6 U   A "C3'" 
173 O  "O3'" . U   A 6 ? 0.3195 0.2476 0.2730 0.0219  -0.0288 -0.0098 6 U   A "O3'" 
174 C  "C2'" . U   A 6 ? 0.2729 0.2511 0.2529 -0.0226 -0.0153 0.0177  6 U   A "C2'" 
175 O  "O2'" . U   A 6 ? 0.3267 0.2783 0.2730 -0.0228 -0.0151 0.0250  6 U   A "O2'" 
176 C  "C1'" . U   A 6 ? 0.3076 0.2539 0.2607 0.0068  -0.0099 0.0006  6 U   A "C1'" 
177 N  N1    . U   A 6 ? 0.2679 0.2297 0.2552 -0.0124 -0.0090 -0.0003 6 U   A N1    
178 C  C2    . U   A 6 ? 0.2794 0.2515 0.2606 -0.0042 0.0069  0.0020  6 U   A C2    
179 O  O2    . U   A 6 ? 0.2892 0.2639 0.2748 0.0152  0.0233  0.0133  6 U   A O2    
180 N  N3    . U   A 6 ? 0.2466 0.2354 0.2316 -0.0163 -0.0053 0.0107  6 U   A N3    
181 C  C4    . U   A 6 ? 0.2532 0.2286 0.2202 0.0030  -0.0317 0.0145  6 U   A C4    
182 O  O4    . U   A 6 ? 0.2586 0.2604 0.2409 0.0388  -0.0313 -0.0046 6 U   A O4    
183 C  C5    . U   A 6 ? 0.2800 0.2221 0.2171 -0.0047 -0.0390 0.0193  6 U   A C5    
184 C  C6    . U   A 6 ? 0.2843 0.2300 0.2602 -0.0054 -0.0236 -0.0042 6 U   A C6    
195 P  P     . C   A 7 ? 0.3151 0.2379 0.2764 0.0313  -0.0349 -0.0099 7 C   A P     
196 O  OP1   . C   A 7 ? 0.3248 0.2507 0.3052 0.0514  -0.0458 -0.0298 7 C   A OP1   
197 O  OP2   . C   A 7 ? 0.3668 0.2150 0.2621 0.0052  -0.0157 0.0139  7 C   A OP2   
198 O  "O5'" . C   A 7 ? 0.3103 0.2764 0.2872 0.0312  -0.0517 -0.0207 7 C   A "O5'" 
199 C  "C5'" . C   A 7 ? 0.3045 0.2904 0.3160 0.0044  -0.0425 -0.0267 7 C   A "C5'" 
200 C  "C4'" . C   A 7 ? 0.3049 0.2825 0.3040 0.0135  -0.0256 0.0024  7 C   A "C4'" 
201 O  "O4'" . C   A 7 ? 0.2941 0.2894 0.2951 0.0267  -0.0234 0.0101  7 C   A "O4'" 
202 C  "C3'" . C   A 7 ? 0.2991 0.2849 0.2946 0.0164  -0.0390 0.0095  7 C   A "C3'" 
203 O  "O3'" . C   A 7 ? 0.2579 0.3180 0.3206 0.0125  -0.0396 -0.0206 7 C   A "O3'" 
204 C  "C2'" . C   A 7 ? 0.2767 0.2939 0.2908 0.0016  -0.0243 0.0137  7 C   A "C2'" 
205 O  "O2'" . C   A 7 ? 0.2485 0.2999 0.3268 -0.0097 -0.0120 0.0065  7 C   A "O2'" 
206 C  "C1'" . C   A 7 ? 0.2709 0.2724 0.2732 0.0122  -0.0273 0.0205  7 C   A "C1'" 
207 N  N1    . C   A 7 ? 0.2623 0.2592 0.2707 0.0269  -0.0297 0.0057  7 C   A N1    
208 C  C2    . C   A 7 ? 0.2226 0.2562 0.2706 0.0335  -0.0275 -0.0053 7 C   A C2    
209 O  O2    . C   A 7 ? 0.2662 0.2798 0.2725 0.0265  -0.0134 0.0083  7 C   A O2    
210 N  N3    . C   A 7 ? 0.2381 0.2706 0.2521 0.0164  -0.0139 -0.0211 7 C   A N3    
211 C  C4    . C   A 7 ? 0.2791 0.2326 0.2403 0.0067  -0.0237 -0.0158 7 C   A C4    
212 N  N4    . C   A 7 ? 0.3376 0.2330 0.2292 -0.0014 -0.0206 -0.0203 7 C   A N4    
213 C  C5    . C   A 7 ? 0.2986 0.2361 0.2518 0.0314  -0.0219 -0.0064 7 C   A C5    
214 C  C6    . C   A 7 ? 0.2729 0.2328 0.2541 0.0387  -0.0470 0.0048  7 C   A C6    
226 P  P     . G   A 8 ? 0.2645 0.3220 0.3452 0.0110  -0.0305 -0.0431 8 G   A P     
227 O  OP1   . G   A 8 ? 0.3502 0.3521 0.3670 0.0219  -0.0579 -0.0795 8 G   A OP1   
228 O  OP2   . G   A 8 ? 0.2708 0.3698 0.3623 0.0348  -0.0213 -0.0601 8 G   A OP2   
229 O  "O5'" . G   A 8 ? 0.2150 0.3076 0.3341 -0.0250 -0.0280 -0.0408 8 G   A "O5'" 
230 C  "C5'" . G   A 8 ? 0.2278 0.3094 0.3200 0.0022  -0.0353 -0.0246 8 G   A "C5'" 
231 C  "C4'" . G   A 8 ? 0.2033 0.3265 0.3323 -0.0162 -0.0093 -0.0309 8 G   A "C4'" 
232 O  "O4'" . G   A 8 ? 0.2432 0.2981 0.2918 -0.0074 0.0146  0.0043  8 G   A "O4'" 
233 C  "C3'" . G   A 8 ? 0.2505 0.3503 0.3247 0.0106  -0.0070 -0.0270 8 G   A "C3'" 
234 O  "O3'" . G   A 8 ? 0.2483 0.4051 0.3360 0.0227  -0.0382 -0.0589 8 G   A "O3'" 
235 C  "C2'" . G   A 8 ? 0.2519 0.3172 0.2995 0.0127  0.0161  0.0108  8 G   A "C2'" 
236 O  "O2'" . G   A 8 ? 0.2982 0.3257 0.3151 0.0331  0.0162  0.0167  8 G   A "O2'" 
237 C  "C1'" . G   A 8 ? 0.2469 0.2884 0.2712 -0.0031 0.0143  0.0183  8 G   A "C1'" 
238 N  N9    . G   A 8 ? 0.2593 0.3047 0.2488 -0.0073 0.0095  0.0038  8 G   A N9    
239 C  C8    . G   A 8 ? 0.2689 0.2864 0.2263 -0.0197 0.0059  0.0092  8 G   A C8    
240 N  N7    . G   A 8 ? 0.2883 0.2654 0.2256 -0.0403 0.0222  0.0045  8 G   A N7    
241 C  C5    . G   A 8 ? 0.2801 0.2794 0.2133 -0.0178 0.0170  0.0179  8 G   A C5    
242 C  C6    . G   A 8 ? 0.2619 0.3043 0.2401 -0.0227 0.0203  -0.0165 8 G   A C6    
243 O  O6    . G   A 8 ? 0.2796 0.2773 0.2401 -0.0393 0.0078  -0.0171 8 G   A O6    
244 N  N1    . G   A 8 ? 0.2822 0.3149 0.2515 -0.0294 0.0190  -0.0334 8 G   A N1    
245 C  C2    . G   A 8 ? 0.2844 0.3176 0.2591 -0.0238 0.0035  -0.0351 8 G   A C2    
246 N  N2    . G   A 8 ? 0.3460 0.2991 0.2600 -0.0087 -0.0020 -0.0212 8 G   A N2    
247 N  N3    . G   A 8 ? 0.2537 0.3097 0.2719 -0.0176 0.0049  -0.0335 8 G   A N3    
248 C  C4    . G   A 8 ? 0.2800 0.2987 0.2377 -0.0014 0.0094  0.0028  8 G   A C4    
260 O  "O5'" . CBV B 1 ? 0.4268 0.2858 0.3272 -0.0232 0.0165  0.0454  1 CBV B "O5'" 
261 C  "C5'" . CBV B 1 ? 0.4066 0.2726 0.3024 -0.0187 0.0089  0.0591  1 CBV B "C5'" 
262 C  "C4'" . CBV B 1 ? 0.3392 0.2566 0.3176 -0.0327 0.0258  0.0406  1 CBV B "C4'" 
263 O  "O4'" . CBV B 1 ? 0.3321 0.2825 0.3026 -0.0440 0.0528  0.0373  1 CBV B "O4'" 
264 C  "C3'" . CBV B 1 ? 0.3401 0.2588 0.3104 -0.0092 0.0211  0.0444  1 CBV B "C3'" 
265 O  "O3'" . CBV B 1 ? 0.3680 0.2462 0.3191 0.0240  0.0689  0.0572  1 CBV B "O3'" 
266 C  "C2'" . CBV B 1 ? 0.3524 0.2795 0.3046 0.0168  0.0132  0.0503  1 CBV B "C2'" 
267 O  "O2'" . CBV B 1 ? 0.3480 0.3116 0.3116 0.0296  0.0221  0.0611  1 CBV B "O2'" 
268 C  "C1'" . CBV B 1 ? 0.3417 0.2764 0.2875 -0.0263 0.0463  0.0435  1 CBV B "C1'" 
269 N  N1    . CBV B 1 ? 0.3591 0.2683 0.2811 -0.0052 0.0511  0.0298  1 CBV B N1    
270 C  C2    . CBV B 1 ? 0.3727 0.2543 0.2548 0.0051  0.0317  0.0312  1 CBV B C2    
271 O  O2    . CBV B 1 ? 0.3961 0.2566 0.2806 0.0010  0.0256  -0.0021 1 CBV B O2    
272 N  N3    . CBV B 1 ? 0.3370 0.2729 0.2429 -0.0006 0.0432  0.0250  1 CBV B N3    
273 C  C4    . CBV B 1 ? 0.3146 0.2699 0.2633 -0.0132 0.0652  0.0162  1 CBV B C4    
274 N  N4    . CBV B 1 ? 0.3442 0.2387 0.2816 -0.0501 0.0694  0.0027  1 CBV B N4    
275 C  C5    . CBV B 1 ? 0.2610 0.2856 0.2995 -0.0167 0.0780  -0.0022 1 CBV B C5    
276 C  C6    . CBV B 1 ? 0.3517 0.2949 0.2960 -0.0209 0.0885  0.0119  1 CBV B C6    
277 BR BR    . CBV B 1 ? 0.3396 0.2713 0.3429 -0.0213 0.0486  -0.0041 1 CBV B BR    
287 P  P     . G   B 2 ? 0.4338 0.2718 0.3460 0.0415  0.0947  0.0315  2 G   B P     
288 O  OP1   . G   B 2 ? 0.4775 0.2718 0.3860 0.0265  0.1165  0.0122  2 G   B OP1   
289 O  OP2   . G   B 2 ? 0.4565 0.2990 0.3532 0.0681  0.0642  0.0027  2 G   B OP2   
290 O  "O5'" . G   B 2 ? 0.3391 0.2643 0.3517 0.0610  0.0994  0.0379  2 G   B "O5'" 
291 C  "C5'" . G   B 2 ? 0.3384 0.2620 0.3378 0.0941  0.0584  0.0459  2 G   B "C5'" 
292 C  "C4'" . G   B 2 ? 0.3368 0.2666 0.3052 0.0640  0.0611  0.0656  2 G   B "C4'" 
293 O  "O4'" . G   B 2 ? 0.3332 0.3026 0.3032 0.0485  0.0704  0.0445  2 G   B "O4'" 
294 C  "C3'" . G   B 2 ? 0.3233 0.2977 0.3162 0.0524  0.0585  0.0494  2 G   B "C3'" 
295 O  "O3'" . G   B 2 ? 0.3485 0.3042 0.3298 0.0609  0.0922  0.0444  2 G   B "O3'" 
296 C  "C2'" . G   B 2 ? 0.2969 0.3284 0.3044 0.0268  0.0448  0.0364  2 G   B "C2'" 
297 O  "O2'" . G   B 2 ? 0.3045 0.3392 0.3348 0.0023  0.0664  0.0246  2 G   B "O2'" 
298 C  "C1'" . G   B 2 ? 0.3584 0.2983 0.2690 0.0453  0.0406  0.0569  2 G   B "C1'" 
299 N  N9    . G   B 2 ? 0.3679 0.2612 0.2642 0.0300  0.0670  0.0439  2 G   B N9    
300 C  C8    . G   B 2 ? 0.4012 0.2701 0.2726 0.0285  0.0742  0.0347  2 G   B C8    
301 N  N7    . G   B 2 ? 0.3638 0.2457 0.2667 0.0443  0.0744  0.0340  2 G   B N7    
302 C  C5    . G   B 2 ? 0.3537 0.2697 0.2285 0.0325  0.0535  0.0301  2 G   B C5    
303 C  C6    . G   B 2 ? 0.3324 0.2541 0.2059 0.0284  0.0198  0.0112  2 G   B C6    
304 O  O6    . G   B 2 ? 0.3570 0.2410 0.2315 0.0360  0.0287  -0.0028 2 G   B O6    
305 N  N1    . G   B 2 ? 0.3344 0.2588 0.2074 0.0311  0.0128  0.0005  2 G   B N1    
306 C  C2    . G   B 2 ? 0.3548 0.2672 0.2391 0.0455  0.0267  -0.0076 2 G   B C2    
307 N  N2    . G   B 2 ? 0.3580 0.2591 0.2690 0.0644  0.0298  -0.0193 2 G   B N2    
308 N  N3    . G   B 2 ? 0.3434 0.2663 0.2253 0.0524  0.0344  0.0150  2 G   B N3    
309 C  C4    . G   B 2 ? 0.3382 0.2577 0.2385 0.0389  0.0583  0.0322  2 G   B C4    
321 P  P     . A   B 3 ? 0.3444 0.3121 0.3273 0.0648  0.0790  0.0294  3 A   B P     
322 O  OP1   . A   B 3 ? 0.3871 0.3436 0.3598 0.0565  0.1020  0.0028  3 A   B OP1   
323 O  OP2   . A   B 3 ? 0.3442 0.3394 0.3358 0.0393  0.0882  0.0138  3 A   B OP2   
324 O  "O5'" . A   B 3 ? 0.3306 0.3256 0.2998 0.0557  0.0440  0.0424  3 A   B "O5'" 
325 C  "C5'" . A   B 3 ? 0.2770 0.3413 0.2978 0.0532  0.0314  0.0317  3 A   B "C5'" 
326 C  "C4'" . A   B 3 ? 0.2885 0.3265 0.2862 0.0557  0.0181  0.0363  3 A   B "C4'" 
327 O  "O4'" . A   B 3 ? 0.2608 0.3183 0.2756 0.0529  0.0219  0.0461  3 A   B "O4'" 
328 C  "C3'" . A   B 3 ? 0.2701 0.3260 0.2879 0.0589  0.0140  0.0379  3 A   B "C3'" 
329 O  "O3'" . A   B 3 ? 0.2591 0.3295 0.2930 0.0362  0.0323  0.0243  3 A   B "O3'" 
330 C  "C2'" . A   B 3 ? 0.2259 0.3226 0.2708 0.0301  0.0157  0.0415  3 A   B "C2'" 
331 O  "O2'" . A   B 3 ? 0.2269 0.3592 0.2726 -0.0148 0.0227  0.0284  3 A   B "O2'" 
332 C  "C1'" . A   B 3 ? 0.2272 0.3122 0.2601 0.0556  -0.0087 0.0442  3 A   B "C1'" 
333 N  N9    . A   B 3 ? 0.2617 0.3114 0.2390 0.0712  -0.0111 0.0359  3 A   B N9    
334 C  C8    . A   B 3 ? 0.2768 0.2958 0.2413 0.0886  -0.0020 0.0432  3 A   B C8    
335 N  N7    . A   B 3 ? 0.2378 0.3270 0.2393 0.0671  0.0089  0.0229  3 A   B N7    
336 C  C5    . A   B 3 ? 0.2459 0.3066 0.2258 0.0570  -0.0168 0.0045  3 A   B C5    
337 C  C6    . A   B 3 ? 0.2461 0.2554 0.2180 0.0345  -0.0137 -0.0020 3 A   B C6    
338 N  N6    . A   B 3 ? 0.2643 0.2638 0.2120 0.0468  -0.0116 -0.0024 3 A   B N6    
339 N  N1    . A   B 3 ? 0.2275 0.2421 0.2316 0.0093  0.0090  -0.0102 3 A   B N1    
340 C  C2    . A   B 3 ? 0.1990 0.2628 0.2549 0.0244  0.0039  -0.0136 3 A   B C2    
341 N  N3    . A   B 3 ? 0.2425 0.2696 0.2452 0.0595  -0.0202 0.0100  3 A   B N3    
342 C  C4    . A   B 3 ? 0.2445 0.2781 0.2285 0.0540  -0.0233 0.0166  3 A   B C4    
354 P  P     . A   B 4 ? 0.2588 0.3064 0.3085 0.0512  0.0172  0.0053  4 A   B P     
355 O  OP1   . A   B 4 ? 0.3029 0.3526 0.3146 0.0744  0.0187  0.0058  4 A   B OP1   
356 O  OP2   . A   B 4 ? 0.3394 0.2882 0.3172 0.0275  0.0393  0.0043  4 A   B OP2   
357 O  "O5'" . A   B 4 ? 0.2147 0.3226 0.2923 0.0094  -0.0275 -0.0037 4 A   B "O5'" 
358 C  "C5'" . A   B 4 ? 0.2342 0.3430 0.3089 -0.0023 -0.0149 -0.0108 4 A   B "C5'" 
359 C  "C4'" . A   B 4 ? 0.2615 0.3092 0.2910 -0.0029 -0.0320 0.0115  4 A   B "C4'" 
360 O  "O4'" . A   B 4 ? 0.2349 0.2984 0.2794 -0.0029 -0.0433 0.0212  4 A   B "O4'" 
361 C  "C3'" . A   B 4 ? 0.2759 0.3174 0.2912 -0.0283 -0.0141 0.0151  4 A   B "C3'" 
362 O  "O3'" . A   B 4 ? 0.2805 0.3432 0.2802 -0.0058 0.0150  0.0300  4 A   B "O3'" 
363 C  "C2'" . A   B 4 ? 0.2775 0.2931 0.2573 -0.0496 -0.0300 0.0332  4 A   B "C2'" 
364 O  "O2'" . A   B 4 ? 0.3564 0.3234 0.2795 -0.0354 -0.0338 0.0158  4 A   B "O2'" 
365 C  "C1'" . A   B 4 ? 0.2377 0.2878 0.2493 -0.0306 -0.0484 0.0227  4 A   B "C1'" 
366 N  N9    . A   B 4 ? 0.2208 0.2765 0.2338 -0.0238 -0.0409 0.0053  4 A   B N9    
367 C  C8    . A   B 4 ? 0.2257 0.2898 0.2521 -0.0049 -0.0395 -0.0173 4 A   B C8    
368 N  N7    . A   B 4 ? 0.2079 0.2959 0.2509 0.0087  -0.0468 -0.0273 4 A   B N7    
369 C  C5    . A   B 4 ? 0.2040 0.2475 0.2210 0.0155  -0.0440 -0.0061 4 A   B C5    
370 C  C6    . A   B 4 ? 0.2536 0.2550 0.2262 0.0279  -0.0336 -0.0229 4 A   B C6    
371 N  N6    . A   B 4 ? 0.2484 0.2437 0.2340 0.0613  -0.0232 -0.0278 4 A   B N6    
372 N  N1    . A   B 4 ? 0.2154 0.2712 0.2248 0.0188  -0.0049 -0.0129 4 A   B N1    
373 C  C2    . A   B 4 ? 0.2285 0.2697 0.2276 0.0161  0.0085  0.0010  4 A   B C2    
374 N  N3    . A   B 4 ? 0.2275 0.2840 0.2200 0.0315  0.0074  0.0160  4 A   B N3    
375 C  C4    . A   B 4 ? 0.2158 0.2674 0.2305 0.0071  -0.0222 0.0032  4 A   B C4    
387 C  "C''" . UOA B 5 ? 0.3823 0.3968 0.2436 -0.0304 0.0125  0.0593  5 UOA B "C''" 
388 C  "C1'" . UOA B 5 ? 0.2610 0.3675 0.2450 -0.0188 -0.0148 0.0347  5 UOA B "C1'" 
389 C  C2    . UOA B 5 ? 0.1964 0.4006 0.2436 -0.0143 -0.0051 -0.0143 5 UOA B C2    
390 C  "C2'" . UOA B 5 ? 0.3077 0.3494 0.2504 -0.0062 -0.0223 0.0475  5 UOA B "C2'" 
391 C  "C3'" . UOA B 5 ? 0.2718 0.3412 0.2592 -0.0227 -0.0106 0.0518  5 UOA B "C3'" 
392 C  C4    . UOA B 5 ? 0.2157 0.3387 0.2257 -0.0423 0.0070  -0.0150 5 UOA B C4    
393 C  "C4'" . UOA B 5 ? 0.2933 0.3761 0.2766 -0.0302 0.0075  0.0456  5 UOA B "C4'" 
394 C  C5    . UOA B 5 ? 0.2193 0.3351 0.2222 -0.0315 -0.0088 -0.0050 5 UOA B C5    
395 C  "C5'" . UOA B 5 ? 0.2677 0.3948 0.2874 -0.0633 0.0370  0.0361  5 UOA B "C5'" 
396 C  C6    . UOA B 5 ? 0.2205 0.3687 0.2234 -0.0115 -0.0219 0.0029  5 UOA B C6    
397 C  CMC   . UOA B 5 ? 0.3919 0.3934 0.3297 -0.0380 0.0167  0.0224  5 UOA B CMC   
398 N  N1    . UOA B 5 ? 0.2213 0.3848 0.2223 -0.0056 -0.0140 0.0167  5 UOA B N1    
399 N  N3    . UOA B 5 ? 0.2138 0.3470 0.2194 -0.0040 0.0042  -0.0018 5 UOA B N3    
400 O  O2    . UOA B 5 ? 0.2208 0.3980 0.2550 -0.0018 0.0023  -0.0091 5 UOA B O2    
401 O  "O2'" . UOA B 5 ? 0.3234 0.3709 0.2647 -0.0035 -0.0082 0.0485  5 UOA B "O2'" 
402 O  "O3'" . UOA B 5 ? 0.2906 0.3452 0.2675 0.0006  -0.0226 0.0393  5 UOA B "O3'" 
403 O  O4    . UOA B 5 ? 0.2595 0.3251 0.2253 -0.0573 0.0374  -0.0190 5 UOA B O4    
404 O  "O4'" . UOA B 5 ? 0.2882 0.3844 0.2598 -0.0002 -0.0106 0.0484  5 UOA B "O4'" 
405 O  "O5'" . UOA B 5 ? 0.2649 0.3679 0.2956 -0.0428 0.0320  0.0330  5 UOA B "O5'" 
406 O  OP1   . UOA B 5 ? 0.3174 0.4448 0.3161 -0.0087 0.0598  0.0012  5 UOA B OP1   
407 O  OP2   . UOA B 5 ? 0.2802 0.4282 0.2587 -0.0200 0.0324  0.0170  5 UOA B OP2   
408 P  P     . UOA B 5 ? 0.2567 0.3957 0.2740 -0.0198 0.0431  0.0272  5 UOA B P     
409 O  OCM   . UOA B 5 ? 0.3748 0.3801 0.2898 -0.0398 0.0196  0.0485  5 UOA B OCM   
424 P  P     . U   B 6 ? 0.3031 0.4015 0.2566 0.0238  0.0096  0.0329  6 U   B P     
425 O  OP1   . U   B 6 ? 0.3341 0.4214 0.2398 0.0311  0.0442  0.0388  6 U   B OP1   
426 O  OP2   . U   B 6 ? 0.3455 0.4455 0.2612 0.0305  -0.0045 0.0082  6 U   B OP2   
427 O  "O5'" . U   B 6 ? 0.3050 0.3328 0.2610 0.0123  -0.0027 0.0567  6 U   B "O5'" 
428 C  "C5'" . U   B 6 ? 0.3014 0.3249 0.2790 0.0244  -0.0222 0.0464  6 U   B "C5'" 
429 C  "C4'" . U   B 6 ? 0.2920 0.3283 0.2900 0.0137  -0.0157 0.0248  6 U   B "C4'" 
430 O  "O4'" . U   B 6 ? 0.2723 0.2952 0.2932 0.0167  0.0098  0.0213  6 U   B "O4'" 
431 C  "C3'" . U   B 6 ? 0.3054 0.3156 0.2701 0.0203  -0.0209 0.0334  6 U   B "C3'" 
432 O  "O3'" . U   B 6 ? 0.3302 0.3296 0.2458 0.0230  -0.0320 0.0325  6 U   B "O3'" 
433 C  "C2'" . U   B 6 ? 0.2975 0.3045 0.2667 0.0383  -0.0323 0.0410  6 U   B "C2'" 
434 O  "O2'" . U   B 6 ? 0.3247 0.3132 0.3064 0.0431  -0.0390 0.0314  6 U   B "O2'" 
435 C  "C1'" . U   B 6 ? 0.2920 0.2754 0.2764 0.0229  -0.0243 0.0221  6 U   B "C1'" 
436 N  N1    . U   B 6 ? 0.2733 0.2913 0.2668 0.0228  -0.0505 0.0064  6 U   B N1    
437 C  C2    . U   B 6 ? 0.3005 0.2718 0.2748 0.0200  -0.0269 0.0049  6 U   B C2    
438 O  O2    . U   B 6 ? 0.3242 0.2951 0.2955 0.0112  0.0021  -0.0003 6 U   B O2    
439 N  N3    . U   B 6 ? 0.3001 0.3016 0.2621 -0.0069 -0.0263 -0.0078 6 U   B N3    
440 C  C4    . U   B 6 ? 0.2423 0.2828 0.2617 -0.0164 -0.0325 0.0061  6 U   B C4    
441 O  O4    . U   B 6 ? 0.3514 0.3013 0.2676 -0.0354 -0.0149 0.0037  6 U   B O4    
442 C  C5    . U   B 6 ? 0.2809 0.2740 0.2613 -0.0124 -0.0501 0.0069  6 U   B C5    
443 C  C6    . U   B 6 ? 0.2604 0.2795 0.2560 0.0051  -0.0604 0.0138  6 U   B C6    
454 P  P     . C   B 7 ? 0.3650 0.3595 0.2808 0.0342  -0.0520 0.0010  7 C   B P     
455 O  OP1   . C   B 7 ? 0.4048 0.3683 0.2667 0.0727  -0.0351 0.0272  7 C   B OP1   
456 O  OP2   . C   B 7 ? 0.3962 0.3479 0.2701 0.0900  -0.0619 0.0152  7 C   B OP2   
457 O  "O5'" . C   B 7 ? 0.3573 0.4022 0.3081 -0.0101 -0.0766 -0.0291 7 C   B "O5'" 
458 C  "C5'" . C   B 7 ? 0.3725 0.3869 0.3371 -0.0093 -0.0961 -0.0261 7 C   B "C5'" 
459 C  "C4'" . C   B 7 ? 0.3524 0.3819 0.3952 -0.0168 -0.0967 -0.0438 7 C   B "C4'" 
460 O  "O4'" . C   B 7 ? 0.3562 0.3373 0.4084 -0.0134 -0.0806 -0.0292 7 C   B "O4'" 
461 C  "C3'" . C   B 7 ? 0.4182 0.4415 0.4431 -0.0052 -0.0916 -0.0739 7 C   B "C3'" 
462 O  "O3'" . C   B 7 ? 0.5054 0.4721 0.4789 -0.0194 -0.0973 -0.1006 7 C   B "O3'" 
463 C  "C2'" . C   B 7 ? 0.3993 0.4347 0.4553 -0.0068 -0.0789 -0.0742 7 C   B "C2'" 
464 O  "O2'" . C   B 7 ? 0.4021 0.4732 0.5049 0.0193  -0.0610 -0.0895 7 C   B "O2'" 
465 C  "C1'" . C   B 7 ? 0.3641 0.3387 0.4277 -0.0208 -0.0631 -0.0518 7 C   B "C1'" 
466 N  N1    . C   B 7 ? 0.3078 0.2987 0.4073 -0.0233 -0.0365 -0.0585 7 C   B N1    
467 C  C2    . C   B 7 ? 0.3507 0.2969 0.4108 -0.0120 -0.0071 -0.0632 7 C   B C2    
468 O  O2    . C   B 7 ? 0.4258 0.2759 0.4213 0.0041  0.0109  -0.0468 7 C   B O2    
469 N  N3    . C   B 7 ? 0.3515 0.2909 0.3959 -0.0284 -0.0078 -0.0779 7 C   B N3    
470 C  C4    . C   B 7 ? 0.3658 0.2833 0.3568 -0.0281 -0.0199 -0.0657 7 C   B C4    
471 N  N4    . C   B 7 ? 0.3814 0.2779 0.3047 -0.0213 -0.0417 -0.0488 7 C   B N4    
472 C  C5    . C   B 7 ? 0.3697 0.2740 0.3554 -0.0021 -0.0179 -0.0471 7 C   B C5    
473 C  C6    . C   B 7 ? 0.3085 0.2956 0.3774 -0.0016 -0.0344 -0.0586 7 C   B C6    
485 P  P     . G   B 8 ? 0.5727 0.5355 0.4903 -0.0327 -0.1076 -0.1179 8 G   B P     
486 O  OP1   . G   B 8 ? 0.6300 0.5375 0.4848 -0.0343 -0.1058 -0.1069 8 G   B OP1   
487 O  OP2   . G   B 8 ? 0.5336 0.5918 0.4875 -0.0482 -0.0943 -0.1323 8 G   B OP2   
488 O  "O5'" . G   B 8 ? 0.5469 0.4657 0.5096 -0.0341 -0.1229 -0.1045 8 G   B "O5'" 
489 C  "C5'" . G   B 8 ? 0.4885 0.4477 0.5496 -0.0285 -0.1169 -0.1102 8 G   B "C5'" 
490 C  "C4'" . G   B 8 ? 0.4396 0.3691 0.5808 -0.0216 -0.1214 -0.1063 8 G   B "C4'" 
491 O  "O4'" . G   B 8 ? 0.4000 0.3230 0.5934 -0.0158 -0.1094 -0.1108 8 G   B "O4'" 
492 C  "C3'" . G   B 8 ? 0.4386 0.3677 0.6010 -0.0121 -0.1314 -0.1162 8 G   B "C3'" 
493 O  "O3'" . G   B 8 ? 0.5186 0.3306 0.6013 -0.0040 -0.1569 -0.1070 8 G   B "O3'" 
494 C  "C2'" . G   B 8 ? 0.3347 0.3837 0.6390 -0.0391 -0.1046 -0.1502 8 G   B "C2'" 
495 O  "O2'" . G   B 8 ? 0.3669 0.4226 0.6888 -0.0163 -0.0795 -0.1577 8 G   B "O2'" 
496 C  "C1'" . G   B 8 ? 0.3584 0.3140 0.5832 -0.0264 -0.0806 -0.1163 8 G   B "C1'" 
497 N  N9    . G   B 8 ? 0.3364 0.2916 0.5085 -0.0212 -0.0166 -0.1013 8 G   B N9    
498 C  C8    . G   B 8 ? 0.3469 0.3092 0.4620 -0.0407 -0.0165 -0.0961 8 G   B C8    
499 N  N7    . G   B 8 ? 0.2838 0.3166 0.4250 -0.0266 -0.0163 -0.1043 8 G   B N7    
500 C  C5    . G   B 8 ? 0.2798 0.2918 0.4211 0.0040  0.0044  -0.1038 8 G   B C5    
501 C  C6    . G   B 8 ? 0.2612 0.3113 0.3880 0.0072  0.0297  -0.1065 8 G   B C6    
502 O  O6    . G   B 8 ? 0.2917 0.3300 0.3557 0.0225  0.0400  -0.0998 8 G   B O6    
503 N  N1    . G   B 8 ? 0.2985 0.3254 0.3989 0.0154  0.0525  -0.1114 8 G   B N1    
504 C  C2    . G   B 8 ? 0.3369 0.3284 0.3956 0.0118  0.0343  -0.1099 8 G   B C2    
505 N  N2    . G   B 8 ? 0.3714 0.3442 0.3894 0.0043  0.0578  -0.1052 8 G   B N2    
506 N  N3    . G   B 8 ? 0.3092 0.3328 0.4359 -0.0107 0.0192  -0.1312 8 G   B N3    
507 C  C4    . G   B 8 ? 0.3376 0.2862 0.4357 0.0064  -0.0042 -0.0920 8 G   B C4    
# 
